data_5HY8
#
_entry.id   5HY8
#
_cell.length_a   237.987
_cell.length_b   59.267
_cell.length_c   137.024
_cell.angle_alpha   90.000
_cell.angle_beta   125.360
_cell.angle_gamma   90.000
#
_symmetry.space_group_name_H-M   'C 1 2 1'
#
loop_
_entity.id
_entity.type
_entity.pdbx_description
1 polymer 'Hemoglobin subunit alpha'
2 polymer 'Hemoglobin subunit beta'
3 non-polymer 'PROTOPORPHYRIN IX CONTAINING FE'
4 non-polymer 'OXYGEN MOLECULE'
5 non-polymer beta-D-fructofuranose
6 non-polymer alpha-D-glucopyranose
7 water water
#
loop_
_entity_poly.entity_id
_entity_poly.type
_entity_poly.pdbx_seq_one_letter_code
_entity_poly.pdbx_strand_id
1 'polypeptide(L)'
;VLSPADKTNVKAAWGKVGAHAGEYGAEALERMFLSFPTTKTYFPHFDLSHGSAQVKGHGKKVADALTNAVAHVDDMPNAL
SALSDLHAHKLRVDPVNFKLLSHCLLVTLAAHLPAEFTPAVHASLDKFLASVSTVLTSKYR
;
A,C,E,G,S
2 'polypeptide(L)'
;VHLTPEEKSAVTALWGKVNVDEVGGEALGRLLVVYPWTQRFFESFGDLSTPDAVMGNPKVKAHGKKVLGAFSDGLAHLDN
LKGTFATLSELHCDKLHVDPENFRLLGNVLVCVLAHHFGKEFTPPVQAAYQKVVAGVANALAHKYH
;
B,D,F,H,T
#
loop_
_chem_comp.id
_chem_comp.type
_chem_comp.name
_chem_comp.formula
FRU D-saccharide, beta linking beta-D-fructofuranose 'C6 H12 O6'
GLC D-saccharide, alpha linking alpha-D-glucopyranose 'C6 H12 O6'
HEM non-polymer 'PROTOPORPHYRIN IX CONTAINING FE' 'C34 H32 Fe N4 O4'
OXY non-polymer 'OXYGEN MOLECULE' O2
#
# COMPACT_ATOMS: atom_id res chain seq x y z
N VAL A 1 9.77 -45.21 -23.19
CA VAL A 1 10.12 -46.27 -24.20
C VAL A 1 11.60 -46.19 -24.49
N LEU A 2 12.28 -47.32 -24.39
CA LEU A 2 13.76 -47.34 -24.56
C LEU A 2 14.15 -47.49 -26.01
N SER A 3 15.19 -46.79 -26.42
CA SER A 3 15.81 -46.97 -27.76
C SER A 3 16.73 -48.15 -27.80
N PRO A 4 17.19 -48.57 -29.03
CA PRO A 4 18.21 -49.63 -29.02
C PRO A 4 19.53 -49.28 -28.31
N ALA A 5 20.01 -48.07 -28.54
CA ALA A 5 21.18 -47.57 -27.87
C ALA A 5 20.99 -47.56 -26.35
N ASP A 6 19.81 -47.22 -25.88
CA ASP A 6 19.52 -47.25 -24.43
C ASP A 6 19.70 -48.66 -23.86
N LYS A 7 19.16 -49.65 -24.55
CA LYS A 7 19.34 -51.03 -24.13
C LYS A 7 20.82 -51.43 -24.06
N THR A 8 21.58 -51.07 -25.08
CA THR A 8 23.04 -51.34 -25.07
C THR A 8 23.71 -50.67 -23.85
N ASN A 9 23.36 -49.40 -23.56
CA ASN A 9 24.08 -48.70 -22.53
C ASN A 9 23.77 -49.31 -21.19
N VAL A 10 22.50 -49.71 -21.00
CA VAL A 10 22.09 -50.26 -19.72
C VAL A 10 22.78 -51.60 -19.48
N LYS A 11 22.75 -52.46 -20.49
CA LYS A 11 23.44 -53.78 -20.40
C LYS A 11 24.93 -53.66 -20.10
N ALA A 12 25.58 -52.69 -20.73
CA ALA A 12 27.03 -52.47 -20.54
C ALA A 12 27.34 -51.96 -19.11
N ALA A 13 26.58 -50.98 -18.65
CA ALA A 13 26.83 -50.40 -17.36
C ALA A 13 26.43 -51.32 -16.23
N TRP A 14 25.23 -51.89 -16.32
CA TRP A 14 24.78 -52.80 -15.29
C TRP A 14 25.63 -54.06 -15.20
N GLY A 15 26.04 -54.58 -16.35
CA GLY A 15 26.89 -55.77 -16.41
C GLY A 15 28.23 -55.66 -15.66
N LYS A 16 28.70 -54.44 -15.44
CA LYS A 16 29.85 -54.14 -14.61
C LYS A 16 29.59 -54.11 -13.10
N VAL A 17 28.33 -54.16 -12.69
CA VAL A 17 28.00 -54.22 -11.26
C VAL A 17 28.52 -55.57 -10.68
N GLY A 18 28.15 -56.65 -11.37
CA GLY A 18 28.72 -57.99 -11.13
C GLY A 18 28.41 -58.44 -9.71
N ALA A 19 29.47 -58.81 -8.98
CA ALA A 19 29.35 -59.28 -7.59
C ALA A 19 29.13 -58.17 -6.53
N HIS A 20 29.18 -56.87 -6.90
CA HIS A 20 28.81 -55.79 -5.98
C HIS A 20 27.29 -55.51 -5.90
N ALA A 21 26.49 -56.30 -6.59
CA ALA A 21 25.04 -56.02 -6.71
C ALA A 21 24.43 -55.71 -5.36
N GLY A 22 24.63 -56.60 -4.42
CA GLY A 22 24.07 -56.50 -3.07
C GLY A 22 24.53 -55.29 -2.29
N GLU A 23 25.82 -55.03 -2.33
CA GLU A 23 26.39 -53.86 -1.74
C GLU A 23 25.68 -52.55 -2.30
N TYR A 24 25.49 -52.47 -3.62
CA TYR A 24 24.99 -51.27 -4.26
C TYR A 24 23.47 -51.11 -4.00
N GLY A 25 22.70 -52.21 -4.04
CA GLY A 25 21.32 -52.18 -3.68
C GLY A 25 21.13 -51.70 -2.24
N ALA A 26 21.96 -52.19 -1.33
CA ALA A 26 21.85 -51.83 0.08
C ALA A 26 22.25 -50.41 0.33
N GLU A 27 23.27 -49.93 -0.38
CA GLU A 27 23.67 -48.54 -0.35
C GLU A 27 22.54 -47.62 -0.90
N ALA A 28 21.94 -47.99 -2.03
CA ALA A 28 20.89 -47.26 -2.57
C ALA A 28 19.69 -47.13 -1.55
N LEU A 29 19.33 -48.25 -0.92
CA LEU A 29 18.26 -48.20 0.02
C LEU A 29 18.61 -47.27 1.17
N GLU A 30 19.82 -47.41 1.70
CA GLU A 30 20.21 -46.60 2.80
C GLU A 30 20.13 -45.11 2.39
N ARG A 31 20.67 -44.80 1.21
CA ARG A 31 20.59 -43.43 0.65
C ARG A 31 19.12 -42.96 0.60
N MET A 32 18.22 -43.79 0.10
CA MET A 32 16.82 -43.48 0.14
C MET A 32 16.25 -43.21 1.56
N PHE A 33 16.55 -44.11 2.55
CA PHE A 33 15.92 -43.98 3.86
C PHE A 33 16.37 -42.74 4.59
N LEU A 34 17.64 -42.38 4.39
CA LEU A 34 18.20 -41.18 5.06
C LEU A 34 17.76 -39.90 4.36
N SER A 35 17.79 -39.92 3.04
CA SER A 35 17.42 -38.74 2.29
C SER A 35 15.94 -38.48 2.30
N PHE A 36 15.11 -39.52 2.30
CA PHE A 36 13.64 -39.36 2.15
C PHE A 36 12.96 -40.24 3.19
N PRO A 37 12.99 -39.79 4.45
CA PRO A 37 12.56 -40.59 5.54
C PRO A 37 11.08 -41.06 5.51
N THR A 38 10.21 -40.42 4.76
CA THR A 38 8.89 -40.96 4.55
C THR A 38 8.90 -42.34 3.88
N THR A 39 9.92 -42.67 3.11
CA THR A 39 10.00 -44.04 2.56
C THR A 39 10.13 -45.20 3.59
N LYS A 40 10.62 -44.86 4.78
CA LYS A 40 10.73 -45.84 5.89
C LYS A 40 9.41 -46.55 6.31
N THR A 41 8.27 -45.88 6.12
CA THR A 41 7.00 -46.47 6.56
C THR A 41 6.59 -47.68 5.78
N TYR A 42 7.15 -47.92 4.59
CA TYR A 42 6.92 -49.19 3.91
C TYR A 42 7.69 -50.36 4.50
N PHE A 43 8.64 -50.13 5.40
CA PHE A 43 9.42 -51.21 6.01
C PHE A 43 9.31 -51.17 7.54
N PRO A 44 8.04 -51.14 8.05
CA PRO A 44 7.87 -51.06 9.49
C PRO A 44 8.52 -52.27 10.24
N HIS A 45 8.65 -53.42 9.61
CA HIS A 45 9.19 -54.68 10.12
C HIS A 45 10.71 -54.90 9.97
N PHE A 46 11.44 -53.86 9.57
CA PHE A 46 12.92 -53.92 9.42
C PHE A 46 13.70 -53.17 10.46
N ASP A 47 14.87 -53.70 10.76
CA ASP A 47 15.94 -52.94 11.37
C ASP A 47 16.51 -52.11 10.21
N LEU A 48 16.38 -50.80 10.31
CA LEU A 48 16.98 -49.87 9.28
C LEU A 48 18.24 -49.13 9.72
N SER A 49 18.90 -49.60 10.80
CA SER A 49 20.18 -49.03 11.27
C SER A 49 21.19 -49.26 10.12
N HIS A 50 22.28 -48.49 10.14
CA HIS A 50 23.36 -48.57 9.14
C HIS A 50 23.90 -50.02 8.90
N GLY A 51 24.22 -50.77 9.89
CA GLY A 51 24.72 -52.10 9.47
C GLY A 51 23.74 -53.20 9.01
N SER A 52 22.44 -52.91 9.00
CA SER A 52 21.41 -53.97 9.08
C SER A 52 21.51 -55.13 8.08
N ALA A 53 21.50 -56.32 8.63
CA ALA A 53 21.48 -57.56 7.86
C ALA A 53 20.24 -57.58 6.95
N GLN A 54 19.12 -57.14 7.49
CA GLN A 54 17.92 -57.10 6.75
C GLN A 54 17.98 -56.09 5.55
N VAL A 55 18.57 -54.92 5.74
CA VAL A 55 18.79 -53.98 4.60
C VAL A 55 19.76 -54.59 3.55
N LYS A 56 20.81 -55.29 3.98
CA LYS A 56 21.70 -55.94 3.02
C LYS A 56 21.02 -57.03 2.18
N GLY A 57 20.20 -57.86 2.85
CA GLY A 57 19.55 -58.99 2.22
C GLY A 57 18.57 -58.40 1.22
N HIS A 58 17.79 -57.42 1.66
CA HIS A 58 16.88 -56.81 0.79
C HIS A 58 17.57 -56.09 -0.42
N GLY A 59 18.70 -55.45 -0.17
CA GLY A 59 19.43 -54.78 -1.20
C GLY A 59 19.76 -55.76 -2.29
N LYS A 60 20.17 -56.99 -1.89
CA LYS A 60 20.48 -57.99 -2.86
C LYS A 60 19.30 -58.40 -3.75
N LYS A 61 18.13 -58.48 -3.18
CA LYS A 61 16.96 -58.90 -3.95
C LYS A 61 16.61 -57.87 -4.96
N VAL A 62 16.73 -56.59 -4.56
CA VAL A 62 16.36 -55.47 -5.41
C VAL A 62 17.31 -55.46 -6.61
N ALA A 63 18.58 -55.56 -6.30
CA ALA A 63 19.57 -55.50 -7.31
C ALA A 63 19.47 -56.72 -8.27
N ASP A 64 19.23 -57.90 -7.71
CA ASP A 64 19.01 -59.09 -8.55
C ASP A 64 17.75 -59.01 -9.43
N ALA A 65 16.65 -58.41 -8.91
CA ALA A 65 15.47 -58.14 -9.75
C ALA A 65 15.81 -57.15 -10.91
N LEU A 66 16.73 -56.23 -10.68
CA LEU A 66 17.18 -55.33 -11.74
C LEU A 66 18.00 -56.05 -12.79
N THR A 67 18.88 -56.94 -12.39
CA THR A 67 19.61 -57.76 -13.35
C THR A 67 18.68 -58.60 -14.22
N ASN A 68 17.67 -59.18 -13.58
CA ASN A 68 16.61 -59.88 -14.33
C ASN A 68 15.83 -58.98 -15.27
N ALA A 69 15.48 -57.77 -14.83
CA ALA A 69 14.87 -56.76 -15.73
C ALA A 69 15.80 -56.36 -16.90
N VAL A 70 17.10 -56.19 -16.65
CA VAL A 70 18.09 -56.02 -17.73
C VAL A 70 18.08 -57.15 -18.77
N ALA A 71 18.03 -58.40 -18.31
CA ALA A 71 18.03 -59.53 -19.20
C ALA A 71 16.75 -59.65 -20.01
N HIS A 72 15.67 -59.06 -19.51
CA HIS A 72 14.36 -59.18 -20.15
C HIS A 72 13.82 -57.80 -20.48
N VAL A 73 14.68 -56.92 -21.00
CA VAL A 73 14.31 -55.55 -21.28
C VAL A 73 13.09 -55.39 -22.20
N ASP A 74 13.01 -56.25 -23.21
CA ASP A 74 11.95 -56.24 -24.22
C ASP A 74 10.64 -56.84 -23.74
N ASP A 75 10.60 -57.28 -22.49
CA ASP A 75 9.62 -58.21 -22.04
C ASP A 75 9.26 -58.03 -20.55
N MET A 76 9.41 -56.82 -20.02
CA MET A 76 9.41 -56.62 -18.59
C MET A 76 8.07 -56.88 -17.94
N PRO A 77 6.97 -56.49 -18.58
CA PRO A 77 5.69 -56.76 -17.89
C PRO A 77 5.55 -58.23 -17.48
N ASN A 78 5.95 -59.11 -18.38
CA ASN A 78 5.93 -60.56 -18.07
C ASN A 78 6.96 -61.03 -17.07
N ALA A 79 8.17 -60.50 -17.17
CA ALA A 79 9.23 -60.91 -16.27
C ALA A 79 9.11 -60.39 -14.83
N LEU A 80 8.58 -59.20 -14.67
CA LEU A 80 8.40 -58.62 -13.33
C LEU A 80 6.99 -58.75 -12.74
N SER A 81 6.19 -59.63 -13.34
CA SER A 81 4.78 -59.84 -13.01
C SER A 81 4.48 -60.04 -11.54
N ALA A 82 5.28 -60.82 -10.86
CA ALA A 82 5.09 -61.11 -9.42
C ALA A 82 5.51 -59.91 -8.56
N LEU A 83 6.49 -59.13 -9.02
CA LEU A 83 6.81 -57.90 -8.33
C LEU A 83 5.77 -56.78 -8.47
N SER A 84 5.09 -56.78 -9.60
CA SER A 84 3.99 -55.85 -9.81
C SER A 84 2.81 -56.22 -8.86
N ASP A 85 2.47 -57.51 -8.77
CA ASP A 85 1.58 -58.01 -7.76
C ASP A 85 1.90 -57.47 -6.42
N LEU A 86 3.14 -57.67 -6.01
CA LEU A 86 3.56 -57.29 -4.68
C LEU A 86 3.48 -55.75 -4.49
N HIS A 87 4.09 -54.97 -5.38
CA HIS A 87 4.31 -53.56 -5.09
C HIS A 87 2.99 -52.84 -5.35
N ALA A 88 2.25 -53.16 -6.40
CA ALA A 88 0.97 -52.47 -6.70
C ALA A 88 -0.28 -53.04 -6.07
N HIS A 89 -0.47 -54.34 -6.05
CA HIS A 89 -1.69 -54.94 -5.44
C HIS A 89 -1.53 -55.02 -3.93
N LYS A 90 -0.48 -55.57 -3.43
CA LYS A 90 -0.39 -55.80 -1.98
C LYS A 90 0.10 -54.55 -1.24
N LEU A 91 1.29 -54.06 -1.55
CA LEU A 91 1.89 -52.96 -0.80
C LEU A 91 1.26 -51.62 -1.08
N ARG A 92 0.73 -51.45 -2.29
CA ARG A 92 0.16 -50.18 -2.72
C ARG A 92 1.17 -48.98 -2.66
N VAL A 93 2.37 -49.21 -3.18
CA VAL A 93 3.42 -48.21 -3.09
C VAL A 93 3.11 -47.00 -3.91
N ASP A 94 3.11 -45.86 -3.28
CA ASP A 94 2.95 -44.55 -4.00
C ASP A 94 4.08 -44.48 -5.07
N PRO A 95 3.72 -44.26 -6.35
CA PRO A 95 4.77 -44.11 -7.38
C PRO A 95 5.84 -43.10 -7.14
N VAL A 96 5.61 -42.10 -6.30
CA VAL A 96 6.74 -41.14 -6.07
C VAL A 96 7.94 -41.88 -5.53
N ASN A 97 7.72 -42.94 -4.73
CA ASN A 97 8.82 -43.61 -4.09
C ASN A 97 9.76 -44.32 -5.03
N PHE A 98 9.25 -44.69 -6.18
CA PHE A 98 10.05 -45.31 -7.19
C PHE A 98 11.00 -44.32 -7.81
N LYS A 99 10.54 -43.07 -8.01
CA LYS A 99 11.44 -41.97 -8.46
C LYS A 99 12.55 -41.74 -7.49
N LEU A 100 12.22 -41.84 -6.19
CA LEU A 100 13.21 -41.64 -5.09
C LEU A 100 14.26 -42.75 -5.07
N LEU A 101 13.86 -44.00 -5.25
CA LEU A 101 14.84 -45.05 -5.26
C LEU A 101 15.64 -45.08 -6.51
N SER A 102 14.99 -44.88 -7.60
CA SER A 102 15.69 -44.72 -8.85
C SER A 102 16.81 -43.65 -8.78
N HIS A 103 16.50 -42.50 -8.25
CA HIS A 103 17.54 -41.48 -8.09
C HIS A 103 18.69 -41.99 -7.22
N CYS A 104 18.36 -42.58 -6.09
CA CYS A 104 19.40 -43.12 -5.24
C CYS A 104 20.24 -44.28 -5.87
N LEU A 105 19.62 -45.11 -6.75
CA LEU A 105 20.38 -46.07 -7.55
C LEU A 105 21.35 -45.36 -8.48
N LEU A 106 20.92 -44.29 -9.16
CA LEU A 106 21.86 -43.52 -10.02
C LEU A 106 23.00 -42.93 -9.22
N VAL A 107 22.68 -42.35 -8.07
CA VAL A 107 23.70 -41.77 -7.24
C VAL A 107 24.75 -42.81 -6.85
N THR A 108 24.29 -43.98 -6.45
CA THR A 108 25.17 -45.12 -6.12
C THR A 108 26.04 -45.53 -7.28
N LEU A 109 25.45 -45.68 -8.48
CA LEU A 109 26.29 -46.02 -9.61
C LEU A 109 27.25 -44.91 -9.98
N ALA A 110 26.84 -43.65 -9.88
CA ALA A 110 27.77 -42.58 -10.16
C ALA A 110 28.98 -42.63 -9.23
N ALA A 111 28.74 -42.90 -7.98
CA ALA A 111 29.81 -42.98 -6.94
C ALA A 111 30.77 -44.17 -7.08
N HIS A 112 30.27 -45.31 -7.57
CA HIS A 112 31.04 -46.51 -7.67
C HIS A 112 31.60 -46.75 -9.06
N LEU A 113 30.91 -46.34 -10.12
CA LEU A 113 31.33 -46.60 -11.50
C LEU A 113 31.42 -45.28 -12.28
N PRO A 114 32.25 -44.32 -11.79
CA PRO A 114 32.40 -43.07 -12.54
C PRO A 114 32.79 -43.21 -14.04
N ALA A 115 33.72 -44.08 -14.42
CA ALA A 115 34.09 -44.22 -15.83
C ALA A 115 32.91 -44.62 -16.70
N GLU A 116 31.93 -45.33 -16.13
CA GLU A 116 30.73 -45.80 -16.87
C GLU A 116 29.60 -44.81 -16.96
N PHE A 117 29.51 -43.91 -15.99
CA PHE A 117 28.36 -43.05 -15.83
C PHE A 117 28.56 -41.75 -16.67
N THR A 118 28.67 -41.92 -18.00
CA THR A 118 28.70 -40.84 -18.90
C THR A 118 27.32 -40.23 -19.01
N PRO A 119 27.22 -39.05 -19.65
CA PRO A 119 25.89 -38.47 -19.84
C PRO A 119 24.89 -39.34 -20.56
N ALA A 120 25.33 -39.97 -21.62
CA ALA A 120 24.48 -40.92 -22.42
C ALA A 120 24.00 -42.13 -21.63
N VAL A 121 24.88 -42.67 -20.83
CA VAL A 121 24.60 -43.82 -19.99
C VAL A 121 23.60 -43.46 -18.86
N HIS A 122 23.84 -42.32 -18.25
CA HIS A 122 22.96 -41.76 -17.22
C HIS A 122 21.54 -41.68 -17.82
N ALA A 123 21.42 -41.19 -19.03
CA ALA A 123 20.12 -40.95 -19.65
C ALA A 123 19.44 -42.25 -19.81
N SER A 124 20.20 -43.21 -20.38
CA SER A 124 19.70 -44.53 -20.56
C SER A 124 19.25 -45.22 -19.25
N LEU A 125 20.08 -45.14 -18.22
CA LEU A 125 19.74 -45.74 -16.91
C LEU A 125 18.51 -45.13 -16.30
N ASP A 126 18.40 -43.80 -16.43
CA ASP A 126 17.23 -43.13 -15.90
C ASP A 126 15.94 -43.60 -16.62
N LYS A 127 15.98 -43.72 -17.95
CA LYS A 127 14.83 -44.21 -18.68
C LYS A 127 14.46 -45.67 -18.26
N PHE A 128 15.50 -46.52 -18.13
CA PHE A 128 15.31 -47.92 -17.77
C PHE A 128 14.63 -48.07 -16.44
N LEU A 129 15.05 -47.24 -15.48
CA LEU A 129 14.51 -47.32 -14.14
C LEU A 129 13.12 -46.83 -14.07
N ALA A 130 12.80 -45.84 -14.90
CA ALA A 130 11.44 -45.37 -14.94
C ALA A 130 10.52 -46.48 -15.53
N SER A 131 10.99 -47.20 -16.57
CA SER A 131 10.23 -48.29 -17.17
C SER A 131 9.98 -49.39 -16.19
N VAL A 132 10.99 -49.73 -15.42
CA VAL A 132 10.84 -50.75 -14.35
C VAL A 132 9.81 -50.24 -13.34
N SER A 133 9.86 -48.96 -13.00
CA SER A 133 8.91 -48.37 -12.04
C SER A 133 7.46 -48.36 -12.53
N THR A 134 7.22 -48.02 -13.78
CA THR A 134 5.88 -48.14 -14.36
C THR A 134 5.32 -49.60 -14.25
N VAL A 135 6.17 -50.59 -14.52
CA VAL A 135 5.74 -51.97 -14.47
C VAL A 135 5.29 -52.33 -13.03
N LEU A 136 6.14 -51.99 -12.08
CA LEU A 136 5.93 -52.31 -10.74
C LEU A 136 4.78 -51.58 -10.07
N THR A 137 4.41 -50.40 -10.54
CA THR A 137 3.29 -49.64 -10.01
C THR A 137 1.97 -49.86 -10.77
N SER A 138 1.93 -50.65 -11.84
CA SER A 138 0.70 -50.90 -12.60
C SER A 138 0.10 -52.29 -12.24
N LYS A 139 -1.22 -52.39 -12.38
CA LYS A 139 -1.99 -53.56 -12.14
C LYS A 139 -2.45 -54.03 -13.49
N TYR A 140 -1.91 -55.16 -13.94
CA TYR A 140 -2.18 -55.65 -15.27
C TYR A 140 -2.57 -57.12 -15.35
N ARG A 141 -3.06 -57.69 -14.25
CA ARG A 141 -3.71 -59.05 -14.28
C ARG A 141 -5.16 -59.25 -14.92
N VAL B 1 15.45 -23.75 5.04
CA VAL B 1 16.02 -25.12 5.17
C VAL B 1 16.79 -25.30 6.49
N HIS B 2 16.37 -26.31 7.25
CA HIS B 2 16.84 -26.56 8.59
C HIS B 2 17.85 -27.74 8.53
N LEU B 3 19.13 -27.38 8.57
CA LEU B 3 20.21 -28.34 8.72
C LEU B 3 20.78 -28.37 10.14
N THR B 4 21.22 -29.54 10.57
CA THR B 4 21.97 -29.66 11.85
C THR B 4 23.32 -28.97 11.66
N PRO B 5 23.99 -28.57 12.75
CA PRO B 5 25.42 -28.13 12.65
C PRO B 5 26.39 -29.11 11.92
N GLU B 6 26.30 -30.37 12.25
CA GLU B 6 26.99 -31.43 11.55
C GLU B 6 26.71 -31.44 10.03
N GLU B 7 25.44 -31.42 9.67
CA GLU B 7 25.04 -31.37 8.23
C GLU B 7 25.62 -30.13 7.55
N LYS B 8 25.48 -28.97 8.19
CA LYS B 8 25.97 -27.67 7.63
C LYS B 8 27.45 -27.74 7.30
N SER B 9 28.28 -28.25 8.20
CA SER B 9 29.73 -28.26 7.92
C SER B 9 30.15 -29.42 7.00
N ALA B 10 29.39 -30.49 6.92
CA ALA B 10 29.63 -31.45 5.84
C ALA B 10 29.31 -30.87 4.42
N VAL B 11 28.25 -30.08 4.31
CA VAL B 11 27.87 -29.45 3.03
C VAL B 11 28.87 -28.41 2.63
N THR B 12 29.23 -27.56 3.57
CA THR B 12 30.24 -26.53 3.33
C THR B 12 31.62 -27.10 2.96
N ALA B 13 32.03 -28.14 3.68
CA ALA B 13 33.30 -28.81 3.42
C ALA B 13 33.37 -29.38 2.04
N LEU B 14 32.31 -30.05 1.62
CA LEU B 14 32.30 -30.63 0.26
C LEU B 14 32.26 -29.57 -0.86
N TRP B 15 31.51 -28.51 -0.64
CA TRP B 15 31.31 -27.51 -1.67
C TRP B 15 32.60 -26.69 -1.95
N GLY B 16 33.42 -26.46 -0.89
CA GLY B 16 34.74 -25.89 -1.06
C GLY B 16 35.61 -26.58 -2.09
N LYS B 17 35.43 -27.87 -2.28
CA LYS B 17 36.18 -28.59 -3.30
C LYS B 17 35.53 -28.57 -4.71
N VAL B 18 34.39 -27.94 -4.87
CA VAL B 18 33.72 -27.90 -6.15
C VAL B 18 34.32 -26.86 -7.11
N ASN B 19 34.69 -27.33 -8.31
CA ASN B 19 35.16 -26.52 -9.37
C ASN B 19 34.02 -25.69 -9.91
N VAL B 20 33.98 -24.40 -9.52
CA VAL B 20 32.88 -23.48 -9.88
C VAL B 20 32.78 -23.17 -11.38
N ASP B 21 33.85 -23.44 -12.09
CA ASP B 21 33.89 -23.22 -13.54
C ASP B 21 33.38 -24.41 -14.33
N GLU B 22 33.25 -25.60 -13.71
CA GLU B 22 32.93 -26.83 -14.44
C GLU B 22 31.61 -27.58 -14.03
N VAL B 23 31.28 -27.66 -12.73
CA VAL B 23 30.18 -28.49 -12.23
C VAL B 23 28.81 -28.02 -12.68
N GLY B 24 28.64 -26.74 -12.78
CA GLY B 24 27.41 -26.12 -13.32
C GLY B 24 27.08 -26.46 -14.76
N GLY B 25 28.10 -26.48 -15.59
CA GLY B 25 27.94 -26.92 -16.97
C GLY B 25 27.70 -28.41 -17.05
N GLU B 26 28.34 -29.17 -16.19
CA GLU B 26 28.09 -30.60 -16.21
C GLU B 26 26.69 -30.90 -15.75
N ALA B 27 26.20 -30.16 -14.78
CA ALA B 27 24.86 -30.42 -14.29
C ALA B 27 23.78 -30.01 -15.31
N LEU B 28 23.93 -28.80 -15.84
CA LEU B 28 23.04 -28.28 -16.90
C LEU B 28 23.10 -29.14 -18.15
N GLY B 29 24.32 -29.52 -18.58
CA GLY B 29 24.43 -30.43 -19.71
C GLY B 29 23.65 -31.75 -19.52
N ARG B 30 23.85 -32.41 -18.37
CA ARG B 30 23.19 -33.69 -18.12
C ARG B 30 21.64 -33.52 -18.06
N LEU B 31 21.15 -32.38 -17.57
CA LEU B 31 19.72 -32.08 -17.61
C LEU B 31 19.23 -32.18 -19.03
N LEU B 32 19.96 -31.52 -19.93
CA LEU B 32 19.55 -31.43 -21.35
C LEU B 32 19.69 -32.74 -22.09
N VAL B 33 20.61 -33.61 -21.69
CA VAL B 33 20.71 -34.96 -22.23
C VAL B 33 19.66 -35.94 -21.64
N VAL B 34 19.58 -35.97 -20.32
CA VAL B 34 18.74 -36.97 -19.62
C VAL B 34 17.24 -36.65 -19.80
N TYR B 35 16.89 -35.35 -19.87
CA TYR B 35 15.50 -34.84 -19.93
C TYR B 35 15.42 -33.89 -21.14
N PRO B 36 15.40 -34.43 -22.36
CA PRO B 36 15.59 -33.63 -23.59
C PRO B 36 14.58 -32.56 -23.84
N TRP B 37 13.35 -32.68 -23.30
CA TRP B 37 12.39 -31.62 -23.49
C TRP B 37 12.97 -30.25 -22.93
N THR B 38 13.92 -30.28 -21.98
CA THR B 38 14.50 -29.05 -21.41
C THR B 38 15.30 -28.21 -22.41
N GLN B 39 15.68 -28.81 -23.53
CA GLN B 39 16.32 -28.10 -24.60
C GLN B 39 15.46 -27.03 -25.21
N ARG B 40 14.14 -27.19 -25.17
CA ARG B 40 13.22 -26.16 -25.75
C ARG B 40 13.52 -24.79 -25.21
N PHE B 41 13.96 -24.71 -23.95
CA PHE B 41 14.18 -23.41 -23.30
C PHE B 41 15.55 -22.78 -23.67
N PHE B 42 16.40 -23.53 -24.41
CA PHE B 42 17.76 -23.16 -24.74
C PHE B 42 18.04 -23.22 -26.26
N GLU B 43 17.07 -22.84 -27.10
CA GLU B 43 17.25 -22.96 -28.55
C GLU B 43 18.42 -22.09 -29.06
N SER B 44 18.54 -20.89 -28.53
CA SER B 44 19.62 -20.00 -28.88
C SER B 44 21.07 -20.48 -28.54
N PHE B 45 21.21 -21.61 -27.85
CA PHE B 45 22.51 -22.07 -27.43
C PHE B 45 23.20 -22.83 -28.53
N GLY B 46 22.56 -23.05 -29.66
CA GLY B 46 23.21 -23.66 -30.82
C GLY B 46 23.09 -25.18 -30.75
N ASP B 47 24.20 -25.86 -30.97
CA ASP B 47 24.19 -27.31 -31.23
C ASP B 47 23.94 -28.15 -29.94
N LEU B 48 22.78 -28.82 -29.88
CA LEU B 48 22.38 -29.67 -28.73
C LEU B 48 21.90 -31.06 -29.19
N SER B 49 22.26 -31.46 -30.41
CA SER B 49 21.68 -32.62 -31.10
C SER B 49 22.20 -33.98 -30.63
N THR B 50 23.32 -33.98 -29.90
CA THR B 50 23.92 -35.22 -29.34
C THR B 50 24.51 -34.93 -27.97
N PRO B 51 24.75 -35.97 -27.20
CA PRO B 51 25.36 -35.69 -25.87
C PRO B 51 26.68 -34.94 -25.90
N ASP B 52 27.57 -35.34 -26.80
CA ASP B 52 28.88 -34.70 -26.88
C ASP B 52 28.77 -33.22 -27.28
N ALA B 53 27.86 -32.92 -28.19
CA ALA B 53 27.59 -31.55 -28.57
C ALA B 53 27.09 -30.69 -27.42
N VAL B 54 26.22 -31.28 -26.59
CA VAL B 54 25.71 -30.59 -25.37
C VAL B 54 26.84 -30.31 -24.40
N MET B 55 27.61 -31.34 -24.06
CA MET B 55 28.61 -31.22 -22.98
C MET B 55 29.74 -30.36 -23.44
N GLY B 56 30.07 -30.37 -24.71
CA GLY B 56 31.13 -29.41 -25.23
C GLY B 56 30.66 -28.06 -25.71
N ASN B 57 29.40 -27.71 -25.42
CA ASN B 57 28.81 -26.43 -25.92
C ASN B 57 29.23 -25.28 -25.00
N PRO B 58 29.95 -24.25 -25.53
CA PRO B 58 30.44 -23.19 -24.61
C PRO B 58 29.38 -22.39 -23.91
N LYS B 59 28.18 -22.30 -24.48
CA LYS B 59 27.08 -21.60 -23.80
C LYS B 59 26.46 -22.43 -22.64
N VAL B 60 26.36 -23.75 -22.81
CA VAL B 60 25.93 -24.60 -21.73
C VAL B 60 26.91 -24.43 -20.58
N LYS B 61 28.21 -24.48 -20.88
CA LYS B 61 29.22 -24.23 -19.86
C LYS B 61 29.15 -22.85 -19.21
N ALA B 62 28.99 -21.82 -20.00
CA ALA B 62 28.89 -20.47 -19.42
C ALA B 62 27.58 -20.24 -18.62
N HIS B 63 26.45 -20.73 -19.11
CA HIS B 63 25.26 -20.60 -18.40
C HIS B 63 25.29 -21.50 -17.11
N GLY B 64 25.86 -22.68 -17.25
CA GLY B 64 26.04 -23.57 -16.10
C GLY B 64 26.73 -22.91 -14.93
N LYS B 65 27.65 -22.04 -15.25
CA LYS B 65 28.47 -21.33 -14.25
C LYS B 65 27.62 -20.39 -13.46
N LYS B 66 26.69 -19.75 -14.14
CA LYS B 66 25.69 -18.91 -13.51
C LYS B 66 24.69 -19.65 -12.61
N VAL B 67 24.20 -20.79 -13.11
CA VAL B 67 23.33 -21.60 -12.37
C VAL B 67 24.00 -22.00 -11.03
N LEU B 68 25.25 -22.49 -11.12
CA LEU B 68 26.02 -22.88 -9.94
C LEU B 68 26.26 -21.78 -9.00
N GLY B 69 26.50 -20.60 -9.54
CA GLY B 69 26.67 -19.43 -8.74
C GLY B 69 25.48 -19.11 -7.89
N ALA B 70 24.30 -19.26 -8.44
CA ALA B 70 23.11 -19.08 -7.69
C ALA B 70 22.91 -20.18 -6.60
N PHE B 71 23.21 -21.46 -6.90
CA PHE B 71 23.31 -22.49 -5.83
C PHE B 71 24.27 -22.08 -4.70
N SER B 72 25.44 -21.52 -5.03
CA SER B 72 26.35 -21.01 -3.98
C SER B 72 25.76 -19.91 -3.13
N ASP B 73 25.08 -18.94 -3.75
CA ASP B 73 24.33 -17.92 -3.02
C ASP B 73 23.35 -18.51 -2.08
N GLY B 74 22.69 -19.57 -2.55
CA GLY B 74 21.79 -20.34 -1.72
C GLY B 74 22.47 -20.93 -0.49
N LEU B 75 23.62 -21.57 -0.68
CA LEU B 75 24.38 -22.21 0.46
C LEU B 75 24.88 -21.22 1.49
N ALA B 76 25.21 -20.01 1.04
CA ALA B 76 25.60 -18.92 1.93
C ALA B 76 24.43 -18.34 2.71
N HIS B 77 23.20 -18.53 2.23
CA HIS B 77 22.02 -17.93 2.84
C HIS B 77 20.84 -18.91 3.03
N LEU B 78 21.06 -20.01 3.74
CA LEU B 78 20.01 -21.06 3.82
C LEU B 78 18.80 -20.64 4.60
N ASP B 79 18.98 -19.71 5.53
CA ASP B 79 17.82 -19.07 6.24
C ASP B 79 17.06 -18.01 5.39
N ASN B 80 17.42 -17.78 4.12
CA ASN B 80 16.72 -16.84 3.25
C ASN B 80 16.70 -17.19 1.79
N LEU B 81 16.35 -18.45 1.47
CA LEU B 81 16.33 -18.92 0.13
C LEU B 81 15.27 -18.21 -0.67
N LYS B 82 14.11 -17.99 -0.09
CA LYS B 82 13.02 -17.40 -0.81
C LYS B 82 13.46 -16.00 -1.35
N GLY B 83 14.04 -15.18 -0.47
CA GLY B 83 14.54 -13.85 -0.82
C GLY B 83 15.68 -13.97 -1.85
N THR B 84 16.63 -14.87 -1.60
CA THR B 84 17.77 -14.99 -2.44
C THR B 84 17.34 -15.34 -3.87
N PHE B 85 16.29 -16.17 -4.04
CA PHE B 85 15.81 -16.60 -5.36
C PHE B 85 14.60 -15.84 -5.92
N ALA B 86 14.24 -14.73 -5.29
CA ALA B 86 13.00 -14.05 -5.61
C ALA B 86 12.95 -13.51 -7.07
N THR B 87 14.01 -12.87 -7.56
CA THR B 87 13.96 -12.41 -8.97
C THR B 87 14.08 -13.59 -9.90
N LEU B 88 14.86 -14.63 -9.53
CA LEU B 88 14.94 -15.80 -10.38
C LEU B 88 13.59 -16.52 -10.47
N SER B 89 12.77 -16.45 -9.42
CA SER B 89 11.45 -17.09 -9.35
C SER B 89 10.57 -16.37 -10.36
N GLU B 90 10.55 -15.09 -10.30
CA GLU B 90 9.90 -14.27 -11.33
C GLU B 90 10.26 -14.62 -12.76
N LEU B 91 11.55 -14.74 -13.01
CA LEU B 91 12.01 -15.01 -14.34
C LEU B 91 11.52 -16.39 -14.75
N HIS B 92 11.82 -17.40 -13.95
CA HIS B 92 11.53 -18.79 -14.32
C HIS B 92 9.98 -19.13 -14.33
N CYS B 93 9.19 -18.46 -13.49
CA CYS B 93 7.73 -18.72 -13.33
C CYS B 93 6.89 -17.79 -14.21
N ASP B 94 7.02 -16.50 -14.03
CA ASP B 94 6.19 -15.49 -14.73
C ASP B 94 6.61 -15.28 -16.16
N LYS B 95 7.88 -15.40 -16.43
CA LYS B 95 8.32 -15.11 -17.80
C LYS B 95 8.58 -16.33 -18.67
N LEU B 96 9.33 -17.29 -18.12
CA LEU B 96 9.71 -18.47 -18.88
C LEU B 96 8.68 -19.62 -18.71
N HIS B 97 7.90 -19.63 -17.63
CA HIS B 97 6.89 -20.68 -17.42
C HIS B 97 7.49 -22.14 -17.40
N VAL B 98 8.56 -22.31 -16.63
CA VAL B 98 9.24 -23.57 -16.50
C VAL B 98 8.46 -24.39 -15.53
N ASP B 99 7.94 -25.55 -15.99
CA ASP B 99 7.20 -26.38 -15.00
C ASP B 99 8.13 -26.70 -13.84
N PRO B 100 7.71 -26.46 -12.59
CA PRO B 100 8.59 -26.63 -11.43
C PRO B 100 9.09 -28.01 -11.19
N GLU B 101 8.46 -29.05 -11.73
CA GLU B 101 9.02 -30.36 -11.64
C GLU B 101 10.44 -30.34 -12.25
N ASN B 102 10.70 -29.53 -13.26
CA ASN B 102 12.09 -29.40 -13.82
C ASN B 102 13.11 -28.85 -12.86
N PHE B 103 12.67 -28.08 -11.86
CA PHE B 103 13.58 -27.57 -10.84
C PHE B 103 14.08 -28.67 -9.93
N ARG B 104 13.19 -29.57 -9.60
CA ARG B 104 13.53 -30.82 -8.83
C ARG B 104 14.46 -31.68 -9.64
N LEU B 105 14.27 -31.80 -10.93
CA LEU B 105 15.17 -32.64 -11.77
C LEU B 105 16.63 -32.11 -11.87
N LEU B 106 16.82 -30.80 -12.07
CA LEU B 106 18.13 -30.22 -12.08
C LEU B 106 18.83 -30.39 -10.77
N GLY B 107 18.11 -30.21 -9.68
CA GLY B 107 18.67 -30.42 -8.34
C GLY B 107 19.18 -31.83 -8.13
N ASN B 108 18.42 -32.81 -8.60
CA ASN B 108 18.91 -34.20 -8.57
C ASN B 108 20.02 -34.58 -9.56
N VAL B 109 20.03 -33.98 -10.75
CA VAL B 109 21.13 -34.15 -11.67
C VAL B 109 22.41 -33.57 -11.02
N LEU B 110 22.30 -32.41 -10.35
CA LEU B 110 23.45 -31.87 -9.57
C LEU B 110 23.93 -32.79 -8.50
N VAL B 111 23.01 -33.44 -7.81
CA VAL B 111 23.38 -34.45 -6.85
C VAL B 111 24.11 -35.58 -7.56
N CYS B 112 23.65 -36.09 -8.70
CA CYS B 112 24.35 -37.16 -9.39
C CYS B 112 25.74 -36.72 -9.77
N VAL B 113 25.91 -35.47 -10.17
CA VAL B 113 27.20 -34.97 -10.58
C VAL B 113 28.16 -34.89 -9.39
N LEU B 114 27.69 -34.44 -8.24
CA LEU B 114 28.50 -34.40 -7.07
C LEU B 114 28.97 -35.81 -6.73
N ALA B 115 28.07 -36.79 -6.84
CA ALA B 115 28.42 -38.17 -6.54
C ALA B 115 29.48 -38.69 -7.53
N HIS B 116 29.30 -38.40 -8.80
CA HIS B 116 30.23 -38.73 -9.85
C HIS B 116 31.64 -38.23 -9.54
N HIS B 117 31.77 -37.01 -9.07
CA HIS B 117 33.09 -36.37 -8.80
C HIS B 117 33.71 -36.78 -7.53
N PHE B 118 32.91 -36.88 -6.48
CA PHE B 118 33.43 -37.24 -5.14
C PHE B 118 33.38 -38.71 -4.72
N GLY B 119 32.75 -39.60 -5.48
CA GLY B 119 32.78 -41.03 -5.20
C GLY B 119 32.42 -41.36 -3.73
N LYS B 120 33.17 -42.25 -3.10
CA LYS B 120 32.96 -42.65 -1.67
C LYS B 120 32.83 -41.48 -0.67
N GLU B 121 33.38 -40.31 -0.98
CA GLU B 121 33.21 -39.16 -0.10
C GLU B 121 31.77 -38.61 -0.06
N PHE B 122 30.97 -38.92 -1.10
CA PHE B 122 29.61 -38.42 -1.16
C PHE B 122 28.77 -39.48 -0.44
N THR B 123 28.93 -39.50 0.87
CA THR B 123 28.37 -40.56 1.74
C THR B 123 26.88 -40.38 1.82
N PRO B 124 26.17 -41.42 2.29
CA PRO B 124 24.72 -41.22 2.40
C PRO B 124 24.28 -40.06 3.34
N PRO B 125 24.88 -39.86 4.53
CA PRO B 125 24.54 -38.66 5.31
C PRO B 125 24.82 -37.31 4.59
N VAL B 126 25.87 -37.27 3.76
CA VAL B 126 26.22 -36.06 2.98
C VAL B 126 25.13 -35.86 1.90
N GLN B 127 24.76 -36.92 1.21
CA GLN B 127 23.67 -36.82 0.24
C GLN B 127 22.40 -36.30 0.88
N ALA B 128 22.08 -36.80 2.06
CA ALA B 128 20.84 -36.40 2.75
C ALA B 128 20.79 -34.91 3.00
N ALA B 129 21.94 -34.34 3.31
CA ALA B 129 22.06 -32.91 3.60
C ALA B 129 21.91 -32.12 2.33
N TYR B 130 22.56 -32.58 1.26
CA TYR B 130 22.36 -31.97 -0.07
C TYR B 130 20.96 -32.08 -0.59
N GLN B 131 20.24 -33.15 -0.29
CA GLN B 131 18.90 -33.27 -0.79
C GLN B 131 18.02 -32.22 -0.12
N LYS B 132 18.27 -31.92 1.16
CA LYS B 132 17.53 -30.83 1.84
C LYS B 132 17.79 -29.45 1.12
N VAL B 133 19.01 -29.23 0.72
CA VAL B 133 19.42 -27.98 0.07
C VAL B 133 18.74 -27.81 -1.32
N VAL B 134 18.82 -28.82 -2.14
CA VAL B 134 18.25 -28.71 -3.53
C VAL B 134 16.73 -28.73 -3.51
N ALA B 135 16.10 -29.46 -2.60
CA ALA B 135 14.67 -29.26 -2.36
C ALA B 135 14.36 -27.81 -1.91
N GLY B 136 15.15 -27.24 -1.05
CA GLY B 136 14.96 -25.86 -0.65
C GLY B 136 15.12 -24.86 -1.84
N VAL B 137 16.09 -25.09 -2.70
CA VAL B 137 16.28 -24.28 -3.84
C VAL B 137 15.14 -24.41 -4.84
N ALA B 138 14.74 -25.61 -5.15
CA ALA B 138 13.63 -25.84 -6.03
C ALA B 138 12.37 -25.20 -5.48
N ASN B 139 12.09 -25.38 -4.24
CA ASN B 139 10.93 -24.72 -3.63
C ASN B 139 10.93 -23.19 -3.63
N ALA B 140 12.12 -22.61 -3.46
CA ALA B 140 12.28 -21.15 -3.48
C ALA B 140 12.12 -20.61 -4.95
N LEU B 141 12.72 -21.27 -5.93
CA LEU B 141 12.44 -20.96 -7.32
C LEU B 141 11.01 -21.05 -7.74
N ALA B 142 10.26 -21.98 -7.13
CA ALA B 142 8.82 -22.21 -7.44
C ALA B 142 7.89 -21.23 -6.68
N HIS B 143 8.44 -20.40 -5.84
CA HIS B 143 7.62 -19.52 -4.95
C HIS B 143 6.53 -18.71 -5.65
N LYS B 144 6.81 -18.20 -6.84
CA LYS B 144 5.75 -17.54 -7.63
C LYS B 144 4.60 -18.42 -8.17
N TYR B 145 4.68 -19.75 -8.13
CA TYR B 145 3.54 -20.63 -8.34
C TYR B 145 2.71 -20.95 -7.04
N HIS B 146 3.19 -20.58 -5.84
CA HIS B 146 2.41 -20.78 -4.58
C HIS B 146 1.59 -19.55 -4.11
N VAL C 1 1.10 -49.85 -17.51
CA VAL C 1 0.83 -51.08 -18.27
C VAL C 1 -0.67 -51.37 -18.17
N LEU C 2 -1.30 -51.67 -19.30
CA LEU C 2 -2.75 -51.87 -19.28
C LEU C 2 -3.11 -53.35 -19.03
N SER C 3 -4.15 -53.60 -18.24
CA SER C 3 -4.75 -54.95 -18.09
C SER C 3 -5.67 -55.34 -19.27
N PRO C 4 -6.06 -56.61 -19.41
CA PRO C 4 -7.03 -56.92 -20.46
C PRO C 4 -8.38 -56.21 -20.29
N ALA C 5 -8.85 -56.12 -19.05
CA ALA C 5 -10.08 -55.40 -18.74
C ALA C 5 -9.99 -53.91 -19.05
N ASP C 6 -8.81 -53.30 -18.84
CA ASP C 6 -8.55 -51.93 -19.30
C ASP C 6 -8.74 -51.76 -20.80
N LYS C 7 -8.15 -52.65 -21.56
CA LYS C 7 -8.30 -52.60 -23.03
C LYS C 7 -9.79 -52.71 -23.47
N THR C 8 -10.54 -53.62 -22.83
CA THR C 8 -11.98 -53.76 -23.09
C THR C 8 -12.74 -52.47 -22.77
N ASN C 9 -12.41 -51.84 -21.64
CA ASN C 9 -13.14 -50.65 -21.22
C ASN C 9 -12.87 -49.52 -22.16
N VAL C 10 -11.61 -49.40 -22.62
CA VAL C 10 -11.21 -48.26 -23.51
C VAL C 10 -11.91 -48.42 -24.84
N LYS C 11 -11.84 -49.62 -25.39
CA LYS C 11 -12.45 -49.89 -26.68
C LYS C 11 -13.95 -49.61 -26.67
N ALA C 12 -14.60 -49.99 -25.59
CA ALA C 12 -16.06 -49.83 -25.47
C ALA C 12 -16.41 -48.35 -25.38
N ALA C 13 -15.72 -47.64 -24.51
CA ALA C 13 -16.04 -46.24 -24.26
C ALA C 13 -15.67 -45.36 -25.45
N TRP C 14 -14.47 -45.55 -25.96
CA TRP C 14 -14.00 -44.74 -27.07
C TRP C 14 -14.80 -45.02 -28.33
N GLY C 15 -15.14 -46.29 -28.56
CA GLY C 15 -15.94 -46.68 -29.72
C GLY C 15 -17.27 -45.97 -29.82
N LYS C 16 -17.78 -45.48 -28.69
CA LYS C 16 -18.99 -44.65 -28.61
C LYS C 16 -18.77 -43.15 -28.96
N VAL C 17 -17.53 -42.70 -29.11
CA VAL C 17 -17.26 -41.32 -29.54
C VAL C 17 -17.71 -41.13 -30.98
N GLY C 18 -17.32 -42.08 -31.83
CA GLY C 18 -17.87 -42.22 -33.22
C GLY C 18 -17.61 -40.97 -34.05
N ALA C 19 -18.67 -40.41 -34.63
CA ALA C 19 -18.59 -39.18 -35.41
C ALA C 19 -18.41 -37.89 -34.61
N HIS C 20 -18.52 -37.93 -33.27
CA HIS C 20 -18.24 -36.74 -32.41
C HIS C 20 -16.75 -36.50 -32.16
N ALA C 21 -15.89 -37.31 -32.76
CA ALA C 21 -14.44 -37.30 -32.43
C ALA C 21 -13.86 -35.92 -32.45
N GLY C 22 -14.08 -35.22 -33.56
CA GLY C 22 -13.59 -33.88 -33.79
C GLY C 22 -14.13 -32.84 -32.85
N GLU C 23 -15.43 -32.93 -32.55
CA GLU C 23 -16.07 -32.07 -31.58
C GLU C 23 -15.42 -32.23 -30.17
N TYR C 24 -15.20 -33.47 -29.74
CA TYR C 24 -14.67 -33.72 -28.42
C TYR C 24 -13.17 -33.37 -28.32
N GLY C 25 -12.41 -33.64 -29.36
CA GLY C 25 -10.99 -33.23 -29.40
C GLY C 25 -10.82 -31.73 -29.32
N ALA C 26 -11.68 -31.03 -30.07
CA ALA C 26 -11.66 -29.59 -30.09
C ALA C 26 -12.09 -29.01 -28.75
N GLU C 27 -13.12 -29.60 -28.15
CA GLU C 27 -13.52 -29.22 -26.81
C GLU C 27 -12.38 -29.45 -25.80
N ALA C 28 -11.75 -30.58 -25.89
CA ALA C 28 -10.63 -30.91 -24.95
C ALA C 28 -9.46 -29.93 -25.08
N LEU C 29 -9.14 -29.58 -26.31
CA LEU C 29 -8.13 -28.50 -26.54
C LEU C 29 -8.53 -27.15 -25.99
N GLU C 30 -9.78 -26.80 -26.21
CA GLU C 30 -10.29 -25.50 -25.68
C GLU C 30 -10.26 -25.49 -24.15
N ARG C 31 -10.74 -26.59 -23.55
CA ARG C 31 -10.60 -26.71 -22.13
C ARG C 31 -9.14 -26.53 -21.68
N MET C 32 -8.20 -27.18 -22.35
CA MET C 32 -6.78 -27.10 -21.95
C MET C 32 -6.22 -25.66 -22.07
N PHE C 33 -6.51 -24.96 -23.18
CA PHE C 33 -6.01 -23.58 -23.41
C PHE C 33 -6.57 -22.56 -22.43
N LEU C 34 -7.81 -22.77 -21.99
CA LEU C 34 -8.41 -21.85 -21.00
C LEU C 34 -7.97 -22.15 -19.67
N SER C 35 -8.03 -23.43 -19.33
CA SER C 35 -7.69 -23.87 -17.90
C SER C 35 -6.21 -23.76 -17.64
N PHE C 36 -5.39 -24.05 -18.66
CA PHE C 36 -3.92 -24.06 -18.45
C PHE C 36 -3.19 -23.23 -19.57
N PRO C 37 -3.22 -21.91 -19.41
CA PRO C 37 -2.79 -21.05 -20.47
C PRO C 37 -1.32 -21.18 -20.88
N THR C 38 -0.44 -21.69 -20.02
CA THR C 38 0.94 -22.00 -20.46
C THR C 38 1.00 -23.00 -21.64
N THR C 39 -0.02 -23.81 -21.85
CA THR C 39 -0.01 -24.67 -22.98
C THR C 39 -0.09 -23.95 -24.29
N LYS C 40 -0.58 -22.72 -24.27
CA LYS C 40 -0.69 -21.88 -25.56
C LYS C 40 0.63 -21.56 -26.24
N THR C 41 1.73 -21.60 -25.51
CA THR C 41 3.09 -21.46 -26.00
C THR C 41 3.48 -22.40 -27.15
N TYR C 42 2.91 -23.59 -27.16
CA TYR C 42 3.20 -24.50 -28.24
C TYR C 42 2.47 -24.17 -29.53
N PHE C 43 1.43 -23.30 -29.47
CA PHE C 43 0.54 -22.95 -30.61
C PHE C 43 0.55 -21.43 -30.78
N PRO C 44 1.76 -20.91 -30.95
CA PRO C 44 1.87 -19.44 -30.95
C PRO C 44 1.04 -18.78 -32.05
N HIS C 45 0.84 -19.40 -33.19
CA HIS C 45 0.09 -18.67 -34.25
C HIS C 45 -1.38 -19.09 -34.40
N PHE C 46 -1.91 -19.89 -33.48
CA PHE C 46 -3.22 -20.47 -33.71
C PHE C 46 -4.26 -19.39 -33.47
N ASP C 47 -5.33 -19.47 -34.23
CA ASP C 47 -6.57 -18.72 -33.92
C ASP C 47 -7.31 -19.49 -32.84
N LEU C 48 -7.32 -18.96 -31.62
CA LEU C 48 -7.87 -19.72 -30.51
C LEU C 48 -9.20 -19.06 -30.05
N SER C 49 -9.87 -18.28 -30.90
CA SER C 49 -11.20 -17.75 -30.65
C SER C 49 -12.11 -18.94 -30.57
N HIS C 50 -13.20 -18.87 -29.79
CA HIS C 50 -14.02 -20.10 -29.53
C HIS C 50 -14.56 -20.58 -30.94
N GLY C 51 -14.56 -21.87 -31.20
CA GLY C 51 -15.04 -22.35 -32.48
C GLY C 51 -14.22 -22.05 -33.70
N SER C 52 -13.02 -21.52 -33.52
CA SER C 52 -11.96 -21.52 -34.56
C SER C 52 -11.97 -22.80 -35.40
N ALA C 53 -11.92 -22.61 -36.70
CA ALA C 53 -11.71 -23.67 -37.71
C ALA C 53 -10.39 -24.40 -37.44
N GLN C 54 -9.32 -23.64 -37.12
CA GLN C 54 -8.06 -24.26 -36.74
C GLN C 54 -8.16 -25.18 -35.55
N VAL C 55 -8.84 -24.76 -34.50
CA VAL C 55 -8.91 -25.59 -33.28
C VAL C 55 -9.74 -26.83 -33.62
N LYS C 56 -10.83 -26.71 -34.38
CA LYS C 56 -11.64 -27.87 -34.82
C LYS C 56 -10.92 -28.88 -35.72
N GLY C 57 -10.10 -28.40 -36.66
CA GLY C 57 -9.31 -29.24 -37.51
C GLY C 57 -8.29 -29.98 -36.69
N HIS C 58 -7.59 -29.26 -35.79
CA HIS C 58 -6.62 -29.86 -34.96
C HIS C 58 -7.21 -30.88 -33.94
N GLY C 59 -8.37 -30.56 -33.39
CA GLY C 59 -9.12 -31.46 -32.52
C GLY C 59 -9.41 -32.77 -33.19
N LYS C 60 -9.75 -32.73 -34.48
CA LYS C 60 -10.04 -33.95 -35.26
C LYS C 60 -8.81 -34.85 -35.42
N LYS C 61 -7.66 -34.24 -35.68
CA LYS C 61 -6.42 -35.00 -35.82
C LYS C 61 -6.03 -35.68 -34.56
N VAL C 62 -6.24 -35.00 -33.43
CA VAL C 62 -5.87 -35.52 -32.13
C VAL C 62 -6.77 -36.72 -31.79
N ALA C 63 -8.05 -36.52 -31.91
CA ALA C 63 -9.02 -37.54 -31.67
C ALA C 63 -8.85 -38.76 -32.61
N ASP C 64 -8.63 -38.53 -33.91
CA ASP C 64 -8.35 -39.61 -34.83
C ASP C 64 -7.05 -40.41 -34.50
N ALA C 65 -5.98 -39.73 -34.08
CA ALA C 65 -4.80 -40.45 -33.58
C ALA C 65 -5.14 -41.36 -32.36
N LEU C 66 -6.02 -40.87 -31.47
CA LEU C 66 -6.45 -41.66 -30.31
C LEU C 66 -7.24 -42.91 -30.72
N THR C 67 -8.06 -42.81 -31.75
CA THR C 67 -8.75 -43.99 -32.29
C THR C 67 -7.79 -45.01 -32.87
N ASN C 68 -6.82 -44.52 -33.62
CA ASN C 68 -5.71 -45.35 -34.11
C ASN C 68 -4.90 -45.96 -32.97
N ALA C 69 -4.62 -45.21 -31.90
CA ALA C 69 -4.01 -45.82 -30.68
C ALA C 69 -4.88 -46.92 -30.05
N VAL C 70 -6.21 -46.69 -29.99
CA VAL C 70 -7.14 -47.70 -29.48
C VAL C 70 -7.11 -49.00 -30.31
N ALA C 71 -7.05 -48.85 -31.63
CA ALA C 71 -6.94 -49.98 -32.54
C ALA C 71 -5.60 -50.72 -32.45
N HIS C 72 -4.54 -50.06 -32.00
CA HIS C 72 -3.21 -50.65 -31.92
C HIS C 72 -2.71 -50.60 -30.49
N VAL C 73 -3.58 -50.91 -29.54
CA VAL C 73 -3.25 -50.74 -28.11
C VAL C 73 -2.00 -51.60 -27.65
N ASP C 74 -1.84 -52.79 -28.25
CA ASP C 74 -0.75 -53.72 -27.95
C ASP C 74 0.57 -53.38 -28.65
N ASP C 75 0.59 -52.31 -29.42
CA ASP C 75 1.59 -52.08 -30.42
C ASP C 75 1.95 -50.57 -30.59
N MET C 76 1.77 -49.78 -29.54
CA MET C 76 1.67 -48.31 -29.71
C MET C 76 2.98 -47.67 -30.09
N PRO C 77 4.12 -48.18 -29.60
CA PRO C 77 5.37 -47.58 -30.00
C PRO C 77 5.59 -47.58 -31.49
N ASN C 78 5.25 -48.67 -32.15
CA ASN C 78 5.27 -48.73 -33.62
C ASN C 78 4.20 -47.92 -34.34
N ALA C 79 2.96 -47.96 -33.86
CA ALA C 79 1.84 -47.21 -34.51
C ALA C 79 1.93 -45.66 -34.37
N LEU C 80 2.40 -45.17 -33.22
CA LEU C 80 2.49 -43.72 -32.99
C LEU C 80 3.88 -43.12 -33.26
N SER C 81 4.72 -43.89 -33.93
CA SER C 81 6.12 -43.57 -34.16
C SER C 81 6.36 -42.19 -34.74
N ALA C 82 5.56 -41.77 -35.73
CA ALA C 82 5.71 -40.45 -36.33
C ALA C 82 5.27 -39.35 -35.36
N LEU C 83 4.29 -39.65 -34.49
CA LEU C 83 3.86 -38.65 -33.50
C LEU C 83 4.87 -38.45 -32.37
N SER C 84 5.58 -39.50 -32.07
CA SER C 84 6.66 -39.44 -31.13
C SER C 84 7.82 -38.56 -31.70
N ASP C 85 8.16 -38.78 -32.97
CA ASP C 85 9.07 -37.92 -33.74
C ASP C 85 8.70 -36.45 -33.58
N LEU C 86 7.46 -36.15 -33.83
CA LEU C 86 6.98 -34.83 -33.75
C LEU C 86 6.98 -34.24 -32.35
N HIS C 87 6.37 -34.93 -31.39
CA HIS C 87 6.12 -34.30 -30.07
C HIS C 87 7.41 -34.32 -29.24
N ALA C 88 8.25 -35.39 -29.33
CA ALA C 88 9.50 -35.47 -28.55
C ALA C 88 10.74 -34.97 -29.28
N HIS C 89 10.95 -35.27 -30.58
CA HIS C 89 12.19 -34.82 -31.28
C HIS C 89 12.01 -33.36 -31.73
N LYS C 90 10.89 -33.01 -32.36
CA LYS C 90 10.77 -31.71 -32.96
C LYS C 90 10.24 -30.66 -32.00
N LEU C 91 9.03 -30.84 -31.51
CA LEU C 91 8.42 -29.89 -30.58
C LEU C 91 9.03 -29.82 -29.20
N ARG C 92 9.55 -30.91 -28.70
CA ARG C 92 10.11 -30.99 -27.33
C ARG C 92 9.06 -30.62 -26.30
N VAL C 93 7.89 -31.19 -26.44
CA VAL C 93 6.80 -30.93 -25.53
C VAL C 93 7.10 -31.44 -24.06
N ASP C 94 7.05 -30.54 -23.11
CA ASP C 94 7.23 -30.92 -21.68
C ASP C 94 6.13 -31.94 -21.30
N PRO C 95 6.52 -33.05 -20.71
CA PRO C 95 5.51 -34.07 -20.35
C PRO C 95 4.39 -33.64 -19.45
N VAL C 96 4.55 -32.62 -18.65
CA VAL C 96 3.44 -32.14 -17.85
C VAL C 96 2.26 -31.77 -18.71
N ASN C 97 2.48 -31.29 -19.95
CA ASN C 97 1.34 -30.89 -20.79
C ASN C 97 0.47 -32.04 -21.19
N PHE C 98 1.03 -33.20 -21.25
CA PHE C 98 0.26 -34.42 -21.64
C PHE C 98 -0.72 -34.79 -20.55
N LYS C 99 -0.31 -34.60 -19.33
CA LYS C 99 -1.21 -34.83 -18.18
C LYS C 99 -2.37 -33.85 -18.25
N LEU C 100 -2.07 -32.58 -18.64
CA LEU C 100 -3.06 -31.55 -18.68
C LEU C 100 -4.06 -31.82 -19.80
N LEU C 101 -3.58 -32.27 -20.97
CA LEU C 101 -4.56 -32.63 -22.00
C LEU C 101 -5.36 -33.88 -21.70
N SER C 102 -4.69 -34.88 -21.18
CA SER C 102 -5.36 -36.14 -20.73
C SER C 102 -6.48 -35.83 -19.75
N HIS C 103 -6.25 -34.99 -18.77
CA HIS C 103 -7.33 -34.59 -17.84
C HIS C 103 -8.47 -33.92 -18.58
N CYS C 104 -8.18 -32.97 -19.48
CA CYS C 104 -9.21 -32.30 -20.27
C CYS C 104 -9.95 -33.23 -21.23
N LEU C 105 -9.29 -34.25 -21.77
CA LEU C 105 -10.03 -35.32 -22.50
C LEU C 105 -10.98 -36.06 -21.58
N LEU C 106 -10.55 -36.43 -20.38
CA LEU C 106 -11.48 -37.14 -19.45
C LEU C 106 -12.69 -36.30 -19.03
N VAL C 107 -12.45 -35.05 -18.70
CA VAL C 107 -13.54 -34.06 -18.44
C VAL C 107 -14.54 -33.97 -19.58
N THR C 108 -14.06 -33.84 -20.80
CA THR C 108 -14.92 -33.88 -21.99
C THR C 108 -15.72 -35.14 -22.07
N LEU C 109 -15.11 -36.31 -21.86
CA LEU C 109 -15.87 -37.53 -21.98
C LEU C 109 -16.86 -37.64 -20.86
N ALA C 110 -16.50 -37.18 -19.69
CA ALA C 110 -17.44 -37.24 -18.56
C ALA C 110 -18.66 -36.38 -18.84
N ALA C 111 -18.45 -35.21 -19.44
CA ALA C 111 -19.53 -34.29 -19.80
C ALA C 111 -20.47 -34.79 -20.89
N HIS C 112 -19.95 -35.56 -21.85
CA HIS C 112 -20.72 -36.01 -23.00
C HIS C 112 -21.23 -37.43 -22.91
N LEU C 113 -20.55 -38.31 -22.20
CA LEU C 113 -20.91 -39.73 -22.13
C LEU C 113 -21.01 -40.19 -20.70
N PRO C 114 -21.86 -39.52 -19.92
CA PRO C 114 -21.97 -39.85 -18.50
C PRO C 114 -22.28 -41.34 -18.24
N ALA C 115 -23.16 -41.97 -19.02
CA ALA C 115 -23.45 -43.38 -18.79
C ALA C 115 -22.21 -44.26 -18.93
N GLU C 116 -21.27 -43.89 -19.80
CA GLU C 116 -20.07 -44.68 -20.06
C GLU C 116 -18.95 -44.47 -19.03
N PHE C 117 -18.91 -43.30 -18.40
CA PHE C 117 -17.79 -42.89 -17.57
C PHE C 117 -17.99 -43.38 -16.13
N THR C 118 -18.01 -44.69 -15.98
CA THR C 118 -18.10 -45.32 -14.68
C THR C 118 -16.74 -45.19 -14.01
N PRO C 119 -16.64 -45.55 -12.71
CA PRO C 119 -15.32 -45.47 -12.05
C PRO C 119 -14.25 -46.35 -12.69
N ALA C 120 -14.64 -47.54 -13.06
CA ALA C 120 -13.72 -48.53 -13.74
C ALA C 120 -13.25 -48.05 -15.10
N VAL C 121 -14.18 -47.48 -15.86
CA VAL C 121 -13.86 -46.93 -17.19
C VAL C 121 -12.95 -45.72 -17.11
N HIS C 122 -13.25 -44.84 -16.18
CA HIS C 122 -12.39 -43.68 -15.85
C HIS C 122 -10.94 -44.14 -15.56
N ALA C 123 -10.76 -45.12 -14.71
CA ALA C 123 -9.45 -45.67 -14.41
C ALA C 123 -8.77 -46.14 -15.64
N SER C 124 -9.46 -46.97 -16.42
CA SER C 124 -8.93 -47.49 -17.65
C SER C 124 -8.53 -46.41 -18.69
N LEU C 125 -9.41 -45.45 -18.93
CA LEU C 125 -9.10 -44.27 -19.79
C LEU C 125 -7.92 -43.49 -19.32
N ASP C 126 -7.83 -43.26 -18.02
CA ASP C 126 -6.67 -42.53 -17.47
C ASP C 126 -5.36 -43.29 -17.73
N LYS C 127 -5.37 -44.61 -17.54
CA LYS C 127 -4.17 -45.40 -17.85
C LYS C 127 -3.80 -45.34 -19.32
N PHE C 128 -4.78 -45.43 -20.19
CA PHE C 128 -4.60 -45.48 -21.61
C PHE C 128 -4.02 -44.25 -22.13
N LEU C 129 -4.52 -43.13 -21.63
CA LEU C 129 -3.91 -41.82 -21.99
C LEU C 129 -2.50 -41.66 -21.50
N ALA C 130 -2.20 -42.17 -20.32
CA ALA C 130 -0.81 -42.04 -19.75
C ALA C 130 0.13 -42.89 -20.56
N SER C 131 -0.35 -44.04 -21.05
CA SER C 131 0.44 -44.84 -22.02
C SER C 131 0.70 -44.21 -23.39
N VAL C 132 -0.34 -43.62 -23.95
CA VAL C 132 -0.15 -42.81 -25.15
C VAL C 132 0.85 -41.67 -24.90
N SER C 133 0.80 -41.06 -23.73
CA SER C 133 1.66 -39.90 -23.43
C SER C 133 3.11 -40.29 -23.30
N THR C 134 3.39 -41.41 -22.64
CA THR C 134 4.74 -41.95 -22.59
C THR C 134 5.34 -42.16 -23.99
N VAL C 135 4.55 -42.73 -24.89
CA VAL C 135 5.02 -43.01 -26.25
C VAL C 135 5.39 -41.72 -26.98
N LEU C 136 4.50 -40.76 -26.88
CA LEU C 136 4.66 -39.46 -27.52
C LEU C 136 5.79 -38.57 -26.94
N THR C 137 6.15 -38.75 -25.69
CA THR C 137 7.24 -38.01 -25.03
C THR C 137 8.55 -38.78 -24.95
N SER C 138 8.61 -39.99 -25.48
CA SER C 138 9.88 -40.73 -25.52
C SER C 138 10.52 -40.65 -26.90
N LYS C 139 11.83 -40.76 -26.90
CA LYS C 139 12.66 -40.84 -28.07
C LYS C 139 13.18 -42.27 -28.08
N TYR C 140 12.70 -43.07 -29.01
CA TYR C 140 13.10 -44.51 -29.05
C TYR C 140 13.56 -45.00 -30.41
N ARG C 141 13.93 -44.08 -31.29
CA ARG C 141 14.56 -44.44 -32.52
C ARG C 141 15.96 -43.87 -32.42
N VAL D 1 -6.21 -17.15 -4.22
CA VAL D 1 -6.75 -17.42 -5.61
C VAL D 1 -7.54 -16.20 -6.12
N HIS D 2 -7.13 -15.71 -7.29
CA HIS D 2 -7.67 -14.50 -7.89
C HIS D 2 -8.64 -14.89 -9.02
N LEU D 3 -9.92 -14.83 -8.68
CA LEU D 3 -10.96 -15.06 -9.65
C LEU D 3 -11.60 -13.73 -10.04
N THR D 4 -11.99 -13.63 -11.30
CA THR D 4 -12.80 -12.48 -11.73
C THR D 4 -14.19 -12.57 -11.02
N PRO D 5 -14.91 -11.44 -10.89
CA PRO D 5 -16.30 -11.51 -10.39
C PRO D 5 -17.19 -12.53 -11.15
N GLU D 6 -17.07 -12.53 -12.48
CA GLU D 6 -17.72 -13.49 -13.35
C GLU D 6 -17.40 -14.93 -12.99
N GLU D 7 -16.10 -15.24 -12.88
CA GLU D 7 -15.66 -16.54 -12.48
C GLU D 7 -16.18 -16.90 -11.09
N LYS D 8 -16.11 -15.98 -10.14
CA LYS D 8 -16.59 -16.28 -8.79
C LYS D 8 -18.02 -16.72 -8.74
N SER D 9 -18.84 -15.98 -9.45
CA SER D 9 -20.24 -16.27 -9.42
C SER D 9 -20.67 -17.54 -10.27
N ALA D 10 -19.89 -17.89 -11.29
CA ALA D 10 -20.13 -19.10 -12.01
C ALA D 10 -19.76 -20.35 -11.10
N VAL D 11 -18.74 -20.20 -10.26
CA VAL D 11 -18.36 -21.20 -9.29
C VAL D 11 -19.38 -21.36 -8.16
N THR D 12 -19.79 -20.25 -7.56
CA THR D 12 -20.82 -20.30 -6.48
C THR D 12 -22.17 -20.82 -7.01
N ALA D 13 -22.54 -20.41 -8.23
CA ALA D 13 -23.81 -20.83 -8.83
C ALA D 13 -23.86 -22.34 -9.05
N LEU D 14 -22.79 -22.88 -9.59
CA LEU D 14 -22.74 -24.29 -9.82
C LEU D 14 -22.72 -25.10 -8.51
N TRP D 15 -22.02 -24.60 -7.50
CA TRP D 15 -21.79 -25.37 -6.25
C TRP D 15 -23.07 -25.49 -5.43
N GLY D 16 -23.92 -24.45 -5.48
CA GLY D 16 -25.24 -24.56 -4.92
C GLY D 16 -26.08 -25.78 -5.35
N LYS D 17 -25.89 -26.26 -6.58
CA LYS D 17 -26.60 -27.42 -7.07
C LYS D 17 -25.90 -28.74 -6.69
N VAL D 18 -24.80 -28.69 -5.95
CA VAL D 18 -24.04 -29.92 -5.60
C VAL D 18 -24.69 -30.63 -4.43
N ASN D 19 -24.94 -31.93 -4.62
CA ASN D 19 -25.40 -32.82 -3.56
C ASN D 19 -24.33 -33.11 -2.53
N VAL D 20 -24.36 -32.40 -1.41
CA VAL D 20 -23.28 -32.41 -0.37
C VAL D 20 -23.15 -33.78 0.31
N ASP D 21 -24.19 -34.58 0.20
CA ASP D 21 -24.18 -35.93 0.70
C ASP D 21 -23.54 -36.98 -0.20
N GLU D 22 -23.35 -36.68 -1.49
CA GLU D 22 -22.93 -37.65 -2.49
C GLU D 22 -21.63 -37.36 -3.25
N VAL D 23 -21.35 -36.13 -3.64
CA VAL D 23 -20.26 -35.82 -4.57
C VAL D 23 -18.92 -36.06 -3.94
N GLY D 24 -18.79 -35.73 -2.66
CA GLY D 24 -17.59 -36.04 -1.93
C GLY D 24 -17.22 -37.54 -1.93
N GLY D 25 -18.21 -38.41 -1.70
CA GLY D 25 -17.97 -39.84 -1.74
C GLY D 25 -17.70 -40.31 -3.15
N GLU D 26 -18.34 -39.70 -4.17
CA GLU D 26 -18.03 -40.01 -5.56
C GLU D 26 -16.57 -39.61 -5.88
N ALA D 27 -16.13 -38.46 -5.37
CA ALA D 27 -14.77 -37.99 -5.72
C ALA D 27 -13.73 -38.84 -5.04
N LEU D 28 -13.93 -39.05 -3.75
CA LEU D 28 -13.03 -39.85 -2.97
C LEU D 28 -13.00 -41.28 -3.46
N GLY D 29 -14.15 -41.84 -3.75
CA GLY D 29 -14.20 -43.20 -4.32
C GLY D 29 -13.44 -43.35 -5.59
N ARG D 30 -13.65 -42.41 -6.53
CA ARG D 30 -12.92 -42.43 -7.84
C ARG D 30 -11.43 -42.27 -7.64
N LEU D 31 -10.99 -41.45 -6.68
CA LEU D 31 -9.55 -41.37 -6.35
C LEU D 31 -9.00 -42.78 -6.03
N LEU D 32 -9.68 -43.49 -5.14
CA LEU D 32 -9.25 -44.82 -4.71
C LEU D 32 -9.28 -45.84 -5.78
N VAL D 33 -10.16 -45.71 -6.73
CA VAL D 33 -10.22 -46.63 -7.91
C VAL D 33 -9.22 -46.29 -9.00
N VAL D 34 -9.19 -45.02 -9.35
CA VAL D 34 -8.29 -44.53 -10.46
C VAL D 34 -6.78 -44.50 -10.06
N TYR D 35 -6.50 -44.28 -8.80
CA TYR D 35 -5.15 -44.19 -8.26
C TYR D 35 -5.05 -45.09 -7.04
N PRO D 36 -4.98 -46.43 -7.25
CA PRO D 36 -5.16 -47.36 -6.14
C PRO D 36 -4.21 -47.25 -4.98
N TRP D 37 -2.98 -46.76 -5.21
CA TRP D 37 -2.07 -46.57 -4.09
C TRP D 37 -2.63 -45.67 -2.98
N THR D 38 -3.61 -44.82 -3.26
CA THR D 38 -4.25 -44.02 -2.22
C THR D 38 -5.00 -44.81 -1.20
N GLN D 39 -5.31 -46.05 -1.51
CA GLN D 39 -6.00 -46.95 -0.54
C GLN D 39 -5.17 -47.21 0.66
N ARG D 40 -3.87 -47.21 0.52
CA ARG D 40 -2.95 -47.41 1.67
C ARG D 40 -3.30 -46.46 2.87
N PHE D 41 -3.78 -45.25 2.61
CA PHE D 41 -4.10 -44.32 3.66
C PHE D 41 -5.45 -44.59 4.32
N PHE D 42 -6.19 -45.59 3.84
CA PHE D 42 -7.57 -45.91 4.25
C PHE D 42 -7.81 -47.38 4.56
N GLU D 43 -6.83 -48.04 5.15
CA GLU D 43 -6.94 -49.46 5.42
C GLU D 43 -8.12 -49.75 6.35
N SER D 44 -8.31 -48.92 7.37
CA SER D 44 -9.41 -49.09 8.31
C SER D 44 -10.83 -48.92 7.71
N PHE D 45 -10.97 -48.58 6.44
CA PHE D 45 -12.26 -48.36 5.85
C PHE D 45 -12.89 -49.65 5.37
N GLY D 46 -12.21 -50.78 5.48
CA GLY D 46 -12.83 -52.05 5.20
C GLY D 46 -12.70 -52.38 3.71
N ASP D 47 -13.80 -52.83 3.10
CA ASP D 47 -13.76 -53.44 1.77
C ASP D 47 -13.51 -52.38 0.64
N LEU D 48 -12.36 -52.46 -0.03
CA LEU D 48 -11.99 -51.62 -1.16
C LEU D 48 -11.50 -52.37 -2.39
N SER D 49 -11.82 -53.67 -2.45
CA SER D 49 -11.17 -54.60 -3.37
C SER D 49 -11.67 -54.52 -4.82
N THR D 50 -12.78 -53.88 -5.05
CA THR D 50 -13.36 -53.74 -6.38
C THR D 50 -14.02 -52.34 -6.48
N PRO D 51 -14.25 -51.85 -7.70
CA PRO D 51 -14.84 -50.50 -7.80
C PRO D 51 -16.22 -50.38 -7.10
N ASP D 52 -17.06 -51.36 -7.29
CA ASP D 52 -18.37 -51.37 -6.65
C ASP D 52 -18.31 -51.37 -5.11
N ALA D 53 -17.38 -52.14 -4.57
CA ALA D 53 -17.12 -52.13 -3.14
C ALA D 53 -16.68 -50.79 -2.61
N VAL D 54 -15.77 -50.16 -3.34
CA VAL D 54 -15.32 -48.75 -3.02
C VAL D 54 -16.46 -47.72 -3.03
N MET D 55 -17.24 -47.71 -4.11
CA MET D 55 -18.30 -46.71 -4.26
C MET D 55 -19.44 -46.92 -3.31
N GLY D 56 -19.75 -48.18 -2.99
CA GLY D 56 -20.81 -48.44 -1.99
C GLY D 56 -20.36 -48.54 -0.53
N ASN D 57 -19.11 -48.21 -0.24
CA ASN D 57 -18.57 -48.36 1.10
C ASN D 57 -19.02 -47.15 1.97
N PRO D 58 -19.73 -47.41 3.09
CA PRO D 58 -20.27 -46.28 3.85
C PRO D 58 -19.24 -45.31 4.47
N LYS D 59 -18.03 -45.81 4.77
CA LYS D 59 -16.96 -44.95 5.27
C LYS D 59 -16.35 -44.03 4.18
N VAL D 60 -16.23 -44.53 2.95
CA VAL D 60 -15.86 -43.67 1.82
C VAL D 60 -16.87 -42.55 1.64
N LYS D 61 -18.15 -42.89 1.58
CA LYS D 61 -19.26 -41.91 1.60
C LYS D 61 -19.15 -40.90 2.75
N ALA D 62 -19.00 -41.38 3.96
CA ALA D 62 -18.98 -40.47 5.11
C ALA D 62 -17.75 -39.57 5.07
N HIS D 63 -16.58 -40.12 4.73
CA HIS D 63 -15.36 -39.34 4.73
C HIS D 63 -15.38 -38.35 3.56
N GLY D 64 -15.93 -38.80 2.43
CA GLY D 64 -16.16 -37.99 1.27
C GLY D 64 -16.90 -36.71 1.62
N LYS D 65 -17.84 -36.81 2.55
CA LYS D 65 -18.71 -35.69 2.92
C LYS D 65 -17.91 -34.66 3.68
N LYS D 66 -17.00 -35.12 4.54
CA LYS D 66 -16.06 -34.21 5.19
C LYS D 66 -15.08 -33.50 4.22
N VAL D 67 -14.53 -34.25 3.28
CA VAL D 67 -13.63 -33.70 2.31
C VAL D 67 -14.32 -32.57 1.54
N LEU D 68 -15.51 -32.86 1.02
CA LEU D 68 -16.36 -31.87 0.32
C LEU D 68 -16.69 -30.66 1.18
N GLY D 69 -16.91 -30.87 2.46
CA GLY D 69 -17.16 -29.77 3.38
C GLY D 69 -15.98 -28.81 3.45
N ALA D 70 -14.76 -29.34 3.51
CA ALA D 70 -13.57 -28.52 3.51
C ALA D 70 -13.44 -27.75 2.19
N PHE D 71 -13.76 -28.37 1.06
CA PHE D 71 -13.83 -27.64 -0.21
C PHE D 71 -14.79 -26.51 -0.12
N SER D 72 -15.95 -26.72 0.47
CA SER D 72 -16.93 -25.57 0.64
C SER D 72 -16.40 -24.43 1.51
N ASP D 73 -15.74 -24.76 2.62
CA ASP D 73 -15.00 -23.78 3.41
C ASP D 73 -14.04 -22.98 2.55
N GLY D 74 -13.33 -23.69 1.65
CA GLY D 74 -12.45 -23.07 0.72
C GLY D 74 -13.11 -22.06 -0.22
N LEU D 75 -14.26 -22.43 -0.78
CA LEU D 75 -15.04 -21.58 -1.65
C LEU D 75 -15.58 -20.33 -0.95
N ALA D 76 -15.89 -20.46 0.33
CA ALA D 76 -16.36 -19.31 1.16
C ALA D 76 -15.22 -18.36 1.54
N HIS D 77 -13.97 -18.83 1.47
CA HIS D 77 -12.82 -18.05 1.90
C HIS D 77 -11.67 -18.11 0.87
N LEU D 78 -11.91 -17.75 -0.38
CA LEU D 78 -10.86 -17.83 -1.42
C LEU D 78 -9.71 -16.88 -1.22
N ASP D 79 -9.96 -15.73 -0.57
CA ASP D 79 -8.86 -14.82 -0.21
C ASP D 79 -8.01 -15.30 0.98
N ASN D 80 -8.30 -16.45 1.57
CA ASN D 80 -7.57 -16.95 2.75
C ASN D 80 -7.55 -18.49 2.85
N LEU D 81 -7.15 -19.14 1.77
CA LEU D 81 -7.05 -20.55 1.73
C LEU D 81 -6.00 -21.09 2.65
N LYS D 82 -4.85 -20.44 2.70
CA LYS D 82 -3.71 -20.90 3.50
C LYS D 82 -4.10 -20.97 4.99
N GLY D 83 -4.75 -19.93 5.50
CA GLY D 83 -5.33 -19.91 6.85
C GLY D 83 -6.45 -20.95 7.02
N THR D 84 -7.39 -21.00 6.09
CA THR D 84 -8.48 -21.93 6.19
C THR D 84 -8.00 -23.41 6.28
N PHE D 85 -6.94 -23.77 5.54
CA PHE D 85 -6.47 -25.15 5.45
C PHE D 85 -5.25 -25.43 6.32
N ALA D 86 -4.91 -24.52 7.21
CA ALA D 86 -3.68 -24.63 7.96
C ALA D 86 -3.61 -25.85 8.86
N THR D 87 -4.68 -26.17 9.60
CA THR D 87 -4.64 -27.37 10.46
C THR D 87 -4.74 -28.64 9.61
N LEU D 88 -5.50 -28.61 8.53
CA LEU D 88 -5.50 -29.77 7.61
C LEU D 88 -4.15 -30.01 6.92
N SER D 89 -3.41 -28.93 6.68
CA SER D 89 -2.06 -29.03 6.09
C SER D 89 -1.13 -29.78 7.09
N GLU D 90 -1.13 -29.36 8.35
CA GLU D 90 -0.48 -30.08 9.42
C GLU D 90 -0.79 -31.54 9.42
N LEU D 91 -2.07 -31.86 9.30
CA LEU D 91 -2.49 -33.26 9.42
C LEU D 91 -1.96 -34.05 8.24
N HIS D 92 -2.23 -33.55 7.03
CA HIS D 92 -1.88 -34.26 5.81
C HIS D 92 -0.34 -34.29 5.57
N CYS D 93 0.40 -33.28 6.04
CA CYS D 93 1.87 -33.14 5.78
C CYS D 93 2.74 -33.68 6.90
N ASP D 94 2.57 -33.14 8.11
CA ASP D 94 3.38 -33.54 9.27
C ASP D 94 3.00 -34.91 9.83
N LYS D 95 1.74 -35.28 9.73
CA LYS D 95 1.33 -36.50 10.36
C LYS D 95 1.04 -37.68 9.45
N LEU D 96 0.29 -37.46 8.39
CA LEU D 96 -0.02 -38.49 7.43
C LEU D 96 1.02 -38.62 6.27
N HIS D 97 1.82 -37.59 6.03
CA HIS D 97 2.86 -37.65 4.99
C HIS D 97 2.28 -38.03 3.62
N VAL D 98 1.22 -37.35 3.21
CA VAL D 98 0.63 -37.59 1.92
C VAL D 98 1.45 -36.83 0.92
N ASP D 99 1.98 -37.53 -0.08
CA ASP D 99 2.72 -36.82 -1.11
C ASP D 99 1.75 -35.81 -1.77
N PRO D 100 2.19 -34.55 -1.95
CA PRO D 100 1.26 -33.50 -2.39
C PRO D 100 0.74 -33.65 -3.79
N GLU D 101 1.40 -34.42 -4.63
CA GLU D 101 0.88 -34.76 -5.94
C GLU D 101 -0.53 -35.34 -5.80
N ASN D 102 -0.79 -36.06 -4.74
CA ASN D 102 -2.12 -36.65 -4.53
C ASN D 102 -3.23 -35.61 -4.28
N PHE D 103 -2.89 -34.44 -3.73
CA PHE D 103 -3.82 -33.33 -3.57
C PHE D 103 -4.28 -32.74 -4.92
N ARG D 104 -3.37 -32.63 -5.86
CA ARG D 104 -3.70 -32.31 -7.22
C ARG D 104 -4.57 -33.37 -7.89
N LEU D 105 -4.29 -34.63 -7.70
CA LEU D 105 -5.15 -35.72 -8.28
C LEU D 105 -6.59 -35.69 -7.78
N LEU D 106 -6.80 -35.48 -6.48
CA LEU D 106 -8.12 -35.45 -5.96
C LEU D 106 -8.87 -34.29 -6.56
N GLY D 107 -8.20 -33.12 -6.65
CA GLY D 107 -8.80 -31.93 -7.18
C GLY D 107 -9.31 -32.14 -8.58
N ASN D 108 -8.51 -32.83 -9.41
CA ASN D 108 -8.92 -33.17 -10.74
C ASN D 108 -10.00 -34.24 -10.90
N VAL D 109 -9.97 -35.22 -10.02
CA VAL D 109 -11.04 -36.20 -9.93
C VAL D 109 -12.35 -35.45 -9.61
N LEU D 110 -12.30 -34.54 -8.64
CA LEU D 110 -13.50 -33.74 -8.31
C LEU D 110 -13.98 -32.97 -9.51
N VAL D 111 -13.04 -32.40 -10.28
CA VAL D 111 -13.41 -31.74 -11.54
C VAL D 111 -14.08 -32.76 -12.50
N CYS D 112 -13.54 -33.97 -12.65
CA CYS D 112 -14.19 -34.94 -13.53
C CYS D 112 -15.62 -35.28 -12.99
N VAL D 113 -15.78 -35.36 -11.66
CA VAL D 113 -17.07 -35.64 -11.07
C VAL D 113 -18.08 -34.55 -11.32
N LEU D 114 -17.68 -33.28 -11.18
CA LEU D 114 -18.56 -32.18 -11.48
C LEU D 114 -18.98 -32.25 -12.93
N ALA D 115 -18.06 -32.58 -13.80
CA ALA D 115 -18.38 -32.67 -15.24
C ALA D 115 -19.34 -33.77 -15.51
N HIS D 116 -19.12 -34.93 -14.90
CA HIS D 116 -20.02 -36.12 -14.98
C HIS D 116 -21.48 -35.78 -14.62
N HIS D 117 -21.66 -35.03 -13.53
CA HIS D 117 -23.00 -34.59 -13.05
C HIS D 117 -23.64 -33.47 -13.81
N PHE D 118 -22.88 -32.46 -14.24
CA PHE D 118 -23.43 -31.31 -14.90
C PHE D 118 -23.35 -31.28 -16.42
N GLY D 119 -22.63 -32.20 -17.04
CA GLY D 119 -22.62 -32.28 -18.52
C GLY D 119 -22.35 -30.95 -19.18
N LYS D 120 -23.12 -30.58 -20.21
CA LYS D 120 -22.97 -29.30 -20.94
C LYS D 120 -22.89 -28.04 -20.08
N GLU D 121 -23.48 -28.04 -18.90
CA GLU D 121 -23.35 -26.91 -17.99
C GLU D 121 -21.94 -26.69 -17.40
N PHE D 122 -21.10 -27.73 -17.40
CA PHE D 122 -19.77 -27.61 -16.88
C PHE D 122 -18.93 -27.15 -18.09
N THR D 123 -19.14 -25.89 -18.46
CA THR D 123 -18.53 -25.34 -19.69
C THR D 123 -17.01 -25.23 -19.50
N PRO D 124 -16.27 -25.10 -20.61
CA PRO D 124 -14.86 -24.71 -20.44
C PRO D 124 -14.53 -23.48 -19.56
N PRO D 125 -15.25 -22.32 -19.69
CA PRO D 125 -14.91 -21.25 -18.75
C PRO D 125 -15.22 -21.61 -17.27
N VAL D 126 -16.24 -22.38 -17.03
CA VAL D 126 -16.59 -22.86 -15.68
C VAL D 126 -15.53 -23.86 -15.13
N GLN D 127 -15.13 -24.81 -15.95
CA GLN D 127 -13.91 -25.61 -15.60
C GLN D 127 -12.71 -24.77 -15.25
N ALA D 128 -12.38 -23.77 -16.07
CA ALA D 128 -11.20 -22.96 -15.83
C ALA D 128 -11.19 -22.37 -14.45
N ALA D 129 -12.36 -21.88 -14.05
CA ALA D 129 -12.50 -21.30 -12.73
C ALA D 129 -12.33 -22.31 -11.63
N TYR D 130 -12.93 -23.48 -11.75
CA TYR D 130 -12.77 -24.58 -10.78
C TYR D 130 -11.33 -25.09 -10.76
N GLN D 131 -10.62 -25.00 -11.88
CA GLN D 131 -9.21 -25.44 -11.84
C GLN D 131 -8.41 -24.49 -10.99
N LYS D 132 -8.72 -23.19 -11.04
CA LYS D 132 -7.98 -22.25 -10.17
C LYS D 132 -8.27 -22.52 -8.69
N VAL D 133 -9.50 -22.90 -8.39
CA VAL D 133 -9.92 -23.22 -7.00
C VAL D 133 -9.19 -24.45 -6.47
N VAL D 134 -9.20 -25.52 -7.23
CA VAL D 134 -8.60 -26.81 -6.73
C VAL D 134 -7.10 -26.76 -6.73
N ALA D 135 -6.48 -26.05 -7.64
CA ALA D 135 -5.08 -25.72 -7.49
C ALA D 135 -4.83 -24.89 -6.23
N GLY D 136 -5.71 -23.93 -5.94
CA GLY D 136 -5.53 -23.18 -4.70
C GLY D 136 -5.65 -24.10 -3.45
N VAL D 137 -6.60 -25.00 -3.43
CA VAL D 137 -6.79 -25.88 -2.30
C VAL D 137 -5.62 -26.82 -2.15
N ALA D 138 -5.14 -27.38 -3.24
CA ALA D 138 -3.99 -28.23 -3.20
C ALA D 138 -2.78 -27.53 -2.71
N ASN D 139 -2.52 -26.37 -3.23
CA ASN D 139 -1.43 -25.57 -2.74
C ASN D 139 -1.49 -25.22 -1.27
N ALA D 140 -2.68 -24.85 -0.79
CA ALA D 140 -2.85 -24.51 0.60
C ALA D 140 -2.65 -25.79 1.50
N LEU D 141 -3.18 -26.96 1.09
CA LEU D 141 -2.91 -28.21 1.82
C LEU D 141 -1.45 -28.56 1.89
N ALA D 142 -0.70 -28.20 0.85
CA ALA D 142 0.74 -28.49 0.74
C ALA D 142 1.60 -27.42 1.40
N HIS D 143 1.00 -26.37 1.94
CA HIS D 143 1.77 -25.29 2.58
C HIS D 143 2.87 -25.75 3.55
N LYS D 144 2.61 -26.79 4.36
CA LYS D 144 3.64 -27.26 5.30
C LYS D 144 4.83 -27.95 4.68
N TYR D 145 4.82 -28.21 3.38
CA TYR D 145 6.03 -28.65 2.63
C TYR D 145 6.84 -27.50 2.04
N HIS D 146 6.29 -26.26 2.01
CA HIS D 146 7.00 -25.06 1.49
C HIS D 146 7.70 -24.25 2.55
N SER E 3 23.73 24.10 21.08
CA SER E 3 24.52 24.20 22.35
C SER E 3 25.69 25.15 22.18
N PRO E 4 26.30 25.62 23.29
CA PRO E 4 27.51 26.46 23.13
C PRO E 4 28.68 25.75 22.42
N ALA E 5 28.89 24.47 22.74
CA ALA E 5 29.89 23.64 22.07
C ALA E 5 29.59 23.48 20.56
N ASP E 6 28.31 23.37 20.20
CA ASP E 6 27.92 23.33 18.76
C ASP E 6 28.36 24.60 18.02
N LYS E 7 28.09 25.74 18.63
CA LYS E 7 28.48 27.05 18.04
C LYS E 7 30.01 27.17 17.85
N THR E 8 30.78 26.73 18.86
CA THR E 8 32.24 26.63 18.77
C THR E 8 32.70 25.71 17.63
N ASN E 9 32.08 24.53 17.50
CA ASN E 9 32.50 23.58 16.46
C ASN E 9 32.19 24.08 15.06
N VAL E 10 31.04 24.72 14.89
CA VAL E 10 30.65 25.28 13.58
C VAL E 10 31.58 26.43 13.19
N LYS E 11 31.81 27.37 14.09
CA LYS E 11 32.70 28.51 13.83
C LYS E 11 34.12 28.07 13.47
N ALA E 12 34.63 27.06 14.17
CA ALA E 12 35.99 26.55 13.92
C ALA E 12 36.09 25.87 12.56
N ALA E 13 35.13 24.99 12.26
CA ALA E 13 35.15 24.23 11.02
C ALA E 13 34.86 25.10 9.82
N TRP E 14 33.81 25.90 9.90
CA TRP E 14 33.44 26.77 8.80
C TRP E 14 34.50 27.86 8.55
N GLY E 15 35.07 28.41 9.62
CA GLY E 15 36.13 29.43 9.51
C GLY E 15 37.36 28.97 8.74
N LYS E 16 37.57 27.64 8.67
CA LYS E 16 38.65 27.03 7.87
C LYS E 16 38.23 26.73 6.39
N VAL E 17 37.00 27.07 5.98
CA VAL E 17 36.62 27.12 4.55
C VAL E 17 37.38 28.29 3.85
N GLY E 18 37.31 29.49 4.45
CA GLY E 18 38.07 30.65 4.00
C GLY E 18 37.78 31.03 2.56
N ALA E 19 38.84 31.12 1.76
CA ALA E 19 38.73 31.47 0.33
C ALA E 19 38.20 30.36 -0.58
N HIS E 20 38.08 29.13 -0.08
CA HIS E 20 37.43 28.04 -0.83
C HIS E 20 35.87 28.06 -0.82
N ALA E 21 35.26 29.08 -0.20
CA ALA E 21 33.80 29.14 -0.01
C ALA E 21 33.02 28.85 -1.28
N GLY E 22 33.35 29.59 -2.33
CA GLY E 22 32.72 29.44 -3.63
C GLY E 22 32.93 28.12 -4.31
N GLU E 23 34.14 27.58 -4.23
CA GLU E 23 34.46 26.24 -4.73
C GLU E 23 33.58 25.14 -4.04
N TYR E 24 33.46 25.22 -2.72
CA TYR E 24 32.73 24.22 -1.98
C TYR E 24 31.23 24.35 -2.20
N GLY E 25 30.71 25.58 -2.25
CA GLY E 25 29.27 25.80 -2.51
C GLY E 25 28.92 25.25 -3.89
N ALA E 26 29.81 25.46 -4.84
CA ALA E 26 29.58 25.02 -6.20
C ALA E 26 29.66 23.51 -6.33
N GLU E 27 30.62 22.92 -5.65
CA GLU E 27 30.67 21.48 -5.54
C GLU E 27 29.39 20.88 -4.87
N ALA E 28 28.97 21.45 -3.75
CA ALA E 28 27.79 20.98 -3.06
C ALA E 28 26.57 21.02 -3.98
N LEU E 29 26.39 22.12 -4.70
CA LEU E 29 25.30 22.21 -5.65
C LEU E 29 25.41 21.12 -6.73
N GLU E 30 26.61 20.92 -7.26
CA GLU E 30 26.79 19.95 -8.31
C GLU E 30 26.44 18.54 -7.77
N ARG E 31 26.96 18.24 -6.58
CA ARG E 31 26.60 17.00 -5.90
C ARG E 31 25.08 16.85 -5.77
N MET E 32 24.41 17.90 -5.33
CA MET E 32 22.95 17.84 -5.23
C MET E 32 22.30 17.56 -6.60
N PHE E 33 22.71 18.29 -7.67
CA PHE E 33 22.01 18.20 -8.97
C PHE E 33 22.19 16.83 -9.60
N LEU E 34 23.33 16.22 -9.36
CA LEU E 34 23.59 14.87 -9.91
C LEU E 34 22.95 13.81 -9.06
N SER E 35 23.05 13.93 -7.73
CA SER E 35 22.45 12.92 -6.85
C SER E 35 20.96 12.99 -6.74
N PHE E 36 20.38 14.20 -6.78
CA PHE E 36 18.95 14.37 -6.63
C PHE E 36 18.37 15.25 -7.77
N PRO E 37 18.17 14.67 -8.94
CA PRO E 37 17.88 15.48 -10.15
C PRO E 37 16.57 16.28 -10.13
N THR E 38 15.63 15.93 -9.27
CA THR E 38 14.45 16.77 -9.07
C THR E 38 14.79 18.19 -8.63
N THR E 39 15.93 18.39 -7.99
CA THR E 39 16.31 19.70 -7.54
C THR E 39 16.64 20.65 -8.70
N LYS E 40 16.92 20.12 -9.88
CA LYS E 40 17.21 20.95 -11.08
C LYS E 40 16.06 21.80 -11.58
N THR E 41 14.81 21.38 -11.34
CA THR E 41 13.68 22.21 -11.78
C THR E 41 13.61 23.58 -11.16
N TYR E 42 14.25 23.83 -10.01
CA TYR E 42 14.27 25.20 -9.44
C TYR E 42 15.20 26.14 -10.18
N PHE E 43 16.02 25.62 -11.09
CA PHE E 43 17.01 26.40 -11.84
C PHE E 43 16.79 26.18 -13.33
N PRO E 44 15.54 26.37 -13.79
CA PRO E 44 15.25 26.12 -15.21
C PRO E 44 16.08 26.97 -16.16
N HIS E 45 16.51 28.17 -15.78
CA HIS E 45 17.29 28.97 -16.75
C HIS E 45 18.81 29.00 -16.50
N PHE E 46 19.35 28.01 -15.76
CA PHE E 46 20.81 27.85 -15.56
C PHE E 46 21.47 26.87 -16.52
N ASP E 47 22.72 27.17 -16.85
CA ASP E 47 23.64 26.19 -17.37
C ASP E 47 24.10 25.34 -16.19
N LEU E 48 23.71 24.07 -16.16
CA LEU E 48 24.11 23.20 -15.05
C LEU E 48 25.18 22.17 -15.43
N SER E 49 25.88 22.37 -16.55
CA SER E 49 26.98 21.49 -16.97
C SER E 49 28.11 21.65 -15.95
N HIS E 50 29.04 20.69 -15.97
CA HIS E 50 30.13 20.60 -14.96
C HIS E 50 30.98 21.89 -14.82
N GLY E 51 31.43 22.52 -15.85
CA GLY E 51 32.20 23.73 -15.53
C GLY E 51 31.49 25.04 -15.17
N SER E 52 30.16 25.03 -15.16
CA SER E 52 29.35 26.27 -15.31
C SER E 52 29.74 27.48 -14.44
N ALA E 53 29.92 28.62 -15.11
CA ALA E 53 30.15 29.93 -14.48
C ALA E 53 28.97 30.31 -13.61
N GLN E 54 27.77 30.04 -14.09
CA GLN E 54 26.56 30.27 -13.32
C GLN E 54 26.47 29.41 -12.01
N VAL E 55 26.83 28.14 -12.07
CA VAL E 55 26.84 27.30 -10.84
C VAL E 55 27.93 27.80 -9.87
N LYS E 56 29.12 28.21 -10.37
CA LYS E 56 30.17 28.78 -9.51
C LYS E 56 29.81 30.09 -8.82
N GLY E 57 29.14 30.98 -9.55
CA GLY E 57 28.66 32.26 -9.00
C GLY E 57 27.60 31.99 -7.94
N HIS E 58 26.65 31.10 -8.25
CA HIS E 58 25.62 30.78 -7.31
C HIS E 58 26.16 30.06 -6.06
N GLY E 59 27.10 29.15 -6.26
CA GLY E 59 27.79 28.50 -5.14
C GLY E 59 28.38 29.50 -4.15
N LYS E 60 28.97 30.59 -4.68
CA LYS E 60 29.59 31.64 -3.83
C LYS E 60 28.54 32.34 -2.97
N LYS E 61 27.37 32.59 -3.54
CA LYS E 61 26.30 33.26 -2.80
C LYS E 61 25.78 32.40 -1.67
N VAL E 62 25.65 31.09 -1.94
CA VAL E 62 25.13 30.15 -0.97
C VAL E 62 26.11 30.06 0.18
N ALA E 63 27.38 29.89 -0.17
CA ALA E 63 28.45 29.77 0.81
C ALA E 63 28.60 31.05 1.66
N ASP E 64 28.53 32.20 1.01
CA ASP E 64 28.58 33.48 1.72
C ASP E 64 27.36 33.71 2.64
N ALA E 65 26.16 33.31 2.22
CA ALA E 65 24.97 33.32 3.15
C ALA E 65 25.18 32.40 4.40
N LEU E 66 25.87 31.28 4.22
CA LEU E 66 26.23 30.42 5.34
C LEU E 66 27.26 31.05 6.30
N THR E 67 28.27 31.76 5.78
CA THR E 67 29.22 32.56 6.61
C THR E 67 28.49 33.66 7.41
N ASN E 68 27.54 34.34 6.77
CA ASN E 68 26.63 35.24 7.45
C ASN E 68 25.73 34.59 8.52
N ALA E 69 25.18 33.40 8.23
CA ALA E 69 24.50 32.61 9.25
C ALA E 69 25.43 32.22 10.41
N VAL E 70 26.68 31.80 10.13
CA VAL E 70 27.68 31.56 11.22
C VAL E 70 27.86 32.78 12.11
N ALA E 71 28.00 33.95 11.50
CA ALA E 71 28.28 35.17 12.24
C ALA E 71 27.08 35.63 13.08
N HIS E 72 25.87 35.19 12.70
CA HIS E 72 24.65 35.56 13.40
C HIS E 72 23.92 34.33 13.94
N VAL E 73 24.65 33.38 14.53
CA VAL E 73 24.07 32.09 14.96
C VAL E 73 22.91 32.28 15.93
N ASP E 74 23.07 33.26 16.82
CA ASP E 74 22.12 33.55 17.89
C ASP E 74 20.91 34.36 17.43
N ASP E 75 20.87 34.72 16.15
CA ASP E 75 19.96 35.79 15.67
C ASP E 75 19.49 35.43 14.22
N MET E 76 19.38 34.13 13.86
CA MET E 76 19.21 33.75 12.43
C MET E 76 17.87 34.11 11.78
N PRO E 77 16.73 33.92 12.48
CA PRO E 77 15.49 34.43 11.90
C PRO E 77 15.55 35.89 11.38
N ASN E 78 16.13 36.80 12.16
CA ASN E 78 16.35 38.17 11.71
C ASN E 78 17.38 38.31 10.57
N ALA E 79 18.51 37.62 10.67
CA ALA E 79 19.60 37.79 9.68
C ALA E 79 19.30 37.19 8.32
N LEU E 80 18.58 36.06 8.29
CA LEU E 80 18.24 35.38 7.04
C LEU E 80 16.83 35.75 6.51
N SER E 81 16.23 36.83 7.06
CA SER E 81 14.85 37.26 6.77
C SER E 81 14.55 37.34 5.31
N ALA E 82 15.44 37.96 4.53
CA ALA E 82 15.21 38.16 3.09
C ALA E 82 15.32 36.80 2.34
N LEU E 83 16.15 35.89 2.84
CA LEU E 83 16.28 34.58 2.21
C LEU E 83 15.07 33.69 2.47
N SER E 84 14.46 33.86 3.63
CA SER E 84 13.25 33.15 3.95
C SER E 84 12.14 33.66 3.02
N ASP E 85 12.04 34.98 2.86
CA ASP E 85 11.14 35.58 1.88
C ASP E 85 11.30 34.91 0.52
N LEU E 86 12.54 34.86 0.05
CA LEU E 86 12.83 34.36 -1.27
C LEU E 86 12.53 32.87 -1.40
N HIS E 87 13.08 32.06 -0.48
CA HIS E 87 13.01 30.61 -0.62
C HIS E 87 11.56 30.14 -0.29
N ALA E 88 10.94 30.65 0.77
CA ALA E 88 9.56 30.21 1.15
C ALA E 88 8.40 30.96 0.47
N HIS E 89 8.43 32.28 0.40
CA HIS E 89 7.25 33.03 -0.15
C HIS E 89 7.37 33.04 -1.70
N LYS E 90 8.53 33.37 -2.26
CA LYS E 90 8.62 33.47 -3.74
C LYS E 90 8.87 32.14 -4.46
N LEU E 91 9.99 31.50 -4.20
CA LEU E 91 10.34 30.24 -4.86
C LEU E 91 9.51 29.01 -4.42
N ARG E 92 9.04 28.99 -3.18
CA ARG E 92 8.18 27.89 -2.75
C ARG E 92 8.97 26.57 -2.70
N VAL E 93 10.22 26.60 -2.23
CA VAL E 93 11.04 25.38 -2.28
C VAL E 93 10.54 24.34 -1.26
N ASP E 94 10.28 23.15 -1.76
CA ASP E 94 9.89 22.02 -0.90
C ASP E 94 10.98 21.80 0.19
N PRO E 95 10.58 21.72 1.50
CA PRO E 95 11.57 21.50 2.58
C PRO E 95 12.39 20.27 2.51
N VAL E 96 11.94 19.24 1.78
CA VAL E 96 12.83 18.12 1.49
C VAL E 96 14.18 18.59 0.88
N ASN E 97 14.15 19.58 -0.02
CA ASN E 97 15.35 19.95 -0.77
C ASN E 97 16.45 20.50 0.13
N PHE E 98 16.05 21.08 1.27
CA PHE E 98 17.02 21.62 2.23
C PHE E 98 17.80 20.55 2.93
N LYS E 99 17.10 19.46 3.28
CA LYS E 99 17.81 18.24 3.70
C LYS E 99 18.83 17.72 2.66
N LEU E 100 18.46 17.76 1.39
CA LEU E 100 19.30 17.28 0.31
C LEU E 100 20.53 18.13 0.14
N LEU E 101 20.37 19.44 0.22
CA LEU E 101 21.56 20.30 0.08
C LEU E 101 22.43 20.26 1.29
N SER E 102 21.81 20.25 2.45
CA SER E 102 22.54 20.06 3.70
C SER E 102 23.41 18.80 3.70
N HIS E 103 22.85 17.68 3.28
CA HIS E 103 23.67 16.46 3.14
C HIS E 103 24.87 16.65 2.15
N CYS E 104 24.62 17.24 0.98
CA CYS E 104 25.69 17.51 0.02
C CYS E 104 26.75 18.52 0.50
N LEU E 105 26.36 19.49 1.33
CA LEU E 105 27.33 20.34 2.01
C LEU E 105 28.20 19.54 2.97
N LEU E 106 27.63 18.67 3.81
CA LEU E 106 28.45 17.85 4.72
C LEU E 106 29.37 16.92 3.98
N VAL E 107 28.88 16.25 2.95
CA VAL E 107 29.73 15.43 2.11
C VAL E 107 30.95 16.24 1.52
N THR E 108 30.67 17.42 0.97
CA THR E 108 31.72 18.35 0.49
C THR E 108 32.75 18.70 1.60
N LEU E 109 32.29 19.04 2.81
CA LEU E 109 33.24 19.36 3.89
C LEU E 109 34.01 18.13 4.35
N ALA E 110 33.36 16.96 4.34
CA ALA E 110 34.07 15.73 4.69
C ALA E 110 35.19 15.42 3.71
N ALA E 111 34.91 15.62 2.42
CA ALA E 111 35.91 15.38 1.35
C ALA E 111 37.10 16.35 1.35
N HIS E 112 36.87 17.60 1.74
CA HIS E 112 37.90 18.66 1.67
C HIS E 112 38.60 18.97 2.99
N LEU E 113 37.93 18.79 4.12
CA LEU E 113 38.48 19.10 5.43
C LEU E 113 38.43 17.88 6.37
N PRO E 114 39.10 16.77 5.97
CA PRO E 114 38.97 15.54 6.75
C PRO E 114 39.43 15.70 8.20
N ALA E 115 40.51 16.42 8.43
CA ALA E 115 40.98 16.62 9.80
C ALA E 115 39.92 17.29 10.68
N GLU E 116 39.11 18.17 10.09
CA GLU E 116 38.09 18.94 10.83
C GLU E 116 36.77 18.17 11.08
N PHE E 117 36.44 17.22 10.20
CA PHE E 117 35.13 16.57 10.18
C PHE E 117 35.11 15.38 11.14
N THR E 118 35.30 15.67 12.43
CA THR E 118 35.24 14.64 13.46
C THR E 118 33.75 14.30 13.66
N PRO E 119 33.44 13.22 14.40
CA PRO E 119 32.05 12.94 14.74
C PRO E 119 31.28 14.06 15.45
N ALA E 120 31.92 14.71 16.45
CA ALA E 120 31.32 15.85 17.16
C ALA E 120 31.03 17.05 16.24
N VAL E 121 31.97 17.34 15.33
CA VAL E 121 31.84 18.48 14.40
C VAL E 121 30.74 18.22 13.36
N HIS E 122 30.72 17.00 12.82
CA HIS E 122 29.65 16.48 11.94
C HIS E 122 28.30 16.72 12.60
N ALA E 123 28.17 16.33 13.87
CA ALA E 123 26.90 16.53 14.63
C ALA E 123 26.51 17.98 14.68
N SER E 124 27.46 18.81 15.11
CA SER E 124 27.24 20.22 15.18
C SER E 124 26.85 20.87 13.83
N LEU E 125 27.60 20.57 12.79
CA LEU E 125 27.28 21.04 11.43
C LEU E 125 25.92 20.61 10.96
N ASP E 126 25.58 19.35 11.19
CA ASP E 126 24.26 18.84 10.84
C ASP E 126 23.14 19.62 11.57
N LYS E 127 23.30 19.87 12.87
CA LYS E 127 22.32 20.69 13.59
C LYS E 127 22.21 22.12 13.01
N PHE E 128 23.35 22.70 12.72
CA PHE E 128 23.43 24.08 12.23
C PHE E 128 22.69 24.19 10.90
N LEU E 129 22.92 23.23 9.98
CA LEU E 129 22.32 23.26 8.63
C LEU E 129 20.83 23.01 8.71
N ALA E 130 20.40 22.23 9.69
CA ALA E 130 18.95 22.03 9.91
C ALA E 130 18.28 23.31 10.46
N SER E 131 18.93 23.99 11.40
CA SER E 131 18.47 25.31 11.92
C SER E 131 18.41 26.40 10.79
N VAL E 132 19.41 26.44 9.91
CA VAL E 132 19.35 27.32 8.73
C VAL E 132 18.17 26.95 7.81
N SER E 133 17.92 25.65 7.66
CA SER E 133 16.82 25.18 6.80
C SER E 133 15.41 25.46 7.32
N THR E 134 15.20 25.32 8.62
CA THR E 134 13.90 25.75 9.19
C THR E 134 13.64 27.24 8.98
N VAL E 135 14.67 28.05 9.14
CA VAL E 135 14.51 29.48 8.96
C VAL E 135 14.09 29.74 7.52
N LEU E 136 14.80 29.16 6.59
CA LEU E 136 14.58 29.41 5.18
C LEU E 136 13.24 28.91 4.63
N THR E 137 12.66 27.93 5.30
CA THR E 137 11.38 27.36 4.92
C THR E 137 10.22 27.77 5.83
N SER E 138 10.51 28.55 6.89
CA SER E 138 9.65 28.86 8.09
C SER E 138 8.37 29.57 7.81
N LYS E 139 8.35 30.41 6.76
CA LYS E 139 7.14 31.07 6.27
C LYS E 139 6.37 30.11 5.36
N VAL F 1 17.66 -1.44 -8.22
CA VAL F 1 18.34 -0.14 -8.49
C VAL F 1 19.10 -0.18 -9.80
N HIS F 2 18.82 0.78 -10.66
CA HIS F 2 19.33 0.79 -12.03
C HIS F 2 20.55 1.73 -12.14
N LEU F 3 21.74 1.12 -12.22
CA LEU F 3 22.97 1.84 -12.47
C LEU F 3 23.44 1.61 -13.90
N THR F 4 24.09 2.61 -14.45
CA THR F 4 24.75 2.48 -15.74
C THR F 4 25.96 1.55 -15.55
N PRO F 5 26.46 0.93 -16.63
CA PRO F 5 27.73 0.21 -16.52
C PRO F 5 28.90 1.07 -15.88
N GLU F 6 29.05 2.31 -16.34
CA GLU F 6 30.02 3.26 -15.81
C GLU F 6 29.86 3.37 -14.29
N GLU F 7 28.64 3.61 -13.87
CA GLU F 7 28.33 3.77 -12.45
C GLU F 7 28.66 2.51 -11.67
N LYS F 8 28.23 1.36 -12.21
CA LYS F 8 28.52 0.04 -11.63
C LYS F 8 30.02 -0.19 -11.32
N SER F 9 30.89 0.05 -12.30
CA SER F 9 32.33 -0.18 -12.08
C SER F 9 33.02 0.94 -11.28
N ALA F 10 32.48 2.14 -11.25
CA ALA F 10 32.97 3.13 -10.28
C ALA F 10 32.65 2.73 -8.81
N VAL F 11 31.46 2.15 -8.59
CA VAL F 11 31.06 1.75 -7.25
C VAL F 11 31.91 0.57 -6.78
N THR F 12 32.08 -0.39 -7.67
CA THR F 12 32.87 -1.61 -7.38
C THR F 12 34.34 -1.34 -7.16
N ALA F 13 34.86 -0.45 -7.98
CA ALA F 13 36.26 0.01 -7.84
C ALA F 13 36.51 0.70 -6.49
N LEU F 14 35.62 1.63 -6.08
CA LEU F 14 35.82 2.34 -4.83
C LEU F 14 35.63 1.40 -3.63
N TRP F 15 34.69 0.48 -3.73
CA TRP F 15 34.40 -0.44 -2.60
C TRP F 15 35.56 -1.45 -2.31
N GLY F 16 36.26 -1.88 -3.35
CA GLY F 16 37.48 -2.64 -3.21
C GLY F 16 38.51 -2.04 -2.28
N LYS F 17 38.54 -0.73 -2.16
CA LYS F 17 39.51 -0.06 -1.26
C LYS F 17 38.94 0.13 0.16
N VAL F 18 37.73 -0.37 0.42
CA VAL F 18 37.11 -0.15 1.71
C VAL F 18 37.54 -1.17 2.71
N ASN F 19 38.03 -0.69 3.85
CA ASN F 19 38.41 -1.56 4.95
C ASN F 19 37.13 -2.13 5.60
N VAL F 20 36.85 -3.39 5.25
CA VAL F 20 35.69 -4.17 5.74
C VAL F 20 35.93 -4.45 7.27
N ASP F 21 35.27 -3.79 8.23
CA ASP F 21 35.74 -3.87 9.68
C ASP F 21 35.51 -2.43 10.04
N GLU F 22 36.35 -1.59 9.45
CA GLU F 22 36.61 -0.34 10.12
C GLU F 22 35.53 0.63 9.71
N VAL F 23 35.15 0.65 8.44
CA VAL F 23 34.12 1.62 7.97
C VAL F 23 32.77 1.39 8.60
N GLY F 24 32.41 0.14 8.84
CA GLY F 24 31.11 -0.20 9.45
C GLY F 24 30.94 0.36 10.84
N GLY F 25 31.98 0.25 11.60
CA GLY F 25 31.97 0.80 12.95
C GLY F 25 32.03 2.31 12.94
N GLU F 26 32.75 2.89 11.98
CA GLU F 26 32.67 4.36 11.88
C GLU F 26 31.28 4.84 11.48
N ALA F 27 30.62 4.12 10.58
CA ALA F 27 29.33 4.56 10.10
C ALA F 27 28.33 4.45 11.24
N LEU F 28 28.32 3.28 11.86
CA LEU F 28 27.41 3.02 12.98
C LEU F 28 27.68 3.96 14.15
N GLY F 29 28.94 4.18 14.49
CA GLY F 29 29.26 5.13 15.52
C GLY F 29 28.75 6.54 15.26
N ARG F 30 28.96 7.03 14.02
CA ARG F 30 28.46 8.37 13.66
C ARG F 30 26.94 8.45 13.70
N LEU F 31 26.24 7.38 13.34
CA LEU F 31 24.77 7.34 13.49
C LEU F 31 24.36 7.61 14.92
N LEU F 32 25.00 6.92 15.85
CA LEU F 32 24.69 7.06 17.27
C LEU F 32 25.05 8.42 17.86
N VAL F 33 26.07 9.10 17.33
CA VAL F 33 26.42 10.44 17.75
C VAL F 33 25.54 11.53 17.11
N VAL F 34 25.35 11.44 15.81
CA VAL F 34 24.63 12.48 15.06
C VAL F 34 23.12 12.39 15.33
N TYR F 35 22.60 11.18 15.54
CA TYR F 35 21.14 10.93 15.73
C TYR F 35 20.92 10.13 17.02
N PRO F 36 20.95 10.82 18.18
CA PRO F 36 21.20 10.09 19.43
C PRO F 36 20.06 9.17 19.84
N TRP F 37 18.86 9.40 19.34
CA TRP F 37 17.74 8.50 19.62
C TRP F 37 18.03 7.09 19.15
N THR F 38 18.93 6.90 18.21
CA THR F 38 19.28 5.55 17.74
C THR F 38 19.95 4.69 18.82
N GLN F 39 20.45 5.34 19.85
CA GLN F 39 21.07 4.63 20.95
C GLN F 39 20.08 3.75 21.69
N ARG F 40 18.81 4.11 21.67
CA ARG F 40 17.77 3.33 22.30
C ARG F 40 17.82 1.86 21.89
N PHE F 41 18.22 1.60 20.65
CA PHE F 41 18.30 0.23 20.16
C PHE F 41 19.53 -0.54 20.56
N PHE F 42 20.45 0.13 21.23
CA PHE F 42 21.74 -0.45 21.56
C PHE F 42 22.10 -0.26 23.08
N GLU F 43 21.12 -0.35 23.99
CA GLU F 43 21.38 -0.13 25.45
C GLU F 43 22.37 -1.17 26.04
N SER F 44 22.24 -2.43 25.66
CA SER F 44 23.18 -3.49 25.97
C SER F 44 24.62 -3.31 25.44
N PHE F 45 24.92 -2.30 24.65
CA PHE F 45 26.29 -2.10 24.12
C PHE F 45 27.21 -1.40 25.15
N GLY F 46 26.69 -0.97 26.29
CA GLY F 46 27.50 -0.36 27.32
C GLY F 46 27.66 1.13 27.13
N ASP F 47 28.89 1.61 27.23
CA ASP F 47 29.19 3.05 27.30
C ASP F 47 29.01 3.82 25.96
N LEU F 48 28.00 4.71 25.91
CA LEU F 48 27.67 5.53 24.71
C LEU F 48 27.45 7.01 25.04
N SER F 49 27.96 7.42 26.20
CA SER F 49 27.66 8.72 26.78
C SER F 49 28.40 9.93 26.13
N THR F 50 29.45 9.66 25.34
CA THR F 50 30.19 10.71 24.67
C THR F 50 30.63 10.20 23.28
N PRO F 51 30.95 11.11 22.34
CA PRO F 51 31.44 10.64 21.02
C PRO F 51 32.64 9.66 21.07
N ASP F 52 33.64 9.99 21.87
CA ASP F 52 34.81 9.14 22.01
C ASP F 52 34.47 7.74 22.56
N ALA F 53 33.58 7.68 23.56
CA ALA F 53 33.08 6.40 24.10
C ALA F 53 32.37 5.56 23.03
N VAL F 54 31.54 6.21 22.22
CA VAL F 54 30.85 5.53 21.07
C VAL F 54 31.81 4.96 20.01
N MET F 55 32.75 5.80 19.54
CA MET F 55 33.69 5.38 18.52
C MET F 55 34.64 4.31 19.00
N GLY F 56 35.04 4.37 20.26
CA GLY F 56 35.94 3.35 20.82
C GLY F 56 35.28 2.16 21.49
N ASN F 57 33.97 2.03 21.32
CA ASN F 57 33.23 0.92 21.94
C ASN F 57 33.36 -0.38 21.10
N PRO F 58 33.91 -1.46 21.68
CA PRO F 58 34.16 -2.65 20.83
C PRO F 58 32.92 -3.35 20.25
N LYS F 59 31.76 -3.18 20.89
CA LYS F 59 30.47 -3.70 20.33
C LYS F 59 29.91 -2.88 19.16
N VAL F 60 30.04 -1.57 19.21
CA VAL F 60 29.78 -0.74 18.03
C VAL F 60 30.66 -1.23 16.86
N LYS F 61 31.96 -1.36 17.08
CA LYS F 61 32.87 -1.88 16.04
C LYS F 61 32.40 -3.23 15.50
N ALA F 62 32.12 -4.16 16.39
CA ALA F 62 31.80 -5.51 15.96
C ALA F 62 30.45 -5.57 15.25
N HIS F 63 29.48 -4.83 15.75
CA HIS F 63 28.22 -4.76 15.06
C HIS F 63 28.26 -3.99 13.73
N GLY F 64 29.06 -2.92 13.70
CA GLY F 64 29.40 -2.17 12.47
C GLY F 64 29.86 -3.07 11.35
N LYS F 65 30.59 -4.11 11.70
CA LYS F 65 31.18 -4.99 10.72
C LYS F 65 30.10 -5.77 10.06
N LYS F 66 29.10 -6.17 10.84
CA LYS F 66 28.00 -6.96 10.31
C LYS F 66 27.11 -6.16 9.40
N VAL F 67 26.88 -4.92 9.79
CA VAL F 67 26.07 -4.02 9.00
C VAL F 67 26.70 -3.79 7.64
N LEU F 68 27.98 -3.47 7.64
CA LEU F 68 28.71 -3.29 6.40
C LEU F 68 28.86 -4.53 5.53
N GLY F 69 28.89 -5.70 6.15
CA GLY F 69 28.84 -7.00 5.38
C GLY F 69 27.54 -7.21 4.59
N ALA F 70 26.41 -6.85 5.19
CA ALA F 70 25.14 -6.86 4.48
C ALA F 70 25.12 -5.85 3.34
N PHE F 71 25.70 -4.65 3.55
CA PHE F 71 25.88 -3.69 2.41
C PHE F 71 26.64 -4.34 1.27
N SER F 72 27.72 -5.07 1.58
CA SER F 72 28.49 -5.74 0.49
C SER F 72 27.67 -6.79 -0.28
N ASP F 73 26.88 -7.63 0.42
CA ASP F 73 25.88 -8.49 -0.24
C ASP F 73 24.97 -7.73 -1.18
N GLY F 74 24.55 -6.56 -0.76
CA GLY F 74 23.75 -5.69 -1.61
C GLY F 74 24.44 -5.35 -2.91
N LEU F 75 25.69 -4.95 -2.81
CA LEU F 75 26.47 -4.48 -3.99
C LEU F 75 26.69 -5.59 -4.95
N ALA F 76 26.77 -6.81 -4.43
CA ALA F 76 26.90 -8.02 -5.27
C ALA F 76 25.58 -8.43 -5.95
N HIS F 77 24.43 -7.93 -5.47
CA HIS F 77 23.12 -8.30 -5.97
C HIS F 77 22.17 -7.12 -6.21
N LEU F 78 22.59 -6.12 -6.98
CA LEU F 78 21.81 -4.91 -7.16
C LEU F 78 20.50 -5.08 -7.89
N ASP F 79 20.42 -6.10 -8.74
CA ASP F 79 19.15 -6.48 -9.33
C ASP F 79 18.20 -7.28 -8.38
N ASN F 80 18.57 -7.53 -7.13
CA ASN F 80 17.76 -8.32 -6.21
C ASN F 80 17.90 -7.92 -4.75
N LEU F 81 17.78 -6.61 -4.50
CA LEU F 81 17.93 -6.06 -3.13
C LEU F 81 16.81 -6.45 -2.20
N LYS F 82 15.60 -6.42 -2.70
CA LYS F 82 14.45 -6.82 -1.91
C LYS F 82 14.61 -8.28 -1.38
N GLY F 83 14.96 -9.22 -2.26
CA GLY F 83 15.20 -10.59 -1.90
C GLY F 83 16.37 -10.66 -0.97
N THR F 84 17.47 -9.98 -1.30
CA THR F 84 18.72 -10.10 -0.53
C THR F 84 18.47 -9.67 0.90
N PHE F 85 17.66 -8.65 1.07
CA PHE F 85 17.42 -8.06 2.42
C PHE F 85 16.10 -8.54 3.09
N ALA F 86 15.46 -9.56 2.52
CA ALA F 86 14.09 -9.95 2.97
C ALA F 86 14.08 -10.38 4.41
N THR F 87 15.05 -11.19 4.81
CA THR F 87 15.12 -11.69 6.19
C THR F 87 15.50 -10.55 7.12
N LEU F 88 16.44 -9.67 6.68
CA LEU F 88 16.79 -8.54 7.49
C LEU F 88 15.65 -7.52 7.65
N SER F 89 14.78 -7.40 6.68
CA SER F 89 13.64 -6.52 6.74
C SER F 89 12.69 -7.01 7.79
N GLU F 90 12.39 -8.28 7.73
CA GLU F 90 11.69 -8.93 8.86
C GLU F 90 12.21 -8.72 10.25
N LEU F 91 13.52 -8.86 10.42
CA LEU F 91 14.18 -8.73 11.68
C LEU F 91 14.01 -7.28 12.16
N HIS F 92 14.33 -6.31 11.28
CA HIS F 92 14.32 -4.91 11.70
C HIS F 92 12.87 -4.45 12.09
N CYS F 93 11.84 -5.01 11.49
CA CYS F 93 10.44 -4.62 11.70
C CYS F 93 9.77 -5.40 12.80
N ASP F 94 9.68 -6.71 12.64
CA ASP F 94 8.94 -7.59 13.53
C ASP F 94 9.68 -7.81 14.85
N LYS F 95 11.01 -7.79 14.85
CA LYS F 95 11.80 -8.15 16.03
C LYS F 95 12.41 -6.96 16.72
N LEU F 96 12.95 -6.02 15.95
CA LEU F 96 13.59 -4.88 16.52
C LEU F 96 12.81 -3.64 16.58
N HIS F 97 11.79 -3.53 15.75
CA HIS F 97 10.91 -2.34 15.67
C HIS F 97 11.58 -1.01 15.35
N VAL F 98 12.47 -1.06 14.36
CA VAL F 98 13.16 0.11 13.93
C VAL F 98 12.31 0.88 12.92
N ASP F 99 12.06 2.17 13.18
CA ASP F 99 11.44 2.98 12.20
C ASP F 99 12.32 3.05 10.94
N PRO F 100 11.74 2.80 9.77
CA PRO F 100 12.51 2.88 8.50
C PRO F 100 13.18 4.18 8.11
N GLU F 101 12.73 5.31 8.61
CA GLU F 101 13.48 6.55 8.38
C GLU F 101 14.91 6.39 8.83
N ASN F 102 15.12 5.60 9.90
CA ASN F 102 16.50 5.41 10.35
C ASN F 102 17.42 4.71 9.34
N PHE F 103 16.84 3.92 8.45
CA PHE F 103 17.60 3.25 7.38
C PHE F 103 18.20 4.31 6.42
N ARG F 104 17.40 5.30 6.11
CA ARG F 104 17.86 6.41 5.25
C ARG F 104 18.99 7.21 5.91
N LEU F 105 18.90 7.40 7.22
CA LEU F 105 19.95 8.10 7.94
C LEU F 105 21.30 7.41 7.99
N LEU F 106 21.29 6.10 8.18
CA LEU F 106 22.52 5.37 8.18
C LEU F 106 23.16 5.46 6.81
N GLY F 107 22.33 5.34 5.75
CA GLY F 107 22.82 5.26 4.42
C GLY F 107 23.60 6.53 4.15
N ASN F 108 23.05 7.66 4.55
CA ASN F 108 23.72 8.95 4.34
C ASN F 108 24.95 9.21 5.20
N VAL F 109 24.94 8.66 6.43
CA VAL F 109 26.13 8.65 7.26
C VAL F 109 27.24 7.84 6.59
N LEU F 110 26.90 6.68 6.04
CA LEU F 110 27.87 5.87 5.30
C LEU F 110 28.43 6.65 4.11
N VAL F 111 27.58 7.39 3.40
CA VAL F 111 28.04 8.27 2.33
C VAL F 111 29.02 9.33 2.87
N CYS F 112 28.72 9.95 4.01
CA CYS F 112 29.65 10.90 4.58
C CYS F 112 30.96 10.23 4.94
N VAL F 113 30.92 9.00 5.44
CA VAL F 113 32.20 8.33 5.81
C VAL F 113 33.03 8.00 4.63
N LEU F 114 32.42 7.53 3.54
CA LEU F 114 33.14 7.29 2.30
C LEU F 114 33.81 8.59 1.82
N ALA F 115 33.10 9.71 1.89
CA ALA F 115 33.64 11.00 1.46
C ALA F 115 34.80 11.43 2.34
N HIS F 116 34.63 11.28 3.65
CA HIS F 116 35.69 11.52 4.61
C HIS F 116 37.01 10.77 4.27
N HIS F 117 36.92 9.48 3.94
CA HIS F 117 38.08 8.59 3.65
C HIS F 117 38.67 8.86 2.34
N PHE F 118 37.85 9.03 1.31
CA PHE F 118 38.35 9.12 -0.07
C PHE F 118 38.55 10.50 -0.61
N GLY F 119 38.13 11.54 0.11
CA GLY F 119 38.38 12.94 -0.30
C GLY F 119 38.01 13.17 -1.75
N LYS F 120 38.89 13.84 -2.49
CA LYS F 120 38.69 14.09 -3.93
C LYS F 120 38.22 12.92 -4.79
N GLU F 121 38.60 11.71 -4.43
CA GLU F 121 38.23 10.55 -5.20
C GLU F 121 36.73 10.24 -5.10
N PHE F 122 36.06 10.78 -4.07
CA PHE F 122 34.61 10.56 -3.92
C PHE F 122 33.95 11.72 -4.70
N THR F 123 34.03 11.60 -6.02
CA THR F 123 33.59 12.67 -6.94
C THR F 123 32.07 12.77 -6.95
N PRO F 124 31.53 13.86 -7.48
CA PRO F 124 30.08 13.92 -7.48
C PRO F 124 29.42 12.81 -8.26
N PRO F 125 29.95 12.42 -9.43
CA PRO F 125 29.28 11.25 -10.10
C PRO F 125 29.36 9.95 -9.32
N VAL F 126 30.45 9.77 -8.54
CA VAL F 126 30.61 8.58 -7.67
C VAL F 126 29.57 8.62 -6.49
N GLN F 127 29.44 9.79 -5.86
CA GLN F 127 28.40 9.99 -4.89
C GLN F 127 27.03 9.66 -5.45
N ALA F 128 26.76 10.13 -6.62
CA ALA F 128 25.42 9.90 -7.19
C ALA F 128 25.08 8.43 -7.31
N ALA F 129 26.07 7.65 -7.69
CA ALA F 129 25.93 6.20 -7.82
C ALA F 129 25.73 5.54 -6.47
N TYR F 130 26.52 5.90 -5.47
CA TYR F 130 26.28 5.45 -4.10
C TYR F 130 24.98 5.88 -3.48
N GLN F 131 24.45 7.06 -3.84
CA GLN F 131 23.17 7.48 -3.31
C GLN F 131 22.10 6.59 -3.88
N LYS F 132 22.18 6.18 -5.15
CA LYS F 132 21.19 5.20 -5.64
C LYS F 132 21.23 3.90 -4.86
N VAL F 133 22.43 3.44 -4.50
CA VAL F 133 22.65 2.15 -3.83
C VAL F 133 22.02 2.22 -2.43
N VAL F 134 22.36 3.25 -1.65
CA VAL F 134 21.89 3.32 -0.22
C VAL F 134 20.39 3.59 -0.15
N ALA F 135 19.86 4.35 -1.08
CA ALA F 135 18.43 4.40 -1.22
C ALA F 135 17.85 3.03 -1.53
N GLY F 136 18.46 2.30 -2.41
CA GLY F 136 17.93 0.96 -2.73
C GLY F 136 17.99 0.01 -1.55
N VAL F 137 19.05 0.12 -0.77
CA VAL F 137 19.19 -0.67 0.45
C VAL F 137 18.16 -0.26 1.48
N ALA F 138 18.03 1.04 1.72
CA ALA F 138 16.97 1.50 2.67
C ALA F 138 15.56 1.08 2.30
N ASN F 139 15.22 1.24 1.04
CA ASN F 139 13.94 0.73 0.53
C ASN F 139 13.71 -0.78 0.69
N ALA F 140 14.75 -1.57 0.43
CA ALA F 140 14.66 -3.01 0.56
C ALA F 140 14.50 -3.38 2.05
N LEU F 141 15.24 -2.75 2.95
CA LEU F 141 15.08 -3.02 4.38
C LEU F 141 13.72 -2.68 4.92
N ALA F 142 13.08 -1.74 4.29
CA ALA F 142 11.70 -1.31 4.63
C ALA F 142 10.60 -2.09 3.98
N HIS F 143 10.93 -2.99 3.07
CA HIS F 143 9.94 -3.74 2.34
C HIS F 143 8.93 -4.62 3.08
N LYS F 144 9.36 -5.41 4.06
CA LYS F 144 8.45 -6.20 4.91
C LYS F 144 7.72 -5.46 5.96
N TYR F 145 7.94 -4.16 6.13
CA TYR F 145 7.03 -3.36 7.01
C TYR F 145 5.73 -3.16 6.28
N HIS F 146 5.66 -3.48 4.99
CA HIS F 146 4.36 -3.40 4.26
C HIS F 146 4.16 -4.39 3.07
N SER G 3 1.63 32.18 13.51
CA SER G 3 1.02 33.51 13.24
C SER G 3 0.00 33.86 14.31
N PRO G 4 -0.39 35.16 14.42
CA PRO G 4 -1.49 35.47 15.38
C PRO G 4 -2.83 34.74 15.07
N ALA G 5 -3.19 34.65 13.78
CA ALA G 5 -4.38 33.92 13.32
C ALA G 5 -4.29 32.40 13.62
N ASP G 6 -3.10 31.81 13.50
CA ASP G 6 -2.87 30.42 13.95
C ASP G 6 -3.22 30.25 15.46
N LYS G 7 -2.72 31.14 16.31
CA LYS G 7 -2.98 31.06 17.77
C LYS G 7 -4.48 31.15 18.09
N THR G 8 -5.18 32.06 17.40
CA THR G 8 -6.64 32.20 17.49
C THR G 8 -7.34 30.90 17.07
N ASN G 9 -6.92 30.30 15.97
CA ASN G 9 -7.60 29.12 15.45
C ASN G 9 -7.39 27.93 16.38
N VAL G 10 -6.18 27.79 16.94
CA VAL G 10 -5.88 26.71 17.86
C VAL G 10 -6.69 26.87 19.16
N LYS G 11 -6.66 28.06 19.77
CA LYS G 11 -7.38 28.32 21.03
C LYS G 11 -8.88 28.10 20.89
N ALA G 12 -9.44 28.50 19.75
CA ALA G 12 -10.88 28.29 19.47
C ALA G 12 -11.24 26.79 19.30
N ALA G 13 -10.49 26.10 18.46
CA ALA G 13 -10.76 24.67 18.18
C ALA G 13 -10.50 23.76 19.37
N TRP G 14 -9.34 23.94 19.99
CA TRP G 14 -9.00 23.17 21.16
C TRP G 14 -9.91 23.47 22.35
N GLY G 15 -10.28 24.73 22.57
CA GLY G 15 -11.16 25.10 23.66
C GLY G 15 -12.50 24.39 23.61
N LYS G 16 -12.90 23.92 22.43
CA LYS G 16 -14.12 23.10 22.26
C LYS G 16 -13.98 21.64 22.57
N VAL G 17 -12.76 21.20 22.83
CA VAL G 17 -12.53 19.83 23.25
C VAL G 17 -13.19 19.69 24.65
N GLY G 18 -12.89 20.66 25.54
CA GLY G 18 -13.50 20.74 26.85
C GLY G 18 -13.32 19.46 27.63
N ALA G 19 -14.43 18.91 28.10
CA ALA G 19 -14.41 17.68 28.93
C ALA G 19 -14.12 16.40 28.16
N HIS G 20 -14.13 16.44 26.84
CA HIS G 20 -13.78 15.29 26.01
C HIS G 20 -12.27 15.05 25.88
N ALA G 21 -11.44 15.83 26.58
CA ALA G 21 -9.97 15.81 26.39
C ALA G 21 -9.37 14.45 26.45
N GLY G 22 -9.69 13.76 27.53
CA GLY G 22 -9.27 12.40 27.73
C GLY G 22 -9.73 11.43 26.68
N GLU G 23 -11.01 11.50 26.31
CA GLU G 23 -11.60 10.63 25.31
C GLU G 23 -10.84 10.80 23.95
N TYR G 24 -10.55 12.03 23.56
CA TYR G 24 -9.88 12.30 22.30
C TYR G 24 -8.41 11.93 22.33
N GLY G 25 -7.73 12.19 23.42
CA GLY G 25 -6.32 11.76 23.56
C GLY G 25 -6.19 10.24 23.52
N ALA G 26 -7.12 9.56 24.18
CA ALA G 26 -7.16 8.09 24.14
C ALA G 26 -7.45 7.55 22.74
N GLU G 27 -8.38 8.18 22.03
CA GLU G 27 -8.68 7.78 20.69
C GLU G 27 -7.46 7.95 19.77
N ALA G 28 -6.79 9.08 19.91
CA ALA G 28 -5.64 9.37 19.10
C ALA G 28 -4.55 8.31 19.35
N LEU G 29 -4.29 8.01 20.59
CA LEU G 29 -3.31 6.91 20.92
C LEU G 29 -3.74 5.57 20.30
N GLU G 30 -5.01 5.24 20.41
CA GLU G 30 -5.51 3.98 19.83
C GLU G 30 -5.30 4.00 18.31
N ARG G 31 -5.64 5.13 17.69
CA ARG G 31 -5.40 5.28 16.24
C ARG G 31 -3.89 5.07 15.88
N MET G 32 -3.02 5.65 16.66
CA MET G 32 -1.63 5.48 16.42
C MET G 32 -1.20 4.01 16.57
N PHE G 33 -1.67 3.33 17.63
CA PHE G 33 -1.22 1.95 17.88
C PHE G 33 -1.67 0.99 16.84
N LEU G 34 -2.83 1.22 16.29
CA LEU G 34 -3.35 0.33 15.25
C LEU G 34 -2.77 0.63 13.90
N SER G 35 -2.62 1.91 13.58
CA SER G 35 -2.07 2.27 12.30
C SER G 35 -0.59 2.05 12.19
N PHE G 36 0.14 2.29 13.28
CA PHE G 36 1.60 2.33 13.23
C PHE G 36 2.20 1.48 14.39
N PRO G 37 2.13 0.15 14.22
CA PRO G 37 2.31 -0.73 15.37
C PRO G 37 3.69 -0.74 16.01
N THR G 38 4.70 -0.22 15.30
CA THR G 38 5.99 0.05 15.91
C THR G 38 5.90 0.97 17.16
N THR G 39 4.86 1.81 17.26
CA THR G 39 4.77 2.66 18.36
C THR G 39 4.47 1.91 19.68
N LYS G 40 3.93 0.71 19.58
CA LYS G 40 3.52 -0.06 20.79
C LYS G 40 4.67 -0.49 21.71
N THR G 41 5.87 -0.61 21.15
CA THR G 41 6.99 -0.95 21.99
C THR G 41 7.32 0.05 23.08
N TYR G 42 6.91 1.32 22.95
CA TYR G 42 7.21 2.29 23.98
C TYR G 42 6.34 2.04 25.25
N PHE G 43 5.34 1.14 25.15
CA PHE G 43 4.38 0.91 26.25
C PHE G 43 4.43 -0.52 26.80
N PRO G 44 5.60 -0.95 27.32
CA PRO G 44 5.73 -2.37 27.65
C PRO G 44 4.70 -2.99 28.57
N HIS G 45 4.11 -2.35 29.49
CA HIS G 45 3.10 -3.35 30.03
C HIS G 45 1.65 -3.03 29.82
N PHE G 46 1.38 -2.15 28.88
CA PHE G 46 0.09 -1.55 28.83
C PHE G 46 -0.89 -2.53 28.19
N ASP G 47 -2.10 -2.54 28.75
CA ASP G 47 -3.25 -3.12 28.06
C ASP G 47 -3.61 -2.11 26.95
N LEU G 48 -3.45 -2.51 25.69
CA LEU G 48 -3.69 -1.58 24.58
C LEU G 48 -4.96 -1.92 23.81
N SER G 49 -5.84 -2.75 24.39
CA SER G 49 -7.14 -3.10 23.75
C SER G 49 -7.96 -1.85 23.70
N HIS G 50 -9.04 -1.94 22.92
CA HIS G 50 -9.98 -0.86 22.75
C HIS G 50 -10.58 -0.23 24.04
N GLY G 51 -11.17 -0.96 24.94
CA GLY G 51 -11.62 -0.16 26.12
C GLY G 51 -10.63 0.38 27.19
N SER G 52 -9.32 0.12 27.01
CA SER G 52 -8.33 0.11 28.15
C SER G 52 -8.35 1.34 29.08
N ALA G 53 -8.48 1.07 30.37
CA ALA G 53 -8.38 2.07 31.40
C ALA G 53 -7.00 2.74 31.35
N GLN G 54 -5.98 1.93 31.16
CA GLN G 54 -4.63 2.49 31.02
C GLN G 54 -4.44 3.47 29.84
N VAL G 55 -5.03 3.15 28.69
CA VAL G 55 -4.93 4.05 27.56
C VAL G 55 -5.72 5.29 27.85
N LYS G 56 -6.90 5.18 28.49
CA LYS G 56 -7.72 6.36 28.84
C LYS G 56 -7.03 7.31 29.81
N GLY G 57 -6.35 6.76 30.83
CA GLY G 57 -5.58 7.54 31.77
C GLY G 57 -4.42 8.26 31.09
N HIS G 58 -3.67 7.54 30.27
CA HIS G 58 -2.60 8.14 29.52
C HIS G 58 -3.07 9.20 28.48
N GLY G 59 -4.14 8.91 27.77
CA GLY G 59 -4.77 9.88 26.84
C GLY G 59 -5.06 11.22 27.53
N LYS G 60 -5.57 11.17 28.78
CA LYS G 60 -5.89 12.36 29.55
C LYS G 60 -4.66 13.23 29.89
N LYS G 61 -3.55 12.58 30.23
CA LYS G 61 -2.30 13.29 30.45
C LYS G 61 -1.79 13.97 29.20
N VAL G 62 -1.90 13.29 28.06
CA VAL G 62 -1.42 13.80 26.79
C VAL G 62 -2.27 15.03 26.40
N ALA G 63 -3.59 14.86 26.48
CA ALA G 63 -4.52 15.90 26.16
C ALA G 63 -4.40 17.11 27.09
N ASP G 64 -4.20 16.86 28.38
CA ASP G 64 -3.98 17.96 29.35
C ASP G 64 -2.65 18.69 29.12
N ALA G 65 -1.58 17.99 28.78
CA ALA G 65 -0.34 18.66 28.35
C ALA G 65 -0.57 19.57 27.11
N LEU G 66 -1.42 19.14 26.16
CA LEU G 66 -1.76 19.96 25.00
C LEU G 66 -2.57 21.25 25.35
N THR G 67 -3.51 21.16 26.30
CA THR G 67 -4.22 22.32 26.82
C THR G 67 -3.24 23.29 27.49
N ASN G 68 -2.31 22.76 28.28
CA ASN G 68 -1.24 23.56 28.84
C ASN G 68 -0.35 24.20 27.78
N ALA G 69 0.01 23.45 26.73
CA ALA G 69 0.73 24.05 25.58
C ALA G 69 -0.11 25.15 24.92
N VAL G 70 -1.42 24.94 24.74
CA VAL G 70 -2.30 25.97 24.19
C VAL G 70 -2.30 27.24 25.06
N ALA G 71 -2.35 27.09 26.37
CA ALA G 71 -2.35 28.22 27.32
C ALA G 71 -0.98 28.97 27.36
N HIS G 72 0.12 28.30 26.97
CA HIS G 72 1.47 28.88 26.97
C HIS G 72 2.09 28.88 25.57
N VAL G 73 1.29 29.26 24.55
CA VAL G 73 1.73 29.12 23.13
C VAL G 73 3.03 29.91 22.84
N ASP G 74 3.12 31.09 23.45
CA ASP G 74 4.23 32.01 23.26
C ASP G 74 5.49 31.60 24.04
N ASP G 75 5.43 30.50 24.79
CA ASP G 75 6.34 30.20 25.88
C ASP G 75 6.60 28.69 26.04
N MET G 76 6.49 27.91 24.96
CA MET G 76 6.41 26.47 25.09
C MET G 76 7.70 25.81 25.55
N PRO G 77 8.87 26.28 25.08
CA PRO G 77 10.08 25.62 25.57
C PRO G 77 10.14 25.56 27.09
N ASN G 78 9.78 26.66 27.75
CA ASN G 78 9.79 26.70 29.22
C ASN G 78 8.63 25.85 29.83
N ALA G 79 7.44 25.91 29.25
CA ALA G 79 6.29 25.23 29.82
C ALA G 79 6.33 23.70 29.66
N LEU G 80 6.88 23.20 28.56
CA LEU G 80 7.01 21.76 28.32
C LEU G 80 8.38 21.14 28.67
N SER G 81 9.18 21.89 29.41
CA SER G 81 10.55 21.55 29.74
C SER G 81 10.73 20.13 30.31
N ALA G 82 9.87 19.73 31.24
CA ALA G 82 9.99 18.41 31.86
C ALA G 82 9.61 17.31 30.87
N LEU G 83 8.70 17.62 29.95
CA LEU G 83 8.30 16.62 28.90
C LEU G 83 9.38 16.37 27.86
N SER G 84 10.15 17.40 27.57
CA SER G 84 11.31 17.22 26.72
C SER G 84 12.37 16.35 27.39
N ASP G 85 12.66 16.61 28.65
CA ASP G 85 13.49 15.72 29.48
C ASP G 85 13.04 14.27 29.32
N LEU G 86 11.75 14.05 29.50
CA LEU G 86 11.21 12.69 29.51
C LEU G 86 11.27 12.05 28.14
N HIS G 87 10.72 12.74 27.14
CA HIS G 87 10.58 12.14 25.81
C HIS G 87 11.93 12.04 25.13
N ALA G 88 12.77 13.07 25.20
CA ALA G 88 14.10 13.03 24.50
C ALA G 88 15.25 12.41 25.31
N HIS G 89 15.39 12.72 26.58
CA HIS G 89 16.52 12.08 27.28
C HIS G 89 16.23 10.75 27.80
N LYS G 90 15.10 10.58 28.47
CA LYS G 90 14.85 9.29 29.10
C LYS G 90 14.31 8.25 28.12
N LEU G 91 13.16 8.51 27.53
CA LEU G 91 12.51 7.54 26.60
C LEU G 91 13.18 7.39 25.24
N ARG G 92 13.84 8.44 24.75
CA ARG G 92 14.56 8.41 23.48
C ARG G 92 13.57 8.13 22.35
N VAL G 93 12.44 8.82 22.36
CA VAL G 93 11.43 8.62 21.37
C VAL G 93 11.87 9.11 19.98
N ASP G 94 11.83 8.23 19.00
CA ASP G 94 12.22 8.61 17.65
C ASP G 94 11.29 9.76 17.21
N PRO G 95 11.83 10.86 16.65
CA PRO G 95 10.99 11.97 16.17
C PRO G 95 9.97 11.63 15.14
N VAL G 96 10.17 10.58 14.34
CA VAL G 96 9.10 10.13 13.48
C VAL G 96 7.78 9.95 14.28
N ASN G 97 7.84 9.43 15.49
CA ASN G 97 6.62 9.03 16.20
C ASN G 97 5.73 10.25 16.61
N PHE G 98 6.33 11.43 16.75
CA PHE G 98 5.58 12.67 16.96
C PHE G 98 4.76 13.11 15.79
N LYS G 99 5.33 12.99 14.61
CA LYS G 99 4.53 13.15 13.36
C LYS G 99 3.34 12.17 13.29
N LEU G 100 3.58 10.93 13.72
CA LEU G 100 2.52 9.90 13.74
C LEU G 100 1.42 10.18 14.70
N LEU G 101 1.77 10.63 15.88
CA LEU G 101 0.71 10.99 16.83
C LEU G 101 -0.01 12.27 16.42
N SER G 102 0.76 13.25 15.94
CA SER G 102 0.16 14.51 15.46
C SER G 102 -0.89 14.23 14.37
N HIS G 103 -0.54 13.42 13.40
CA HIS G 103 -1.52 13.06 12.40
C HIS G 103 -2.79 12.43 13.05
N CYS G 104 -2.59 11.51 13.96
CA CYS G 104 -3.74 10.83 14.62
C CYS G 104 -4.61 11.75 15.50
N LEU G 105 -3.98 12.74 16.14
CA LEU G 105 -4.73 13.81 16.82
C LEU G 105 -5.59 14.63 15.82
N LEU G 106 -5.07 15.02 14.67
CA LEU G 106 -5.87 15.70 13.64
C LEU G 106 -7.00 14.86 13.11
N VAL G 107 -6.74 13.58 12.83
CA VAL G 107 -7.80 12.67 12.45
C VAL G 107 -8.94 12.59 13.49
N THR G 108 -8.54 12.45 14.74
CA THR G 108 -9.50 12.47 15.87
C THR G 108 -10.34 13.76 15.95
N LEU G 109 -9.69 14.90 15.86
CA LEU G 109 -10.45 16.14 15.83
C LEU G 109 -11.36 16.30 14.59
N ALA G 110 -10.90 15.83 13.45
CA ALA G 110 -11.74 15.89 12.26
C ALA G 110 -13.04 15.04 12.44
N ALA G 111 -12.89 13.87 13.03
CA ALA G 111 -14.01 12.96 13.29
C ALA G 111 -14.99 13.43 14.34
N HIS G 112 -14.54 14.19 15.33
CA HIS G 112 -15.41 14.65 16.41
C HIS G 112 -15.90 16.07 16.30
N LEU G 113 -15.13 16.98 15.67
CA LEU G 113 -15.45 18.36 15.61
C LEU G 113 -15.45 18.79 14.16
N PRO G 114 -16.27 18.12 13.32
CA PRO G 114 -16.32 18.53 11.90
C PRO G 114 -16.57 20.02 11.65
N ALA G 115 -17.50 20.62 12.36
CA ALA G 115 -17.77 22.07 12.11
C ALA G 115 -16.52 22.94 12.33
N GLU G 116 -15.63 22.52 13.25
CA GLU G 116 -14.44 23.28 13.62
C GLU G 116 -13.25 23.06 12.71
N PHE G 117 -13.20 21.88 12.09
CA PHE G 117 -12.04 21.44 11.35
C PHE G 117 -12.15 21.97 9.91
N THR G 118 -12.14 23.28 9.77
CA THR G 118 -12.06 23.91 8.46
C THR G 118 -10.63 23.73 7.91
N PRO G 119 -10.42 24.01 6.62
CA PRO G 119 -9.02 23.99 6.09
C PRO G 119 -8.01 24.89 6.83
N ALA G 120 -8.42 26.12 7.17
CA ALA G 120 -7.57 27.08 7.91
C ALA G 120 -7.19 26.59 9.30
N VAL G 121 -8.17 26.00 9.97
CA VAL G 121 -7.99 25.46 11.34
C VAL G 121 -7.07 24.23 11.33
N HIS G 122 -7.31 23.32 10.37
CA HIS G 122 -6.44 22.20 10.08
C HIS G 122 -4.99 22.64 9.90
N ALA G 123 -4.76 23.64 9.05
CA ALA G 123 -3.41 24.22 8.86
C ALA G 123 -2.79 24.70 10.18
N SER G 124 -3.52 25.53 10.91
CA SER G 124 -3.08 26.02 12.21
C SER G 124 -2.76 24.91 13.20
N LEU G 125 -3.68 23.95 13.34
CA LEU G 125 -3.47 22.79 14.26
C LEU G 125 -2.23 22.00 13.90
N ASP G 126 -2.06 21.74 12.60
CA ASP G 126 -0.89 21.01 12.11
C ASP G 126 0.40 21.78 12.50
N LYS G 127 0.41 23.10 12.38
CA LYS G 127 1.61 23.88 12.75
C LYS G 127 1.88 23.83 14.25
N PHE G 128 0.81 23.95 15.04
CA PHE G 128 0.88 23.94 16.49
C PHE G 128 1.46 22.61 16.99
N LEU G 129 0.94 21.49 16.46
CA LEU G 129 1.44 20.15 16.87
C LEU G 129 2.88 19.91 16.47
N ALA G 130 3.29 20.48 15.32
CA ALA G 130 4.71 20.38 14.90
C ALA G 130 5.61 21.16 15.84
N SER G 131 5.16 22.34 16.28
CA SER G 131 5.88 23.10 17.28
C SER G 131 6.01 22.39 18.61
N VAL G 132 4.91 21.83 19.09
CA VAL G 132 4.96 21.03 20.30
C VAL G 132 5.95 19.86 20.13
N SER G 133 5.94 19.23 18.96
CA SER G 133 6.89 18.13 18.70
C SER G 133 8.36 18.52 18.68
N THR G 134 8.68 19.68 18.09
CA THR G 134 10.04 20.26 18.17
C THR G 134 10.55 20.47 19.58
N VAL G 135 9.68 20.99 20.41
CA VAL G 135 10.01 21.17 21.81
C VAL G 135 10.30 19.83 22.54
N LEU G 136 9.43 18.87 22.35
CA LEU G 136 9.57 17.55 22.98
C LEU G 136 10.75 16.71 22.54
N THR G 137 11.22 16.96 21.32
CA THR G 137 12.39 16.28 20.74
C THR G 137 13.70 17.14 20.69
N SER G 138 13.64 18.40 21.18
CA SER G 138 14.63 19.53 21.04
C SER G 138 16.00 19.27 21.62
N LYS G 139 16.17 18.34 22.57
CA LYS G 139 17.57 17.88 22.93
C LYS G 139 18.26 16.87 21.88
N TYR G 140 18.30 17.26 20.61
CA TYR G 140 18.74 16.33 19.54
C TYR G 140 19.60 17.05 18.54
N VAL H 1 -0.09 -4.31 -1.42
CA VAL H 1 -0.55 -4.02 0.00
C VAL H 1 -1.46 -5.14 0.52
N HIS H 2 -1.09 -5.67 1.68
CA HIS H 2 -1.71 -6.87 2.23
C HIS H 2 -2.73 -6.51 3.31
N LEU H 3 -3.99 -6.60 2.94
CA LEU H 3 -5.09 -6.42 3.87
C LEU H 3 -5.75 -7.73 4.26
N THR H 4 -6.25 -7.81 5.49
CA THR H 4 -7.08 -8.94 5.96
C THR H 4 -8.39 -8.89 5.16
N PRO H 5 -9.07 -10.05 4.98
CA PRO H 5 -10.48 -9.99 4.47
C PRO H 5 -11.40 -8.97 5.20
N GLU H 6 -11.34 -8.97 6.52
CA GLU H 6 -11.97 -7.95 7.39
C GLU H 6 -11.69 -6.53 6.98
N GLU H 7 -10.40 -6.24 6.87
CA GLU H 7 -9.94 -4.92 6.46
C GLU H 7 -10.45 -4.56 5.06
N LYS H 8 -10.32 -5.50 4.12
CA LYS H 8 -10.77 -5.34 2.74
C LYS H 8 -12.24 -4.89 2.64
N SER H 9 -13.13 -5.58 3.34
CA SER H 9 -14.58 -5.23 3.23
C SER H 9 -14.97 -4.01 4.08
N ALA H 10 -14.22 -3.68 5.14
CA ALA H 10 -14.41 -2.39 5.80
C ALA H 10 -14.01 -1.19 4.89
N VAL H 11 -12.93 -1.36 4.11
CA VAL H 11 -12.51 -0.33 3.16
C VAL H 11 -13.50 -0.15 2.01
N THR H 12 -13.90 -1.26 1.39
CA THR H 12 -14.83 -1.21 0.27
C THR H 12 -16.23 -0.68 0.70
N ALA H 13 -16.69 -1.10 1.88
CA ALA H 13 -17.96 -0.60 2.44
C ALA H 13 -17.98 0.91 2.66
N LEU H 14 -16.93 1.43 3.30
CA LEU H 14 -16.83 2.86 3.50
C LEU H 14 -16.73 3.65 2.17
N TRP H 15 -15.98 3.13 1.21
CA TRP H 15 -15.71 3.88 -0.03
C TRP H 15 -16.95 4.02 -0.90
N GLY H 16 -17.81 3.01 -0.86
CA GLY H 16 -19.12 3.09 -1.50
C GLY H 16 -19.96 4.31 -1.11
N LYS H 17 -19.77 4.84 0.09
CA LYS H 17 -20.47 6.06 0.53
C LYS H 17 -19.72 7.36 0.20
N VAL H 18 -18.57 7.27 -0.45
CA VAL H 18 -17.81 8.46 -0.77
C VAL H 18 -18.37 9.17 -2.02
N ASN H 19 -18.62 10.46 -1.86
CA ASN H 19 -19.02 11.32 -2.95
C ASN H 19 -17.83 11.57 -3.90
N VAL H 20 -17.81 10.84 -5.02
CA VAL H 20 -16.70 10.87 -5.99
C VAL H 20 -16.50 12.25 -6.63
N ASP H 21 -17.54 13.07 -6.58
CA ASP H 21 -17.49 14.40 -7.16
C ASP H 21 -16.89 15.45 -6.22
N GLU H 22 -16.76 15.13 -4.93
CA GLU H 22 -16.39 16.11 -3.89
C GLU H 22 -15.11 15.87 -3.11
N VAL H 23 -14.92 14.64 -2.65
CA VAL H 23 -13.86 14.33 -1.69
C VAL H 23 -12.47 14.55 -2.27
N GLY H 24 -12.29 14.27 -3.56
CA GLY H 24 -11.05 14.55 -4.22
C GLY H 24 -10.67 16.02 -4.19
N GLY H 25 -11.63 16.90 -4.47
CA GLY H 25 -11.37 18.33 -4.42
C GLY H 25 -11.11 18.79 -2.99
N GLU H 26 -11.84 18.23 -2.01
CA GLU H 26 -11.57 18.56 -0.59
C GLU H 26 -10.16 18.14 -0.20
N ALA H 27 -9.74 16.96 -0.67
CA ALA H 27 -8.38 16.45 -0.30
C ALA H 27 -7.28 17.28 -0.94
N LEU H 28 -7.42 17.50 -2.24
CA LEU H 28 -6.46 18.31 -2.98
C LEU H 28 -6.42 19.72 -2.43
N GLY H 29 -7.60 20.32 -2.21
CA GLY H 29 -7.64 21.68 -1.69
C GLY H 29 -6.90 21.83 -0.37
N ARG H 30 -7.13 20.86 0.54
CA ARG H 30 -6.47 20.89 1.84
C ARG H 30 -4.98 20.70 1.73
N LEU H 31 -4.55 19.90 0.76
CA LEU H 31 -3.08 19.79 0.47
C LEU H 31 -2.50 21.16 0.17
N LEU H 32 -3.16 21.89 -0.72
CA LEU H 32 -2.65 23.17 -1.16
C LEU H 32 -2.67 24.23 -0.06
N VAL H 33 -3.61 24.13 0.87
CA VAL H 33 -3.67 25.05 2.02
C VAL H 33 -2.66 24.70 3.15
N VAL H 34 -2.66 23.42 3.52
CA VAL H 34 -1.88 23.01 4.63
C VAL H 34 -0.40 23.02 4.28
N TYR H 35 -0.08 22.72 3.01
CA TYR H 35 1.32 22.52 2.54
C TYR H 35 1.54 23.39 1.32
N PRO H 36 1.68 24.72 1.53
CA PRO H 36 1.51 25.70 0.44
C PRO H 36 2.54 25.60 -0.72
N TRP H 37 3.73 25.03 -0.46
CA TRP H 37 4.66 24.81 -1.53
C TRP H 37 4.11 23.92 -2.67
N THR H 38 3.12 23.12 -2.39
CA THR H 38 2.49 22.29 -3.42
C THR H 38 1.74 23.09 -4.52
N GLN H 39 1.43 24.34 -4.23
CA GLN H 39 0.81 25.22 -5.20
C GLN H 39 1.71 25.45 -6.40
N ARG H 40 3.05 25.31 -6.24
CA ARG H 40 4.02 25.44 -7.35
C ARG H 40 3.62 24.63 -8.57
N PHE H 41 3.06 23.46 -8.30
CA PHE H 41 2.69 22.54 -9.38
C PHE H 41 1.38 22.84 -10.07
N PHE H 42 0.66 23.87 -9.60
CA PHE H 42 -0.71 24.18 -10.03
C PHE H 42 -0.88 25.66 -10.35
N GLU H 43 0.15 26.30 -10.93
CA GLU H 43 0.08 27.74 -11.24
C GLU H 43 -1.05 28.08 -12.22
N SER H 44 -1.23 27.25 -13.23
CA SER H 44 -2.31 27.42 -14.21
C SER H 44 -3.74 27.28 -13.68
N PHE H 45 -3.91 26.94 -12.41
CA PHE H 45 -5.25 26.76 -11.83
C PHE H 45 -5.88 28.09 -11.37
N GLY H 46 -5.15 29.20 -11.45
CA GLY H 46 -5.73 30.52 -11.20
C GLY H 46 -5.62 30.88 -9.73
N ASP H 47 -6.73 31.35 -9.17
CA ASP H 47 -6.73 31.91 -7.82
C ASP H 47 -6.52 30.85 -6.68
N LEU H 48 -5.38 30.92 -5.99
CA LEU H 48 -5.06 30.06 -4.83
C LEU H 48 -4.54 30.83 -3.60
N SER H 49 -4.84 32.13 -3.55
CA SER H 49 -4.21 33.06 -2.61
C SER H 49 -4.75 32.96 -1.16
N THR H 50 -5.90 32.30 -0.96
CA THR H 50 -6.53 32.16 0.37
C THR H 50 -7.20 30.78 0.46
N PRO H 51 -7.48 30.30 1.69
CA PRO H 51 -8.18 29.03 1.76
C PRO H 51 -9.53 28.93 1.02
N ASP H 52 -10.38 29.93 1.20
CA ASP H 52 -11.65 29.95 0.52
C ASP H 52 -11.53 29.95 -1.03
N ALA H 53 -10.59 30.72 -1.56
CA ALA H 53 -10.30 30.70 -3.00
C ALA H 53 -9.87 29.30 -3.48
N VAL H 54 -9.03 28.62 -2.71
CA VAL H 54 -8.56 27.26 -3.04
C VAL H 54 -9.73 26.25 -3.08
N MET H 55 -10.53 26.24 -2.02
CA MET H 55 -11.62 25.27 -1.90
C MET H 55 -12.72 25.56 -2.91
N GLY H 56 -12.95 26.82 -3.24
CA GLY H 56 -13.98 27.15 -4.23
C GLY H 56 -13.49 27.26 -5.65
N ASN H 57 -12.26 26.83 -5.90
CA ASN H 57 -11.69 26.94 -7.24
C ASN H 57 -12.19 25.76 -8.09
N PRO H 58 -12.90 26.03 -9.20
CA PRO H 58 -13.42 24.90 -10.00
C PRO H 58 -12.38 23.91 -10.61
N LYS H 59 -11.14 24.35 -10.83
CA LYS H 59 -10.07 23.46 -11.33
C LYS H 59 -9.51 22.55 -10.22
N VAL H 60 -9.40 23.04 -8.98
CA VAL H 60 -9.04 22.15 -7.89
C VAL H 60 -10.10 21.07 -7.80
N LYS H 61 -11.37 21.46 -7.79
CA LYS H 61 -12.45 20.48 -7.75
C LYS H 61 -12.36 19.49 -8.92
N ALA H 62 -12.17 19.97 -10.14
CA ALA H 62 -12.17 19.07 -11.33
C ALA H 62 -10.94 18.15 -11.31
N HIS H 63 -9.79 18.70 -10.94
CA HIS H 63 -8.61 17.88 -10.84
C HIS H 63 -8.70 16.88 -9.66
N GLY H 64 -9.27 17.35 -8.54
CA GLY H 64 -9.54 16.51 -7.38
C GLY H 64 -10.34 15.26 -7.70
N LYS H 65 -11.25 15.39 -8.65
CA LYS H 65 -12.07 14.28 -9.09
C LYS H 65 -11.26 13.22 -9.82
N LYS H 66 -10.32 13.66 -10.66
CA LYS H 66 -9.39 12.75 -11.32
C LYS H 66 -8.46 12.03 -10.34
N VAL H 67 -7.92 12.77 -9.37
CA VAL H 67 -7.04 12.18 -8.38
C VAL H 67 -7.79 11.07 -7.61
N LEU H 68 -9.02 11.36 -7.16
CA LEU H 68 -9.87 10.38 -6.47
C LEU H 68 -10.22 9.18 -7.29
N GLY H 69 -10.41 9.38 -8.57
CA GLY H 69 -10.65 8.29 -9.51
C GLY H 69 -9.50 7.30 -9.57
N ALA H 70 -8.29 7.81 -9.58
CA ALA H 70 -7.10 6.96 -9.52
C ALA H 70 -6.98 6.21 -8.21
N PHE H 71 -7.31 6.86 -7.10
CA PHE H 71 -7.45 6.11 -5.80
C PHE H 71 -8.46 4.96 -5.89
N SER H 72 -9.62 5.20 -6.52
CA SER H 72 -10.58 4.10 -6.75
C SER H 72 -10.04 2.93 -7.57
N ASP H 73 -9.33 3.23 -8.67
CA ASP H 73 -8.62 2.20 -9.44
C ASP H 73 -7.70 1.39 -8.55
N GLY H 74 -7.01 2.10 -7.66
CA GLY H 74 -6.14 1.49 -6.67
C GLY H 74 -6.86 0.51 -5.80
N LEU H 75 -8.02 0.91 -5.28
CA LEU H 75 -8.84 0.06 -4.40
C LEU H 75 -9.39 -1.17 -5.09
N ALA H 76 -9.67 -1.06 -6.38
CA ALA H 76 -10.10 -2.19 -7.20
C ALA H 76 -8.94 -3.18 -7.52
N HIS H 77 -7.69 -2.74 -7.40
CA HIS H 77 -6.53 -3.53 -7.80
C HIS H 77 -5.38 -3.49 -6.74
N LEU H 78 -5.66 -3.84 -5.49
CA LEU H 78 -4.66 -3.71 -4.43
C LEU H 78 -3.47 -4.67 -4.56
N ASP H 79 -3.70 -5.83 -5.18
CA ASP H 79 -2.60 -6.74 -5.52
C ASP H 79 -1.75 -6.28 -6.75
N ASN H 80 -2.06 -5.12 -7.38
CA ASN H 80 -1.27 -4.62 -8.53
C ASN H 80 -1.22 -3.09 -8.61
N LEU H 81 -0.83 -2.45 -7.51
CA LEU H 81 -0.75 -0.99 -7.46
C LEU H 81 0.36 -0.45 -8.35
N LYS H 82 1.50 -1.13 -8.37
CA LYS H 82 2.64 -0.69 -9.16
C LYS H 82 2.29 -0.60 -10.63
N GLY H 83 1.66 -1.65 -11.16
CA GLY H 83 1.14 -1.67 -12.53
C GLY H 83 0.03 -0.64 -12.76
N THR H 84 -0.94 -0.58 -11.84
CA THR H 84 -2.05 0.37 -11.97
C THR H 84 -1.56 1.81 -12.07
N PHE H 85 -0.52 2.18 -11.31
CA PHE H 85 -0.03 3.58 -11.23
C PHE H 85 1.22 3.83 -12.08
N ALA H 86 1.56 2.88 -12.94
CA ALA H 86 2.81 2.98 -13.72
C ALA H 86 2.89 4.21 -14.62
N THR H 87 1.81 4.53 -15.36
CA THR H 87 1.90 5.72 -16.25
C THR H 87 1.81 7.02 -15.41
N LEU H 88 1.03 7.00 -14.33
CA LEU H 88 1.03 8.17 -13.42
C LEU H 88 2.35 8.39 -12.68
N SER H 89 3.07 7.32 -12.41
CA SER H 89 4.42 7.42 -11.84
C SER H 89 5.36 8.14 -12.83
N GLU H 90 5.39 7.67 -14.07
CA GLU H 90 6.07 8.41 -15.17
C GLU H 90 5.75 9.91 -15.22
N LEU H 91 4.47 10.22 -15.13
CA LEU H 91 4.07 11.59 -15.18
C LEU H 91 4.60 12.38 -13.99
N HIS H 92 4.30 11.90 -12.79
CA HIS H 92 4.67 12.64 -11.57
C HIS H 92 6.20 12.66 -11.33
N CYS H 93 6.92 11.62 -11.76
CA CYS H 93 8.36 11.49 -11.49
C CYS H 93 9.23 12.05 -12.63
N ASP H 94 9.08 11.50 -13.85
CA ASP H 94 9.92 11.88 -15.00
C ASP H 94 9.53 13.24 -15.61
N LYS H 95 8.25 13.61 -15.54
CA LYS H 95 7.73 14.84 -16.22
C LYS H 95 7.55 16.03 -15.26
N LEU H 96 6.92 15.78 -14.10
CA LEU H 96 6.63 16.84 -13.14
C LEU H 96 7.66 16.99 -12.07
N HIS H 97 8.42 15.95 -11.80
CA HIS H 97 9.47 15.97 -10.74
C HIS H 97 8.89 16.38 -9.39
N VAL H 98 7.78 15.75 -8.99
CA VAL H 98 7.22 16.03 -7.67
C VAL H 98 7.98 15.19 -6.66
N ASP H 99 8.51 15.86 -5.62
CA ASP H 99 9.15 15.10 -4.57
C ASP H 99 8.16 14.11 -3.92
N PRO H 100 8.58 12.83 -3.73
CA PRO H 100 7.61 11.80 -3.31
C PRO H 100 7.13 11.95 -1.91
N GLU H 101 7.81 12.68 -1.06
CA GLU H 101 7.30 12.97 0.26
C GLU H 101 5.90 13.58 0.10
N ASN H 102 5.68 14.39 -0.95
CA ASN H 102 4.33 14.99 -1.17
C ASN H 102 3.20 13.99 -1.48
N PHE H 103 3.53 12.83 -2.04
CA PHE H 103 2.56 11.71 -2.17
C PHE H 103 2.07 11.18 -0.79
N ARG H 104 2.97 11.07 0.18
CA ARG H 104 2.65 10.64 1.59
C ARG H 104 1.74 11.71 2.26
N LEU H 105 2.02 12.99 2.00
CA LEU H 105 1.16 14.08 2.55
C LEU H 105 -0.28 14.07 2.02
N LEU H 106 -0.44 13.85 0.73
CA LEU H 106 -1.77 13.82 0.17
C LEU H 106 -2.56 12.68 0.74
N GLY H 107 -1.92 11.53 0.83
CA GLY H 107 -2.54 10.35 1.35
C GLY H 107 -3.09 10.57 2.75
N ASN H 108 -2.32 11.26 3.60
CA ASN H 108 -2.78 11.62 4.93
C ASN H 108 -3.83 12.71 5.04
N VAL H 109 -3.77 13.67 4.15
CA VAL H 109 -4.83 14.64 4.06
C VAL H 109 -6.13 13.90 3.69
N LEU H 110 -6.08 12.99 2.70
CA LEU H 110 -7.26 12.22 2.32
C LEU H 110 -7.84 11.46 3.54
N VAL H 111 -6.96 10.87 4.33
CA VAL H 111 -7.42 10.26 5.52
C VAL H 111 -8.12 11.28 6.47
N CYS H 112 -7.55 12.47 6.68
CA CYS H 112 -8.25 13.45 7.50
C CYS H 112 -9.63 13.80 6.92
N VAL H 113 -9.72 13.88 5.60
CA VAL H 113 -10.97 14.21 4.96
C VAL H 113 -12.01 13.11 5.17
N LEU H 114 -11.58 11.85 5.06
CA LEU H 114 -12.51 10.73 5.30
C LEU H 114 -13.02 10.76 6.74
N ALA H 115 -12.13 11.09 7.65
CA ALA H 115 -12.53 11.26 9.01
C ALA H 115 -13.56 12.40 9.23
N HIS H 116 -13.27 13.54 8.63
CA HIS H 116 -14.17 14.68 8.66
C HIS H 116 -15.60 14.31 8.22
N HIS H 117 -15.72 13.56 7.12
CA HIS H 117 -17.00 13.18 6.54
C HIS H 117 -17.70 12.09 7.25
N PHE H 118 -16.97 11.07 7.73
CA PHE H 118 -17.61 9.90 8.35
C PHE H 118 -17.67 9.92 9.88
N GLY H 119 -16.98 10.86 10.55
CA GLY H 119 -17.05 10.96 12.00
C GLY H 119 -16.82 9.62 12.67
N LYS H 120 -17.65 9.30 13.65
CA LYS H 120 -17.59 8.01 14.38
C LYS H 120 -17.41 6.73 13.56
N GLU H 121 -17.94 6.73 12.34
CA GLU H 121 -17.83 5.60 11.46
C GLU H 121 -16.38 5.38 10.92
N PHE H 122 -15.55 6.42 10.94
CA PHE H 122 -14.14 6.25 10.57
C PHE H 122 -13.33 5.77 11.83
N THR H 123 -13.54 4.50 12.19
CA THR H 123 -13.07 3.96 13.44
C THR H 123 -11.55 3.82 13.34
N PRO H 124 -10.87 3.64 14.48
CA PRO H 124 -9.47 3.35 14.36
C PRO H 124 -9.13 2.13 13.49
N PRO H 125 -9.84 0.98 13.62
CA PRO H 125 -9.44 -0.12 12.70
C PRO H 125 -9.62 0.23 11.22
N VAL H 126 -10.63 1.06 10.93
CA VAL H 126 -10.92 1.48 9.54
C VAL H 126 -9.77 2.42 9.05
N GLN H 127 -9.35 3.34 9.91
CA GLN H 127 -8.20 4.17 9.62
C GLN H 127 -6.97 3.33 9.35
N ALA H 128 -6.69 2.36 10.20
CA ALA H 128 -5.51 1.52 10.03
C ALA H 128 -5.46 0.86 8.61
N ALA H 129 -6.61 0.42 8.14
CA ALA H 129 -6.73 -0.17 6.81
C ALA H 129 -6.50 0.87 5.72
N TYR H 130 -7.12 2.04 5.84
CA TYR H 130 -6.84 3.12 4.89
C TYR H 130 -5.44 3.67 4.89
N GLN H 131 -4.75 3.64 6.05
CA GLN H 131 -3.35 4.02 6.06
C GLN H 131 -2.53 3.03 5.21
N LYS H 132 -2.81 1.74 5.30
CA LYS H 132 -2.08 0.78 4.42
C LYS H 132 -2.28 1.07 2.92
N VAL H 133 -3.49 1.46 2.56
CA VAL H 133 -3.89 1.71 1.15
C VAL H 133 -3.17 2.94 0.59
N VAL H 134 -3.24 4.02 1.31
CA VAL H 134 -2.61 5.26 0.92
C VAL H 134 -1.04 5.22 0.93
N ALA H 135 -0.44 4.53 1.89
CA ALA H 135 0.95 4.20 1.78
C ALA H 135 1.25 3.40 0.48
N GLY H 136 0.40 2.44 0.14
CA GLY H 136 0.63 1.60 -1.04
C GLY H 136 0.54 2.43 -2.33
N VAL H 137 -0.38 3.38 -2.36
CA VAL H 137 -0.49 4.29 -3.47
C VAL H 137 0.71 5.21 -3.60
N ALA H 138 1.09 5.83 -2.50
CA ALA H 138 2.28 6.67 -2.50
C ALA H 138 3.52 5.90 -2.99
N ASN H 139 3.74 4.71 -2.46
CA ASN H 139 4.88 3.89 -2.90
C ASN H 139 4.85 3.46 -4.37
N ALA H 140 3.65 3.18 -4.87
CA ALA H 140 3.45 2.90 -6.32
C ALA H 140 3.68 4.15 -7.24
N LEU H 141 3.16 5.31 -6.84
CA LEU H 141 3.47 6.54 -7.56
C LEU H 141 4.95 6.88 -7.64
N ALA H 142 5.69 6.54 -6.62
CA ALA H 142 7.13 6.84 -6.52
C ALA H 142 7.99 5.82 -7.23
N HIS H 143 7.40 4.76 -7.78
CA HIS H 143 8.16 3.67 -8.38
C HIS H 143 9.27 4.09 -9.35
N LYS H 144 9.04 5.14 -10.15
CA LYS H 144 10.08 5.64 -11.06
C LYS H 144 11.22 6.41 -10.42
N TYR H 145 11.16 6.74 -9.14
CA TYR H 145 12.34 7.28 -8.44
C TYR H 145 13.30 6.19 -8.02
N HIS H 146 12.86 4.93 -7.96
CA HIS H 146 13.64 3.91 -7.27
C HIS H 146 13.30 2.45 -7.70
N VAL I 1 -44.17 51.17 -1.40
CA VAL I 1 -44.14 50.86 -2.87
C VAL I 1 -42.77 51.29 -3.46
N LEU I 2 -42.26 50.43 -4.32
CA LEU I 2 -40.88 50.56 -4.83
C LEU I 2 -40.84 51.39 -6.09
N SER I 3 -39.83 52.25 -6.19
CA SER I 3 -39.56 53.00 -7.45
C SER I 3 -38.82 52.12 -8.48
N PRO I 4 -38.77 52.55 -9.76
CA PRO I 4 -37.94 51.79 -10.71
C PRO I 4 -36.45 51.67 -10.32
N ALA I 5 -35.86 52.76 -9.82
CA ALA I 5 -34.47 52.76 -9.31
C ALA I 5 -34.27 51.80 -8.09
N ASP I 6 -35.27 51.70 -7.20
CA ASP I 6 -35.26 50.71 -6.12
C ASP I 6 -35.17 49.28 -6.68
N LYS I 7 -35.98 48.96 -7.67
CA LYS I 7 -35.95 47.61 -8.27
C LYS I 7 -34.57 47.31 -8.87
N THR I 8 -34.00 48.29 -9.57
CA THR I 8 -32.65 48.16 -10.12
C THR I 8 -31.62 47.89 -9.02
N ASN I 9 -31.70 48.65 -7.93
CA ASN I 9 -30.70 48.52 -6.89
C ASN I 9 -30.80 47.17 -6.19
N VAL I 10 -32.04 46.69 -5.99
CA VAL I 10 -32.24 45.41 -5.31
C VAL I 10 -31.72 44.29 -6.17
N LYS I 11 -32.08 44.29 -7.45
CA LYS I 11 -31.63 43.24 -8.37
C LYS I 11 -30.11 43.17 -8.49
N ALA I 12 -29.47 44.33 -8.53
CA ALA I 12 -28.02 44.41 -8.63
C ALA I 12 -27.33 43.84 -7.36
N ALA I 13 -27.80 44.29 -6.20
CA ALA I 13 -27.17 43.94 -4.94
C ALA I 13 -27.42 42.49 -4.60
N TRP I 14 -28.67 42.08 -4.70
CA TRP I 14 -29.04 40.70 -4.37
C TRP I 14 -28.41 39.72 -5.33
N GLY I 15 -28.37 40.07 -6.62
CA GLY I 15 -27.74 39.21 -7.63
C GLY I 15 -26.28 38.87 -7.36
N LYS I 16 -25.60 39.69 -6.56
CA LYS I 16 -24.27 39.40 -6.03
C LYS I 16 -24.17 38.48 -4.83
N VAL I 17 -25.28 38.13 -4.23
CA VAL I 17 -25.29 37.14 -3.16
C VAL I 17 -24.87 35.77 -3.75
N GLY I 18 -25.53 35.39 -4.85
CA GLY I 18 -25.16 34.22 -5.65
C GLY I 18 -25.23 32.94 -4.83
N ALA I 19 -24.13 32.19 -4.84
CA ALA I 19 -24.01 30.95 -4.06
C ALA I 19 -23.88 31.12 -2.52
N HIS I 20 -23.67 32.34 -2.02
CA HIS I 20 -23.63 32.58 -0.56
C HIS I 20 -25.03 32.72 0.08
N ALA I 21 -26.09 32.51 -0.71
CA ALA I 21 -27.44 32.76 -0.24
C ALA I 21 -27.69 32.12 1.12
N GLY I 22 -27.40 30.83 1.19
CA GLY I 22 -27.64 30.04 2.39
C GLY I 22 -26.85 30.50 3.58
N GLU I 23 -25.59 30.81 3.34
CA GLU I 23 -24.67 31.30 4.39
C GLU I 23 -25.22 32.63 4.98
N TYR I 24 -25.67 33.53 4.13
CA TYR I 24 -26.17 34.83 4.59
C TYR I 24 -27.53 34.73 5.28
N GLY I 25 -28.43 33.89 4.76
CA GLY I 25 -29.72 33.67 5.41
C GLY I 25 -29.54 33.10 6.80
N ALA I 26 -28.62 32.15 6.90
CA ALA I 26 -28.38 31.49 8.18
C ALA I 26 -27.77 32.49 9.16
N GLU I 27 -26.84 33.30 8.67
CA GLU I 27 -26.21 34.37 9.50
C GLU I 27 -27.27 35.40 9.96
N ALA I 28 -28.14 35.78 9.06
CA ALA I 28 -29.22 36.65 9.46
C ALA I 28 -30.13 36.08 10.56
N LEU I 29 -30.49 34.81 10.41
CA LEU I 29 -31.32 34.16 11.42
C LEU I 29 -30.59 34.12 12.75
N GLU I 30 -29.32 33.73 12.72
CA GLU I 30 -28.53 33.65 13.94
C GLU I 30 -28.40 35.03 14.63
N ARG I 31 -28.09 36.06 13.84
CA ARG I 31 -28.13 37.40 14.36
C ARG I 31 -29.54 37.71 15.02
N MET I 32 -30.66 37.36 14.35
CA MET I 32 -31.98 37.65 14.91
C MET I 32 -32.19 36.91 16.23
N PHE I 33 -31.85 35.60 16.28
CA PHE I 33 -32.08 34.83 17.50
C PHE I 33 -31.27 35.32 18.70
N LEU I 34 -30.04 35.79 18.46
CA LEU I 34 -29.19 36.25 19.53
C LEU I 34 -29.54 37.64 19.94
N SER I 35 -29.78 38.53 18.95
CA SER I 35 -30.11 39.92 19.25
C SER I 35 -31.51 40.08 19.82
N PHE I 36 -32.48 39.25 19.39
CA PHE I 36 -33.90 39.44 19.76
C PHE I 36 -34.52 38.07 20.17
N PRO I 37 -34.18 37.61 21.39
CA PRO I 37 -34.44 36.23 21.79
C PRO I 37 -35.92 35.84 21.86
N THR I 38 -36.83 36.79 22.01
CA THR I 38 -38.25 36.48 21.83
C THR I 38 -38.56 35.81 20.49
N THR I 39 -37.78 36.05 19.44
CA THR I 39 -38.08 35.47 18.14
C THR I 39 -37.95 33.95 18.15
N LYS I 40 -37.22 33.43 19.12
CA LYS I 40 -37.00 31.95 19.22
C LYS I 40 -38.27 31.13 19.43
N THR I 41 -39.28 31.70 20.08
CA THR I 41 -40.51 31.00 20.32
C THR I 41 -41.27 30.59 19.08
N TYR I 42 -41.00 31.17 17.94
CA TYR I 42 -41.58 30.66 16.68
C TYR I 42 -40.90 29.40 16.15
N PHE I 43 -39.75 29.00 16.73
CA PHE I 43 -39.02 27.83 16.32
C PHE I 43 -38.82 26.85 17.50
N PRO I 44 -39.92 26.47 18.19
CA PRO I 44 -39.80 25.67 19.39
C PRO I 44 -39.16 24.32 19.13
N HIS I 45 -39.29 23.75 17.94
CA HIS I 45 -38.65 22.42 17.71
C HIS I 45 -37.32 22.43 16.91
N PHE I 46 -36.64 23.58 16.88
CA PHE I 46 -35.32 23.68 16.24
C PHE I 46 -34.13 23.52 17.21
N ASP I 47 -33.04 22.98 16.68
CA ASP I 47 -31.72 23.19 17.27
C ASP I 47 -31.27 24.61 16.83
N LEU I 48 -31.16 25.53 17.78
CA LEU I 48 -30.69 26.90 17.44
C LEU I 48 -29.26 27.19 17.87
N SER I 49 -28.44 26.16 18.19
CA SER I 49 -27.05 26.36 18.58
C SER I 49 -26.32 26.92 17.36
N HIS I 50 -25.14 27.50 17.61
CA HIS I 50 -24.35 28.14 16.57
C HIS I 50 -24.07 27.30 15.29
N GLY I 51 -23.60 26.08 15.37
CA GLY I 51 -23.39 25.42 14.06
C GLY I 51 -24.61 24.87 13.30
N SER I 52 -25.82 25.00 13.85
CA SER I 52 -26.94 24.10 13.51
C SER I 52 -27.18 23.87 12.00
N ALA I 53 -27.28 22.59 11.64
CA ALA I 53 -27.68 22.13 10.32
C ALA I 53 -29.08 22.57 9.99
N GLN I 54 -29.96 22.53 10.99
CA GLN I 54 -31.31 23.08 10.82
C GLN I 54 -31.36 24.61 10.49
N VAL I 55 -30.58 25.41 11.21
CA VAL I 55 -30.56 26.85 10.94
C VAL I 55 -29.97 27.09 9.55
N LYS I 56 -28.95 26.36 9.14
CA LYS I 56 -28.39 26.50 7.79
C LYS I 56 -29.36 26.15 6.67
N GLY I 57 -30.11 25.08 6.88
CA GLY I 57 -31.07 24.64 5.89
C GLY I 57 -32.13 25.68 5.79
N HIS I 58 -32.62 26.12 6.94
CA HIS I 58 -33.70 27.07 6.95
C HIS I 58 -33.26 28.44 6.36
N GLY I 59 -32.04 28.84 6.67
CA GLY I 59 -31.43 30.03 6.08
C GLY I 59 -31.50 29.99 4.56
N LYS I 60 -31.27 28.80 3.97
CA LYS I 60 -31.27 28.64 2.51
C LYS I 60 -32.64 28.84 1.92
N LYS I 61 -33.63 28.34 2.62
CA LYS I 61 -35.00 28.50 2.17
C LYS I 61 -35.44 29.94 2.18
N VAL I 62 -35.03 30.68 3.23
CA VAL I 62 -35.42 32.06 3.39
C VAL I 62 -34.77 32.86 2.29
N ALA I 63 -33.50 32.62 2.10
CA ALA I 63 -32.75 33.34 1.11
C ALA I 63 -33.26 33.06 -0.30
N ASP I 64 -33.56 31.78 -0.57
CA ASP I 64 -34.11 31.39 -1.87
C ASP I 64 -35.49 31.99 -2.11
N ALA I 65 -36.33 32.08 -1.09
CA ALA I 65 -37.59 32.81 -1.21
C ALA I 65 -37.37 34.29 -1.55
N LEU I 66 -36.34 34.90 -0.99
CA LEU I 66 -36.00 36.29 -1.32
C LEU I 66 -35.55 36.48 -2.78
N THR I 67 -34.76 35.55 -3.29
CA THR I 67 -34.40 35.56 -4.72
C THR I 67 -35.64 35.44 -5.62
N ASN I 68 -36.55 34.55 -5.27
CA ASN I 68 -37.82 34.44 -5.95
C ASN I 68 -38.64 35.74 -5.85
N ALA I 69 -38.66 36.37 -4.68
CA ALA I 69 -39.30 37.68 -4.56
C ALA I 69 -38.64 38.73 -5.45
N VAL I 70 -37.30 38.73 -5.53
CA VAL I 70 -36.56 39.63 -6.41
C VAL I 70 -36.95 39.43 -7.86
N ALA I 71 -37.11 38.19 -8.27
CA ALA I 71 -37.52 37.88 -9.65
C ALA I 71 -38.98 38.25 -9.97
N HIS I 72 -39.83 38.32 -8.95
CA HIS I 72 -41.24 38.65 -9.14
C HIS I 72 -41.64 39.92 -8.40
N VAL I 73 -40.81 40.97 -8.49
CA VAL I 73 -40.98 42.17 -7.66
C VAL I 73 -42.35 42.83 -7.87
N ASP I 74 -42.78 42.82 -9.12
CA ASP I 74 -44.01 43.48 -9.58
C ASP I 74 -45.25 42.63 -9.30
N ASP I 75 -45.08 41.43 -8.72
CA ASP I 75 -46.13 40.38 -8.75
C ASP I 75 -46.02 39.57 -7.40
N MET I 76 -45.61 40.22 -6.29
CA MET I 76 -45.28 39.46 -5.08
C MET I 76 -46.48 38.78 -4.38
N PRO I 77 -47.64 39.47 -4.28
CA PRO I 77 -48.76 38.80 -3.59
C PRO I 77 -49.08 37.40 -4.18
N ASN I 78 -49.11 37.29 -5.52
CA ASN I 78 -49.27 35.93 -6.13
C ASN I 78 -48.03 35.00 -5.98
N ALA I 79 -46.81 35.50 -6.09
CA ALA I 79 -45.63 34.64 -5.98
C ALA I 79 -45.35 34.09 -4.56
N LEU I 80 -45.61 34.89 -3.53
CA LEU I 80 -45.35 34.47 -2.13
C LEU I 80 -46.58 33.91 -1.40
N SER I 81 -47.63 33.60 -2.16
CA SER I 81 -48.95 33.22 -1.63
C SER I 81 -48.86 32.16 -0.55
N ALA I 82 -48.04 31.14 -0.77
CA ALA I 82 -47.97 30.01 0.18
C ALA I 82 -47.26 30.43 1.45
N LEU I 83 -46.32 31.37 1.33
CA LEU I 83 -45.63 31.87 2.53
C LEU I 83 -46.51 32.76 3.39
N SER I 84 -47.41 33.49 2.76
CA SER I 84 -48.34 34.28 3.44
C SER I 84 -49.27 33.34 4.23
N ASP I 85 -49.75 32.25 3.57
CA ASP I 85 -50.55 31.20 4.20
C ASP I 85 -49.87 30.73 5.48
N LEU I 86 -48.60 30.40 5.33
CA LEU I 86 -47.83 29.94 6.46
C LEU I 86 -47.61 30.98 7.57
N HIS I 87 -47.05 32.14 7.21
CA HIS I 87 -46.60 33.13 8.25
C HIS I 87 -47.80 33.87 8.88
N ALA I 88 -48.83 34.21 8.10
CA ALA I 88 -50.03 34.91 8.64
C ALA I 88 -51.18 34.00 9.09
N HIS I 89 -51.56 32.98 8.33
CA HIS I 89 -52.70 32.13 8.77
C HIS I 89 -52.23 31.11 9.80
N LYS I 90 -51.14 30.39 9.53
CA LYS I 90 -50.77 29.30 10.43
C LYS I 90 -49.96 29.80 11.64
N LEU I 91 -48.79 30.36 11.41
CA LEU I 91 -47.90 30.75 12.49
C LEU I 91 -48.40 31.98 13.27
N ARG I 92 -49.15 32.86 12.63
CA ARG I 92 -49.63 34.11 13.25
C ARG I 92 -48.50 35.03 13.74
N VAL I 93 -47.49 35.21 12.89
CA VAL I 93 -46.29 35.91 13.29
C VAL I 93 -46.57 37.43 13.51
N ASP I 94 -46.29 37.92 14.70
CA ASP I 94 -46.41 39.33 15.00
C ASP I 94 -45.50 40.12 13.95
N PRO I 95 -46.09 41.05 13.23
CA PRO I 95 -45.28 41.85 12.24
C PRO I 95 -44.04 42.54 12.77
N VAL I 96 -43.94 42.84 14.04
CA VAL I 96 -42.67 43.36 14.51
C VAL I 96 -41.48 42.47 14.14
N ASN I 97 -41.67 41.15 14.16
CA ASN I 97 -40.55 40.23 13.93
C ASN I 97 -39.98 40.31 12.54
N PHE I 98 -40.79 40.69 11.59
CA PHE I 98 -40.30 40.90 10.25
C PHE I 98 -39.33 42.11 10.14
N LYS I 99 -39.64 43.19 10.87
CA LYS I 99 -38.69 44.31 11.04
C LYS I 99 -37.40 43.85 11.64
N LEU I 100 -37.47 42.96 12.61
CA LEU I 100 -36.27 42.42 13.23
C LEU I 100 -35.45 41.59 12.26
N LEU I 101 -36.07 40.70 11.47
CA LEU I 101 -35.28 39.90 10.52
C LEU I 101 -34.79 40.71 9.36
N SER I 102 -35.62 41.59 8.88
CA SER I 102 -35.16 42.54 7.86
C SER I 102 -33.87 43.32 8.30
N HIS I 103 -33.85 43.86 9.49
CA HIS I 103 -32.69 44.56 9.98
C HIS I 103 -31.46 43.62 10.01
N CYS I 104 -31.65 42.39 10.51
CA CYS I 104 -30.55 41.44 10.53
C CYS I 104 -30.07 41.00 9.12
N LEU I 105 -30.96 40.95 8.11
CA LEU I 105 -30.55 40.74 6.71
C LEU I 105 -29.70 41.89 6.24
N LEU I 106 -30.11 43.14 6.50
CA LEU I 106 -29.29 44.32 6.07
C LEU I 106 -27.91 44.29 6.74
N VAL I 107 -27.86 44.02 8.04
CA VAL I 107 -26.60 43.93 8.76
C VAL I 107 -25.69 42.88 8.15
N THR I 108 -26.22 41.70 7.85
CA THR I 108 -25.48 40.69 7.13
C THR I 108 -24.97 41.16 5.77
N LEU I 109 -25.79 41.84 4.97
CA LEU I 109 -25.31 42.27 3.68
C LEU I 109 -24.26 43.38 3.83
N ALA I 110 -24.42 44.24 4.82
CA ALA I 110 -23.47 45.30 5.06
C ALA I 110 -22.10 44.71 5.41
N ALA I 111 -22.11 43.67 6.24
CA ALA I 111 -20.86 42.99 6.65
C ALA I 111 -20.15 42.24 5.51
N HIS I 112 -20.91 41.69 4.56
CA HIS I 112 -20.36 40.82 3.52
C HIS I 112 -20.17 41.50 2.18
N LEU I 113 -20.98 42.50 1.85
CA LEU I 113 -20.91 43.18 0.57
C LEU I 113 -20.76 44.67 0.75
N PRO I 114 -19.68 45.12 1.43
CA PRO I 114 -19.53 46.56 1.71
C PRO I 114 -19.52 47.43 0.46
N ALA I 115 -18.86 47.00 -0.62
CA ALA I 115 -18.86 47.82 -1.84
C ALA I 115 -20.27 48.05 -2.39
N GLU I 116 -21.18 47.10 -2.17
CA GLU I 116 -22.56 47.17 -2.69
C GLU I 116 -23.53 47.95 -1.81
N PHE I 117 -23.26 47.99 -0.51
CA PHE I 117 -24.17 48.55 0.47
C PHE I 117 -23.97 50.07 0.59
N THR I 118 -24.24 50.79 -0.50
CA THR I 118 -24.18 52.23 -0.48
C THR I 118 -25.42 52.72 0.27
N PRO I 119 -25.48 54.03 0.58
CA PRO I 119 -26.72 54.56 1.15
C PRO I 119 -27.96 54.32 0.31
N ALA I 120 -27.86 54.51 -1.01
CA ALA I 120 -29.01 54.33 -1.93
C ALA I 120 -29.52 52.90 -1.99
N VAL I 121 -28.58 51.99 -2.01
CA VAL I 121 -28.89 50.57 -2.04
C VAL I 121 -29.54 50.09 -0.73
N HIS I 122 -28.98 50.54 0.38
CA HIS I 122 -29.51 50.31 1.71
C HIS I 122 -30.98 50.76 1.74
N ALA I 123 -31.26 51.96 1.28
CA ALA I 123 -32.66 52.47 1.19
C ALA I 123 -33.52 51.52 0.41
N SER I 124 -33.09 51.19 -0.80
CA SER I 124 -33.83 50.29 -1.67
C SER I 124 -34.11 48.90 -1.05
N LEU I 125 -33.07 48.29 -0.51
CA LEU I 125 -33.21 47.02 0.19
C LEU I 125 -34.18 47.08 1.33
N ASP I 126 -34.06 48.11 2.14
CA ASP I 126 -34.96 48.25 3.26
C ASP I 126 -36.43 48.30 2.73
N LYS I 127 -36.70 49.04 1.67
CA LYS I 127 -38.08 49.14 1.17
C LYS I 127 -38.56 47.78 0.66
N PHE I 128 -37.67 47.08 -0.03
CA PHE I 128 -37.98 45.79 -0.61
C PHE I 128 -38.33 44.78 0.45
N LEU I 129 -37.57 44.75 1.54
CA LEU I 129 -37.88 43.84 2.65
C LEU I 129 -39.13 44.17 3.36
N ALA I 130 -39.47 45.45 3.43
CA ALA I 130 -40.73 45.83 4.05
C ALA I 130 -41.92 45.37 3.17
N SER I 131 -41.80 45.49 1.87
CA SER I 131 -42.82 44.94 0.94
C SER I 131 -43.03 43.46 1.02
N VAL I 132 -41.94 42.71 1.14
CA VAL I 132 -42.02 41.26 1.31
C VAL I 132 -42.69 40.99 2.62
N SER I 133 -42.37 41.75 3.64
CA SER I 133 -43.00 41.53 4.97
C SER I 133 -44.48 41.76 4.96
N THR I 134 -44.92 42.82 4.31
CA THR I 134 -46.37 43.13 4.22
C THR I 134 -47.15 41.94 3.61
N VAL I 135 -46.59 41.41 2.53
CA VAL I 135 -47.20 40.29 1.84
C VAL I 135 -47.30 39.07 2.81
N LEU I 136 -46.20 38.75 3.49
CA LEU I 136 -46.13 37.63 4.39
C LEU I 136 -46.96 37.78 5.66
N THR I 137 -47.25 39.00 6.11
CA THR I 137 -48.10 39.22 7.28
C THR I 137 -49.55 39.52 6.95
N SER I 138 -49.91 39.55 5.68
CA SER I 138 -51.32 39.82 5.33
C SER I 138 -52.07 38.52 4.96
N LYS I 139 -53.37 38.56 5.20
CA LYS I 139 -54.30 37.50 4.90
C LYS I 139 -55.11 38.05 3.76
N TYR I 140 -54.88 37.52 2.56
CA TYR I 140 -55.55 38.01 1.35
C TYR I 140 -56.23 36.88 0.51
N ARG I 141 -56.56 35.74 1.14
CA ARG I 141 -57.38 34.68 0.54
C ARG I 141 -58.69 34.55 1.25
N VAL J 1 -29.60 49.33 31.18
CA VAL J 1 -29.33 48.17 30.28
C VAL J 1 -28.29 47.22 30.90
N HIS J 2 -28.67 45.92 31.02
CA HIS J 2 -27.82 44.90 31.72
C HIS J 2 -26.98 44.15 30.67
N LEU J 3 -25.69 44.43 30.62
CA LEU J 3 -24.75 43.63 29.82
C LEU J 3 -23.89 42.73 30.69
N THR J 4 -23.52 41.56 30.15
CA THR J 4 -22.56 40.67 30.82
C THR J 4 -21.18 41.35 30.77
N PRO J 5 -20.25 40.96 31.67
CA PRO J 5 -18.87 41.47 31.55
C PRO J 5 -18.21 41.25 30.17
N GLU J 6 -18.38 40.05 29.63
CA GLU J 6 -17.99 39.73 28.26
C GLU J 6 -18.59 40.68 27.20
N GLU J 7 -19.89 40.89 27.26
CA GLU J 7 -20.57 41.83 26.36
C GLU J 7 -20.01 43.27 26.53
N LYS J 8 -19.84 43.71 27.79
CA LYS J 8 -19.29 45.05 28.11
C LYS J 8 -17.94 45.33 27.43
N SER J 9 -16.99 44.39 27.56
CA SER J 9 -15.66 44.61 26.97
C SER J 9 -15.60 44.36 25.46
N ALA J 10 -16.52 43.56 24.88
CA ALA J 10 -16.64 43.50 23.41
C ALA J 10 -17.16 44.87 22.82
N VAL J 11 -18.09 45.52 23.51
CA VAL J 11 -18.63 46.79 23.09
C VAL J 11 -17.58 47.90 23.23
N THR J 12 -16.89 47.98 24.39
CA THR J 12 -15.89 49.01 24.61
C THR J 12 -14.68 48.83 23.67
N ALA J 13 -14.29 47.57 23.42
CA ALA J 13 -13.19 47.26 22.48
C ALA J 13 -13.49 47.70 21.05
N LEU J 14 -14.71 47.39 20.56
CA LEU J 14 -15.09 47.82 19.21
C LEU J 14 -15.26 49.35 19.06
N TRP J 15 -15.79 50.00 20.10
CA TRP J 15 -16.01 51.42 20.05
C TRP J 15 -14.70 52.26 20.04
N GLY J 16 -13.66 51.79 20.75
CA GLY J 16 -12.35 52.38 20.67
C GLY J 16 -11.80 52.55 19.24
N LYS J 17 -12.23 51.70 18.30
CA LYS J 17 -11.78 51.80 16.90
C LYS J 17 -12.68 52.71 16.07
N VAL J 18 -13.70 53.31 16.67
CA VAL J 18 -14.64 54.10 15.92
C VAL J 18 -14.12 55.48 15.70
N ASN J 19 -14.13 55.88 14.44
CA ASN J 19 -13.76 57.24 14.04
C ASN J 19 -14.89 58.22 14.47
N VAL J 20 -14.69 58.91 15.60
CA VAL J 20 -15.71 59.82 16.20
C VAL J 20 -16.03 61.02 15.30
N ASP J 21 -15.15 61.31 14.34
CA ASP J 21 -15.36 62.39 13.38
C ASP J 21 -16.21 61.98 12.17
N GLU J 22 -16.40 60.68 11.92
CA GLU J 22 -17.02 60.18 10.67
C GLU J 22 -18.27 59.30 10.80
N VAL J 23 -18.32 58.39 11.77
CA VAL J 23 -19.45 57.47 11.80
C VAL J 23 -20.81 58.06 12.20
N GLY J 24 -20.81 59.07 13.05
CA GLY J 24 -22.01 59.83 13.33
C GLY J 24 -22.66 60.45 12.10
N GLY J 25 -21.85 61.05 11.24
CA GLY J 25 -22.36 61.64 10.01
C GLY J 25 -22.81 60.59 9.05
N GLU J 26 -22.09 59.46 9.02
CA GLU J 26 -22.59 58.39 8.18
C GLU J 26 -23.94 57.87 8.67
N ALA J 27 -24.11 57.77 10.00
CA ALA J 27 -25.37 57.16 10.55
C ALA J 27 -26.53 58.12 10.30
N LEU J 28 -26.32 59.39 10.65
CA LEU J 28 -27.32 60.40 10.43
C LEU J 28 -27.64 60.54 8.93
N GLY J 29 -26.63 60.50 8.08
CA GLY J 29 -26.87 60.59 6.66
C GLY J 29 -27.75 59.49 6.16
N ARG J 30 -27.41 58.27 6.55
CA ARG J 30 -28.18 57.10 6.12
C ARG J 30 -29.61 57.13 6.64
N LEU J 31 -29.82 57.66 7.85
CA LEU J 31 -31.19 57.85 8.32
C LEU J 31 -31.98 58.68 7.32
N LEU J 32 -31.40 59.85 6.92
CA LEU J 32 -32.09 60.76 6.04
C LEU J 32 -32.35 60.17 4.67
N VAL J 33 -31.50 59.27 4.19
CA VAL J 33 -31.68 58.64 2.87
C VAL J 33 -32.64 57.46 2.91
N VAL J 34 -32.47 56.62 3.91
CA VAL J 34 -33.30 55.38 4.03
C VAL J 34 -34.74 55.68 4.50
N TYR J 35 -34.87 56.68 5.39
CA TYR J 35 -36.14 57.11 5.96
C TYR J 35 -36.34 58.65 5.66
N PRO J 36 -36.72 58.99 4.44
CA PRO J 36 -36.68 60.41 3.99
C PRO J 36 -37.54 61.41 4.73
N TRP J 37 -38.63 60.96 5.32
CA TRP J 37 -39.42 61.85 6.14
C TRP J 37 -38.62 62.48 7.29
N THR J 38 -37.52 61.88 7.73
CA THR J 38 -36.69 62.48 8.78
C THR J 38 -36.03 63.80 8.33
N GLN J 39 -35.97 64.05 7.03
CA GLN J 39 -35.47 65.30 6.53
C GLN J 39 -36.28 66.50 6.98
N ARG J 40 -37.56 66.31 7.22
CA ARG J 40 -38.42 67.42 7.72
C ARG J 40 -37.82 68.12 8.93
N PHE J 41 -37.13 67.39 9.78
CA PHE J 41 -36.55 67.97 10.98
C PHE J 41 -35.27 68.75 10.75
N PHE J 42 -34.76 68.74 9.52
CA PHE J 42 -33.44 69.27 9.17
C PHE J 42 -33.51 70.17 7.93
N GLU J 43 -34.57 70.96 7.79
CA GLU J 43 -34.71 71.82 6.61
C GLU J 43 -33.58 72.84 6.52
N SER J 44 -33.21 73.42 7.65
CA SER J 44 -32.10 74.40 7.72
C SER J 44 -30.69 73.83 7.36
N PHE J 45 -30.56 72.53 7.12
CA PHE J 45 -29.26 71.95 6.77
C PHE J 45 -28.87 72.13 5.29
N GLY J 46 -29.74 72.69 4.47
CA GLY J 46 -29.41 72.95 3.10
C GLY J 46 -29.67 71.75 2.23
N ASP J 47 -28.70 71.39 1.39
CA ASP J 47 -28.92 70.45 0.28
C ASP J 47 -29.05 68.97 0.74
N LEU J 48 -30.25 68.39 0.60
CA LEU J 48 -30.55 67.02 0.97
C LEU J 48 -31.27 66.25 -0.15
N SER J 49 -31.15 66.75 -1.40
CA SER J 49 -31.98 66.30 -2.52
C SER J 49 -31.56 64.99 -3.18
N THR J 50 -30.37 64.51 -2.85
CA THR J 50 -29.86 63.23 -3.37
C THR J 50 -28.94 62.56 -2.34
N PRO J 51 -28.77 61.24 -2.44
CA PRO J 51 -27.91 60.60 -1.42
C PRO J 51 -26.50 61.24 -1.29
N ASP J 52 -25.87 61.50 -2.42
CA ASP J 52 -24.53 62.09 -2.40
C ASP J 52 -24.49 63.47 -1.72
N ALA J 53 -25.51 64.29 -2.00
CA ALA J 53 -25.66 65.59 -1.33
C ALA J 53 -25.79 65.42 0.18
N VAL J 54 -26.59 64.45 0.62
CA VAL J 54 -26.80 64.18 2.08
C VAL J 54 -25.51 63.75 2.78
N MET J 55 -24.81 62.77 2.19
CA MET J 55 -23.55 62.27 2.77
C MET J 55 -22.41 63.28 2.72
N GLY J 56 -22.34 64.13 1.68
CA GLY J 56 -21.35 65.17 1.65
C GLY J 56 -21.75 66.51 2.26
N ASN J 57 -22.87 66.56 2.99
CA ASN J 57 -23.37 67.80 3.56
C ASN J 57 -22.64 68.12 4.86
N PRO J 58 -21.96 69.28 4.94
CA PRO J 58 -21.11 69.49 6.14
C PRO J 58 -21.87 69.63 7.47
N LYS J 59 -23.13 70.05 7.42
CA LYS J 59 -23.91 70.04 8.66
C LYS J 59 -24.37 68.66 9.08
N VAL J 60 -24.68 67.80 8.13
CA VAL J 60 -25.01 66.42 8.49
C VAL J 60 -23.80 65.82 9.23
N LYS J 61 -22.60 65.98 8.65
CA LYS J 61 -21.34 65.60 9.30
C LYS J 61 -21.18 66.21 10.67
N ALA J 62 -21.38 67.52 10.78
CA ALA J 62 -21.15 68.20 12.06
C ALA J 62 -22.18 67.78 13.11
N HIS J 63 -23.43 67.64 12.70
CA HIS J 63 -24.47 67.23 13.63
C HIS J 63 -24.29 65.78 13.99
N GLY J 64 -23.90 64.98 13.00
CA GLY J 64 -23.59 63.56 13.22
C GLY J 64 -22.56 63.34 14.32
N LYS J 65 -21.59 64.26 14.43
CA LYS J 65 -20.49 64.19 15.43
C LYS J 65 -21.10 64.35 16.83
N LYS J 66 -22.07 65.26 16.96
CA LYS J 66 -22.75 65.50 18.23
C LYS J 66 -23.66 64.32 18.64
N VAL J 67 -24.41 63.76 17.68
CA VAL J 67 -25.27 62.55 17.95
C VAL J 67 -24.39 61.37 18.44
N LEU J 68 -23.26 61.12 17.76
CA LEU J 68 -22.28 60.11 18.21
C LEU J 68 -21.69 60.35 19.56
N GLY J 69 -21.39 61.61 19.86
CA GLY J 69 -20.86 61.99 21.18
C GLY J 69 -21.79 61.67 22.33
N ALA J 70 -23.08 61.89 22.12
CA ALA J 70 -24.11 61.46 23.07
C ALA J 70 -24.20 59.93 23.20
N PHE J 71 -24.07 59.19 22.09
CA PHE J 71 -23.93 57.72 22.18
C PHE J 71 -22.73 57.31 23.06
N SER J 72 -21.60 57.97 22.90
CA SER J 72 -20.43 57.69 23.76
C SER J 72 -20.69 57.93 25.25
N ASP J 73 -21.36 59.05 25.56
CA ASP J 73 -21.80 59.33 26.95
C ASP J 73 -22.64 58.18 27.48
N GLY J 74 -23.50 57.68 26.62
CA GLY J 74 -24.32 56.52 26.94
C GLY J 74 -23.54 55.27 27.28
N LEU J 75 -22.54 54.96 26.45
CA LEU J 75 -21.63 53.81 26.69
C LEU J 75 -20.79 53.93 27.99
N ALA J 76 -20.43 55.15 28.36
CA ALA J 76 -19.72 55.41 29.63
C ALA J 76 -20.64 55.29 30.86
N HIS J 77 -21.96 55.40 30.67
CA HIS J 77 -22.93 55.43 31.77
C HIS J 77 -24.12 54.51 31.53
N LEU J 78 -23.88 53.23 31.25
CA LEU J 78 -24.98 52.31 30.93
C LEU J 78 -25.96 52.03 32.08
N ASP J 79 -25.47 52.11 33.33
CA ASP J 79 -26.36 52.04 34.49
C ASP J 79 -27.19 53.33 34.74
N ASN J 80 -27.05 54.38 33.92
CA ASN J 80 -27.81 55.64 34.10
C ASN J 80 -28.17 56.36 32.79
N LEU J 81 -28.75 55.64 31.85
CA LEU J 81 -29.09 56.20 30.56
C LEU J 81 -30.18 57.24 30.66
N LYS J 82 -31.18 56.98 31.49
CA LYS J 82 -32.33 57.90 31.65
C LYS J 82 -31.88 59.29 32.12
N GLY J 83 -31.02 59.31 33.14
CA GLY J 83 -30.38 60.53 33.60
C GLY J 83 -29.49 61.16 32.53
N THR J 84 -28.61 60.37 31.93
CA THR J 84 -27.66 60.89 30.94
C THR J 84 -28.38 61.60 29.78
N PHE J 85 -29.52 61.05 29.35
CA PHE J 85 -30.27 61.57 28.18
C PHE J 85 -31.46 62.48 28.52
N ALA J 86 -31.55 62.88 29.79
CA ALA J 86 -32.75 63.57 30.27
C ALA J 86 -32.97 64.92 29.55
N THR J 87 -31.92 65.71 29.36
CA THR J 87 -32.13 67.00 28.64
C THR J 87 -32.36 66.76 27.15
N LEU J 88 -31.69 65.78 26.56
CA LEU J 88 -31.99 65.44 25.16
C LEU J 88 -33.40 64.90 24.94
N SER J 89 -33.95 64.21 25.93
CA SER J 89 -35.32 63.70 25.86
C SER J 89 -36.29 64.89 25.85
N GLU J 90 -36.13 65.83 26.78
CA GLU J 90 -36.89 67.14 26.70
C GLU J 90 -36.80 67.80 25.33
N LEU J 91 -35.61 67.86 24.76
CA LEU J 91 -35.45 68.50 23.48
C LEU J 91 -36.19 67.77 22.40
N HIS J 92 -35.90 66.46 22.26
CA HIS J 92 -36.52 65.68 21.18
C HIS J 92 -38.05 65.52 21.38
N CYS J 93 -38.53 65.46 22.61
CA CYS J 93 -39.95 65.12 22.91
C CYS J 93 -40.81 66.34 23.06
N ASP J 94 -40.47 67.21 24.00
CA ASP J 94 -41.26 68.42 24.32
C ASP J 94 -41.07 69.52 23.27
N LYS J 95 -39.89 69.62 22.67
CA LYS J 95 -39.54 70.77 21.78
C LYS J 95 -39.66 70.41 20.29
N LEU J 96 -39.06 69.31 19.89
CA LEU J 96 -39.06 68.87 18.49
C LEU J 96 -40.17 67.92 18.12
N HIS J 97 -40.77 67.23 19.10
CA HIS J 97 -41.88 66.29 18.83
C HIS J 97 -41.50 65.20 17.80
N VAL J 98 -40.35 64.58 18.00
CA VAL J 98 -39.91 63.55 17.12
C VAL J 98 -40.64 62.28 17.54
N ASP J 99 -41.37 61.66 16.64
CA ASP J 99 -41.97 60.37 17.01
C ASP J 99 -40.87 59.41 17.43
N PRO J 100 -41.03 58.76 18.60
CA PRO J 100 -39.97 57.84 19.12
C PRO J 100 -39.62 56.60 18.32
N GLU J 101 -40.49 56.13 17.43
CA GLU J 101 -40.11 55.09 16.51
C GLU J 101 -38.86 55.52 15.74
N ASN J 102 -38.73 56.80 15.43
CA ASN J 102 -37.51 57.24 14.77
C ASN J 102 -36.20 57.05 15.54
N PHE J 103 -36.28 57.05 16.85
CA PHE J 103 -35.08 56.79 17.68
C PHE J 103 -34.60 55.37 17.46
N ARG J 104 -35.56 54.45 17.37
CA ARG J 104 -35.26 53.03 17.09
C ARG J 104 -34.64 52.89 15.72
N LEU J 105 -35.11 53.66 14.74
CA LEU J 105 -34.53 53.60 13.39
C LEU J 105 -33.09 54.07 13.32
N LEU J 106 -32.76 55.17 14.02
CA LEU J 106 -31.40 55.67 14.00
C LEU J 106 -30.46 54.70 14.67
N GLY J 107 -30.90 54.12 15.77
CA GLY J 107 -30.13 53.11 16.49
C GLY J 107 -29.75 51.94 15.58
N ASN J 108 -30.71 51.45 14.81
CA ASN J 108 -30.43 50.38 13.87
C ASN J 108 -29.58 50.75 12.65
N VAL J 109 -29.73 51.98 12.19
CA VAL J 109 -28.89 52.48 11.11
C VAL J 109 -27.45 52.55 11.59
N LEU J 110 -27.25 53.05 12.82
CA LEU J 110 -25.92 53.00 13.44
C LEU J 110 -25.38 51.59 13.50
N VAL J 111 -26.23 50.60 13.85
CA VAL J 111 -25.79 49.23 13.84
C VAL J 111 -25.40 48.81 12.43
N CYS J 112 -26.16 49.17 11.42
CA CYS J 112 -25.77 48.84 10.02
C CYS J 112 -24.44 49.48 9.63
N VAL J 113 -24.20 50.68 10.13
CA VAL J 113 -22.94 51.42 9.83
C VAL J 113 -21.71 50.81 10.52
N LEU J 114 -21.87 50.37 11.77
CA LEU J 114 -20.83 49.58 12.44
C LEU J 114 -20.52 48.28 11.68
N ALA J 115 -21.56 47.59 11.19
CA ALA J 115 -21.35 46.37 10.43
C ALA J 115 -20.64 46.63 9.15
N HIS J 116 -21.06 47.69 8.45
CA HIS J 116 -20.43 48.10 7.21
C HIS J 116 -18.92 48.31 7.37
N HIS J 117 -18.52 48.98 8.45
CA HIS J 117 -17.11 49.31 8.71
C HIS J 117 -16.28 48.18 9.24
N PHE J 118 -16.84 47.39 10.14
CA PHE J 118 -16.08 46.30 10.77
C PHE J 118 -16.23 44.93 10.13
N GLY J 119 -17.14 44.73 9.18
CA GLY J 119 -17.28 43.44 8.47
C GLY J 119 -17.35 42.24 9.40
N LYS J 120 -16.54 41.21 9.10
CA LYS J 120 -16.45 39.96 9.94
C LYS J 120 -16.23 40.19 11.46
N GLU J 121 -15.62 41.30 11.85
CA GLU J 121 -15.45 41.63 13.27
C GLU J 121 -16.76 41.99 14.00
N PHE J 122 -17.76 42.45 13.25
CA PHE J 122 -19.04 42.79 13.85
C PHE J 122 -19.86 41.47 13.90
N THR J 123 -19.44 40.59 14.80
CA THR J 123 -19.99 39.24 14.89
C THR J 123 -21.43 39.28 15.43
N PRO J 124 -22.15 38.17 15.28
CA PRO J 124 -23.48 38.18 15.91
C PRO J 124 -23.50 38.44 17.42
N PRO J 125 -22.59 37.85 18.21
CA PRO J 125 -22.66 38.23 19.66
C PRO J 125 -22.36 39.72 19.92
N VAL J 126 -21.49 40.32 19.10
CA VAL J 126 -21.17 41.74 19.23
C VAL J 126 -22.41 42.62 18.84
N GLN J 127 -23.09 42.26 17.74
CA GLN J 127 -24.32 42.90 17.39
C GLN J 127 -25.31 42.84 18.53
N ALA J 128 -25.46 41.66 19.13
CA ALA J 128 -26.45 41.45 20.19
C ALA J 128 -26.26 42.43 21.34
N ALA J 129 -25.01 42.65 21.68
CA ALA J 129 -24.64 43.59 22.75
C ALA J 129 -24.95 45.03 22.34
N TYR J 130 -24.55 45.43 21.14
CA TYR J 130 -24.93 46.73 20.60
C TYR J 130 -26.43 46.96 20.46
N GLN J 131 -27.19 45.91 20.17
CA GLN J 131 -28.64 46.08 20.13
C GLN J 131 -29.18 46.45 21.50
N LYS J 132 -28.62 45.87 22.57
CA LYS J 132 -29.10 46.25 23.91
C LYS J 132 -28.82 47.70 24.23
N VAL J 133 -27.68 48.19 23.75
CA VAL J 133 -27.25 49.53 23.97
C VAL J 133 -28.19 50.54 23.26
N VAL J 134 -28.42 50.32 21.97
CA VAL J 134 -29.22 51.28 21.18
C VAL J 134 -30.68 51.23 21.57
N ALA J 135 -31.21 50.08 21.92
CA ALA J 135 -32.53 50.01 22.56
C ALA J 135 -32.56 50.82 23.85
N GLY J 136 -31.48 50.74 24.66
CA GLY J 136 -31.45 51.49 25.89
C GLY J 136 -31.41 52.99 25.63
N VAL J 137 -30.65 53.41 24.62
CA VAL J 137 -30.59 54.80 24.24
C VAL J 137 -31.94 55.29 23.73
N ALA J 138 -32.56 54.54 22.83
CA ALA J 138 -33.85 54.94 22.30
C ALA J 138 -34.88 55.07 23.43
N ASN J 139 -34.92 54.09 24.31
CA ASN J 139 -35.89 54.14 25.43
C ASN J 139 -35.64 55.32 26.38
N ALA J 140 -34.37 55.66 26.59
CA ALA J 140 -34.01 56.82 27.41
C ALA J 140 -34.39 58.14 26.70
N LEU J 141 -34.14 58.26 25.40
CA LEU J 141 -34.59 59.45 24.66
C LEU J 141 -36.09 59.67 24.65
N ALA J 142 -36.82 58.58 24.73
CA ALA J 142 -38.30 58.62 24.76
C ALA J 142 -38.89 58.80 26.14
N HIS J 143 -38.06 58.86 27.18
CA HIS J 143 -38.52 58.99 28.60
C HIS J 143 -39.59 60.06 28.84
N LYS J 144 -39.52 61.21 28.18
CA LYS J 144 -40.57 62.23 28.33
C LYS J 144 -41.91 61.95 27.65
N TYR J 145 -42.04 60.88 26.87
CA TYR J 145 -43.34 60.37 26.44
C TYR J 145 -43.97 59.35 27.40
N HIS J 146 -43.21 58.82 28.37
CA HIS J 146 -43.71 57.87 29.39
C HIS J 146 -44.05 58.61 30.67
CHA HEM K . 9.98 -56.17 -1.75
CHB HEM K . 12.21 -55.20 -5.89
CHC HEM K . 11.05 -50.48 -5.26
CHD HEM K . 9.10 -51.47 -1.01
C1A HEM K . 10.66 -56.32 -2.92
C2A HEM K . 11.30 -57.52 -3.32
C3A HEM K . 11.90 -57.27 -4.50
C4A HEM K . 11.70 -55.89 -4.80
CMA HEM K . 12.71 -58.28 -5.30
CAA HEM K . 11.25 -58.86 -2.59
CBA HEM K . 10.11 -59.68 -3.21
CGA HEM K . 10.09 -61.14 -2.83
O1A HEM K . 10.89 -61.56 -1.97
O2A HEM K . 9.30 -61.90 -3.46
C1B HEM K . 12.09 -53.80 -6.07
C2B HEM K . 12.58 -53.08 -7.22
C3B HEM K . 12.28 -51.76 -7.07
C4B HEM K . 11.57 -51.67 -5.78
CMB HEM K . 13.36 -53.69 -8.35
CAB HEM K . 12.64 -50.58 -7.91
CBB HEM K . 13.57 -50.55 -8.86
C1C HEM K . 10.42 -50.33 -4.04
C2C HEM K . 10.06 -49.09 -3.45
C3C HEM K . 9.47 -49.37 -2.24
C4C HEM K . 9.53 -50.77 -2.09
CMC HEM K . 10.24 -47.70 -4.06
CAC HEM K . 9.04 -48.48 -1.16
CBC HEM K . 9.61 -47.29 -0.88
C1D HEM K . 9.22 -52.88 -0.90
C2D HEM K . 8.75 -53.59 0.29
C3D HEM K . 9.00 -54.89 0.06
C4D HEM K . 9.60 -54.95 -1.25
CMD HEM K . 8.11 -53.08 1.54
CAD HEM K . 8.69 -56.07 0.98
CBD HEM K . 9.87 -56.13 1.94
CGD HEM K . 9.88 -57.50 2.60
O1D HEM K . 9.50 -57.56 3.79
O2D HEM K . 10.24 -58.56 1.98
NA HEM K . 10.98 -55.31 -3.78
NB HEM K . 11.45 -52.93 -5.29
NC HEM K . 10.10 -51.31 -3.19
ND HEM K . 9.72 -53.73 -1.82
FE HEM K . 10.54 -53.36 -3.49
O1 OXY L . 12.21 -52.79 -2.56
O2 OXY L . 12.76 -51.95 -1.86
C1 FRU M . -6.74 -53.17 -7.47
C2 FRU M . -7.88 -52.14 -7.61
C3 FRU M . -8.87 -52.08 -6.45
C4 FRU M . -9.95 -51.21 -7.03
C5 FRU M . -9.93 -51.59 -8.52
C6 FRU M . -9.96 -50.38 -9.46
O2 FRU M . -7.33 -50.84 -7.89
O3 FRU M . -8.36 -51.51 -5.24
O4 FRU M . -11.17 -51.46 -6.38
O5 FRU M . -8.75 -52.41 -8.71
O6 FRU M . -8.68 -50.05 -10.06
CHA HEM N . 18.36 -18.49 -16.37
CHB HEM N . 19.46 -20.40 -12.14
CHC HEM N . 16.60 -24.17 -13.33
CHD HEM N . 15.86 -22.40 -17.76
C1A HEM N . 18.89 -18.67 -15.12
C2A HEM N . 19.81 -17.80 -14.50
C3A HEM N . 20.14 -18.36 -13.31
C4A HEM N . 19.42 -19.55 -13.22
CMA HEM N . 21.06 -17.79 -12.22
CAA HEM N . 20.38 -16.49 -15.04
CBA HEM N . 19.61 -15.26 -14.55
CGA HEM N . 20.00 -14.03 -15.37
O1A HEM N . 19.23 -12.99 -15.34
O2A HEM N . 21.08 -14.07 -16.07
C1B HEM N . 18.74 -21.64 -12.09
C2B HEM N . 18.73 -22.46 -10.96
C3B HEM N . 17.97 -23.53 -11.26
C4B HEM N . 17.44 -23.31 -12.63
CMB HEM N . 19.50 -22.25 -9.65
CAB HEM N . 17.70 -24.60 -10.25
CBB HEM N . 16.62 -25.36 -10.21
C1C HEM N . 16.18 -24.05 -14.64
C2C HEM N . 15.50 -25.04 -15.40
C3C HEM N . 15.30 -24.53 -16.66
C4C HEM N . 15.85 -23.23 -16.68
CMC HEM N . 15.09 -26.38 -14.86
CAC HEM N . 14.70 -25.10 -17.85
CBC HEM N . 14.39 -26.33 -18.02
C1D HEM N . 16.52 -21.16 -17.66
C2D HEM N . 16.51 -20.28 -18.84
C3D HEM N . 17.18 -19.19 -18.47
C4D HEM N . 17.62 -19.43 -17.07
CMD HEM N . 15.88 -20.46 -20.22
CAD HEM N . 17.43 -18.01 -19.41
CBD HEM N . 18.68 -18.33 -20.25
CGD HEM N . 18.82 -17.49 -21.53
O1D HEM N . 18.40 -17.87 -22.66
O2D HEM N . 19.37 -16.43 -21.48
NA HEM N . 18.67 -19.75 -14.34
NB HEM N . 17.94 -22.14 -13.02
NC HEM N . 16.39 -22.98 -15.46
ND HEM N . 17.17 -20.61 -16.61
FE HEM N . 17.52 -21.32 -14.89
O1 OXY O . 19.33 -21.91 -15.58
O2 OXY O . 18.90 -23.00 -15.74
CHA HEM P . 0.38 -31.95 -33.53
CHB HEM P . -1.77 -35.77 -31.61
CHC HEM P . -0.75 -34.02 -27.20
CHD HEM P . 1.13 -30.07 -29.18
C1A HEM P . -0.27 -33.14 -33.41
C2A HEM P . -0.70 -33.93 -34.50
C3A HEM P . -1.31 -35.02 -33.93
C4A HEM P . -1.28 -34.86 -32.54
CMA HEM P . -1.96 -36.21 -34.64
CAA HEM P . -0.41 -33.58 -35.96
CBA HEM P . -1.42 -33.88 -37.08
CGA HEM P . -0.90 -34.79 -38.19
O1A HEM P . 0.10 -34.40 -38.87
O2A HEM P . -1.45 -35.90 -38.47
C1B HEM P . -1.67 -35.63 -30.22
C2B HEM P . -2.16 -36.61 -29.29
C3B HEM P . -1.89 -36.14 -28.04
C4B HEM P . -1.20 -34.83 -28.24
CMB HEM P . -2.85 -37.92 -29.62
CAB HEM P . -2.19 -36.69 -26.69
CBB HEM P . -2.83 -37.79 -26.40
C1C HEM P . -0.12 -32.77 -27.31
C2C HEM P . 0.17 -31.87 -26.27
C3C HEM P . 0.69 -30.72 -26.83
C4C HEM P . 0.69 -30.95 -28.24
CMC HEM P . -0.01 -32.15 -24.80
CAC HEM P . 1.11 -29.47 -26.19
CBC HEM P . 0.55 -28.99 -25.10
C1D HEM P . 1.06 -30.30 -30.55
C2D HEM P . 1.57 -29.34 -31.52
C3D HEM P . 1.37 -29.86 -32.73
C4D HEM P . 0.73 -31.16 -32.46
CMD HEM P . 2.18 -27.99 -31.33
CAD HEM P . 1.71 -29.19 -34.06
CBD HEM P . 0.58 -28.22 -34.42
CGD HEM P . 0.89 -27.28 -35.57
O1D HEM P . 1.35 -26.13 -35.36
O2D HEM P . 0.64 -27.60 -36.77
NA HEM P . -0.62 -33.69 -32.23
NB HEM P . -1.09 -34.62 -29.54
NC HEM P . 0.18 -32.19 -28.49
ND HEM P . 0.58 -31.40 -31.15
FE HEM P . -0.21 -32.94 -30.38
O1 OXY Q . -1.90 -31.90 -30.16
O2 OXY Q . -2.17 -31.33 -29.11
C1 FRU R . 17.50 -35.76 -29.29
C2 FRU R . 18.30 -35.33 -28.02
C3 FRU R . 19.79 -35.00 -28.13
C4 FRU R . 20.32 -35.41 -26.77
C5 FRU R . 19.53 -36.69 -26.55
C6 FRU R . 19.40 -37.04 -25.09
O2 FRU R . 17.69 -34.12 -27.52
O3 FRU R . 20.04 -33.61 -28.26
O4 FRU R . 21.74 -35.57 -26.69
O5 FRU R . 18.23 -36.42 -27.06
O6 FRU R . 18.69 -38.26 -24.95
C1 GLC S . 3.24 -22.90 -37.62
C2 GLC S . 2.10 -23.76 -38.23
C3 GLC S . 2.74 -25.10 -38.68
C4 GLC S . 3.77 -24.72 -39.80
C5 GLC S . 4.95 -23.90 -39.18
C6 GLC S . 6.00 -23.41 -40.20
O1 GLC S . 3.59 -23.53 -36.39
O2 GLC S . 0.91 -24.01 -37.39
O3 GLC S . 1.67 -25.96 -39.15
O4 GLC S . 4.14 -25.84 -40.69
O5 GLC S . 4.47 -22.74 -38.45
O6 GLC S . 7.07 -22.65 -39.55
CHA HEM T . -8.60 -36.63 6.70
CHB HEM T . -9.72 -33.01 3.66
CHC HEM T . -6.79 -34.90 0.28
CHD HEM T . -5.93 -38.61 3.20
C1A HEM T . -9.15 -35.50 6.15
C2A HEM T . -10.15 -34.69 6.77
C3A HEM T . -10.46 -33.68 5.92
C4A HEM T . -9.66 -33.85 4.77
CMA HEM T . -11.45 -32.57 6.15
CAA HEM T . -10.75 -34.91 8.12
CBA HEM T . -10.03 -34.02 9.13
CGA HEM T . -10.44 -34.40 10.52
O1A HEM T . -9.64 -34.19 11.44
O2A HEM T . -11.58 -34.92 10.72
C1B HEM T . -9.00 -33.20 2.47
C2B HEM T . -9.07 -32.33 1.35
C3B HEM T . -8.30 -32.85 0.35
C4B HEM T . -7.69 -34.06 0.95
CMB HEM T . -9.90 -31.06 1.21
CAB HEM T . -8.06 -32.14 -0.94
CBB HEM T . -7.00 -32.23 -1.73
C1C HEM T . -6.29 -36.12 0.75
C2C HEM T . -5.62 -37.09 -0.05
C3C HEM T . -5.36 -38.16 0.81
C4C HEM T . -5.91 -37.81 2.10
CMC HEM T . -5.23 -36.93 -1.50
CAC HEM T . -4.69 -39.44 0.53
CBC HEM T . -4.33 -39.91 -0.64
C1D HEM T . -6.61 -38.33 4.38
C2D HEM T . -6.59 -39.27 5.52
C3D HEM T . -7.31 -38.71 6.49
C4D HEM T . -7.79 -37.44 5.95
CMD HEM T . -5.90 -40.61 5.63
CAD HEM T . -7.58 -39.31 7.85
CBD HEM T . -8.83 -40.18 7.61
CGD HEM T . -9.06 -41.19 8.69
O1D HEM T . -8.70 -42.39 8.53
O2D HEM T . -9.61 -40.78 9.72
NA HEM T . -8.88 -34.97 4.91
NB HEM T . -8.15 -34.17 2.20
NC HEM T . -6.51 -36.60 2.01
ND HEM T . -7.32 -37.23 4.69
FE HEM T . -7.70 -35.78 3.52
O1 OXY U . -9.22 -36.66 2.57
O2 OXY U . -9.55 -37.53 1.82
CHA HEM V . 18.74 31.81 -4.23
CHB HEM V . 21.24 30.75 -0.22
CHC HEM V . 19.18 26.39 -0.15
CHD HEM V . 17.24 27.21 -4.47
C1A HEM V . 19.56 31.92 -3.14
C2A HEM V . 20.43 33.03 -2.91
C3A HEM V . 21.15 32.72 -1.78
C4A HEM V . 20.73 31.43 -1.31
CMA HEM V . 22.19 33.59 -1.09
CAA HEM V . 20.51 34.29 -3.79
CBA HEM V . 20.63 35.65 -3.07
CGA HEM V . 19.71 36.69 -3.68
O1A HEM V . 19.43 36.65 -4.90
O2A HEM V . 19.21 37.58 -2.93
C1B HEM V . 20.88 29.47 0.15
C2B HEM V . 21.35 28.75 1.34
C3B HEM V . 20.78 27.51 1.38
C4B HEM V . 19.92 27.51 0.17
CMB HEM V . 22.32 29.23 2.39
CAB HEM V . 20.88 26.37 2.35
CBB HEM V . 21.64 26.30 3.46
C1C HEM V . 18.49 26.19 -1.31
C2C HEM V . 17.89 24.99 -1.72
C3C HEM V . 17.32 25.18 -2.94
C4C HEM V . 17.61 26.52 -3.31
CMC HEM V . 17.83 23.69 -0.92
CAC HEM V . 16.62 24.06 -3.58
CBC HEM V . 16.04 24.05 -4.78
C1D HEM V . 17.51 28.57 -4.70
C2D HEM V . 17.02 29.27 -5.91
C3D HEM V . 17.44 30.53 -5.86
C4D HEM V . 18.17 30.61 -4.59
CMD HEM V . 16.21 28.76 -7.08
CAD HEM V . 17.19 31.64 -6.90
CBD HEM V . 18.50 32.00 -7.65
CGD HEM V . 18.40 32.60 -9.06
O1D HEM V . 17.38 32.50 -9.80
O2D HEM V . 19.41 33.21 -9.50
NA HEM V . 19.81 30.95 -2.19
NB HEM V . 20.03 28.71 -0.47
NC HEM V . 18.34 27.10 -2.28
ND HEM V . 18.18 29.42 -3.91
FE HEM V . 19.08 29.10 -2.25
CHA HEM W . 21.06 -6.05 13.63
CHB HEM W . 21.99 -4.83 9.05
CHC HEM W . 20.22 -0.42 9.94
CHD HEM W . 19.39 -1.68 14.48
C1A HEM W . 21.46 -6.07 12.33
C2A HEM W . 22.15 -7.17 11.73
C3A HEM W . 22.43 -6.81 10.44
C4A HEM W . 21.90 -5.51 10.24
CMA HEM W . 23.15 -7.62 9.38
CAA HEM W . 22.55 -8.51 12.36
CBA HEM W . 21.81 -9.68 11.65
CGA HEM W . 22.02 -11.02 12.34
O1A HEM W . 23.18 -11.47 12.56
O2A HEM W . 21.01 -11.69 12.68
C1B HEM W . 21.61 -3.52 8.90
C2B HEM W . 21.78 -2.84 7.68
C3B HEM W . 21.27 -1.57 7.89
C4B HEM W . 20.80 -1.51 9.30
CMB HEM W . 22.34 -3.31 6.35
CAB HEM W . 21.23 -0.60 6.77
CBB HEM W . 20.39 0.38 6.72
C1C HEM W . 19.84 -0.35 11.28
C2C HEM W . 19.42 0.78 11.96
C3C HEM W . 19.18 0.41 13.30
C4C HEM W . 19.46 -0.96 13.34
CMC HEM W . 19.26 2.14 11.33
CAC HEM W . 18.75 1.16 14.53
CBC HEM W . 18.53 2.49 14.56
C1D HEM W . 19.83 -2.97 14.57
C2D HEM W . 19.77 -3.63 15.86
C3D HEM W . 20.23 -4.85 15.65
C4D HEM W . 20.55 -4.91 14.21
CMD HEM W . 19.26 -3.04 17.18
CAD HEM W . 20.35 -5.91 16.74
CBD HEM W . 21.62 -5.54 17.53
CGD HEM W . 21.81 -6.41 18.78
O1D HEM W . 21.51 -5.86 19.89
O2D HEM W . 22.26 -7.63 18.66
NA HEM W . 21.32 -5.07 11.38
NB HEM W . 20.99 -2.75 9.79
NC HEM W . 19.84 -1.40 12.15
ND HEM W . 20.23 -3.74 13.58
FE HEM W . 20.58 -3.27 11.77
O1 OXY X . 22.34 -2.74 12.20
O2 OXY X . 22.44 -1.78 12.93
C1 FRU Y . 8.81 -2.83 -3.38
C2 FRU Y . 8.31 -1.40 -3.55
C3 FRU Y . 7.49 -1.35 -4.85
C4 FRU Y . 8.48 -0.77 -5.85
C5 FRU Y . 9.82 -0.70 -5.14
C6 FRU Y . 10.76 0.34 -5.68
O2 FRU Y . 7.58 -1.00 -2.37
O3 FRU Y . 6.27 -0.60 -4.73
O4 FRU Y . 8.61 -1.61 -7.00
O5 FRU Y . 9.47 -0.56 -3.76
O6 FRU Y . 11.69 -0.26 -6.59
CHA HEM Z . 4.65 10.05 28.78
CHB HEM Z . 2.69 13.85 26.57
CHC HEM Z . 4.23 12.02 22.22
CHD HEM Z . 5.51 8.00 24.48
C1A HEM Z . 4.05 11.24 28.55
C2A HEM Z . 3.38 11.97 29.55
C3A HEM Z . 2.80 13.03 28.93
C4A HEM Z . 3.11 12.96 27.55
CMA HEM Z . 2.00 14.10 29.63
CAA HEM Z . 3.28 11.65 31.02
CBA HEM Z . 4.13 12.59 31.89
CGA HEM Z . 4.07 11.99 33.27
O1A HEM Z . 3.09 12.21 34.03
O2A HEM Z . 4.99 11.23 33.63
C1B HEM Z . 2.96 13.67 25.18
C2B HEM Z . 2.56 14.62 24.19
C3B HEM Z . 3.00 14.14 22.97
C4B HEM Z . 3.68 12.83 23.23
CMB HEM Z . 1.84 15.92 24.47
CAB HEM Z . 2.82 14.68 21.60
CBB HEM Z . 1.96 15.65 21.28
C1C HEM Z . 4.72 10.73 22.41
C2C HEM Z . 5.01 9.77 21.41
C3C HEM Z . 5.37 8.60 22.06
C4C HEM Z . 5.27 8.88 23.46
CMC HEM Z . 4.97 10.03 19.93
CAC HEM Z . 5.73 7.27 21.51
CBC HEM Z . 5.45 6.83 20.28
C1D HEM Z . 5.36 8.30 25.84
C2D HEM Z . 5.68 7.26 26.86
C3D HEM Z . 5.48 7.83 28.04
C4D HEM Z . 4.99 9.21 27.75
CMD HEM Z . 6.19 5.83 26.68
CAD HEM Z . 5.68 7.12 29.40
CBD HEM Z . 4.35 6.56 29.93
CGD HEM Z . 4.48 5.55 31.09
O1D HEM Z . 5.04 4.42 31.01
O2D HEM Z . 3.95 5.82 32.19
NA HEM Z . 3.84 11.82 27.32
NB HEM Z . 3.65 12.65 24.57
NC HEM Z . 4.86 10.14 23.64
ND HEM Z . 4.97 9.48 26.42
FE HEM Z . 4.35 10.99 25.54
O1 OXY AA . 2.16 9.20 24.53
O2 OXY AA . 2.14 10.27 25.11
CHA HEM BA . -2.02 14.80 -12.51
CHB HEM BA . -3.32 11.18 -9.60
CHC HEM BA . -0.48 13.06 -6.21
CHD HEM BA . 0.39 16.92 -8.87
C1A HEM BA . -2.60 13.66 -12.02
C2A HEM BA . -3.63 12.93 -12.68
C3A HEM BA . -4.01 11.92 -11.85
C4A HEM BA . -3.20 12.01 -10.69
CMA HEM BA . -5.07 10.87 -12.14
CAA HEM BA . -4.24 13.20 -14.04
CBA HEM BA . -4.05 12.06 -15.03
CGA HEM BA . -4.35 12.62 -16.39
O1A HEM BA . -5.48 13.09 -16.63
O2A HEM BA . -3.42 12.63 -17.26
C1B HEM BA . -2.65 11.38 -8.38
C2B HEM BA . -2.72 10.47 -7.28
C3B HEM BA . -1.92 10.98 -6.29
C4B HEM BA . -1.34 12.23 -6.87
CMB HEM BA . -3.54 9.19 -7.19
CAB HEM BA . -1.70 10.29 -4.98
CBB HEM BA . -0.76 10.56 -4.06
C1C HEM BA . -0.02 14.27 -6.62
C2C HEM BA . 0.63 15.17 -5.79
C3C HEM BA . 0.92 16.33 -6.52
C4C HEM BA . 0.40 16.09 -7.84
CMC HEM BA . 1.00 14.95 -4.34
CAC HEM BA . 1.63 17.42 -5.81
CBC HEM BA . 1.90 18.64 -6.24
C1D HEM BA . -0.22 16.60 -10.08
C2D HEM BA . -0.13 17.55 -11.22
C3D HEM BA . -0.82 16.96 -12.25
C4D HEM BA . -1.29 15.66 -11.72
CMD HEM BA . 0.55 18.91 -11.27
CAD HEM BA . -1.01 17.52 -13.68
CBD HEM BA . -2.47 17.78 -14.10
CGD HEM BA . -2.65 18.67 -15.30
O1D HEM BA . -3.82 18.92 -15.65
O2D HEM BA . -1.68 19.14 -15.95
NA HEM BA . -2.42 13.14 -10.77
NB HEM BA . -1.81 12.38 -8.10
NC HEM BA . -0.20 14.86 -7.83
ND HEM BA . -0.89 15.49 -10.44
FE HEM BA . -1.33 14.01 -9.34
CHA HEM CA . -40.72 29.24 7.37
CHB HEM CA . -39.32 32.70 4.40
CHC HEM CA . -39.69 35.77 8.08
CHD HEM CA . -40.85 32.28 11.12
C1A HEM CA . -40.31 29.90 6.25
C2A HEM CA . -40.03 29.32 4.97
C3A HEM CA . -39.63 30.31 4.15
C4A HEM CA . -39.67 31.49 4.91
CMA HEM CA . -39.21 30.20 2.69
CAA HEM CA . -40.12 27.88 4.52
CBA HEM CA . -41.19 27.70 3.43
CGA HEM CA . -41.28 26.28 2.96
O1A HEM CA . -41.66 26.09 1.76
O2A HEM CA . -40.99 25.31 3.73
C1B HEM CA . -39.30 33.84 5.16
C2B HEM CA . -38.96 35.09 4.61
C3B HEM CA . -39.04 35.99 5.65
C4B HEM CA . -39.48 35.21 6.83
CMB HEM CA . -38.57 35.33 3.17
CAB HEM CA . -38.78 37.46 5.69
CBB HEM CA . -38.38 38.18 4.64
C1C HEM CA . -40.01 35.10 9.23
C2C HEM CA . -40.01 35.65 10.51
C3C HEM CA . -40.37 34.66 11.40
C4C HEM CA . -40.56 33.50 10.61
CMC HEM CA . -39.74 37.10 10.88
CAC HEM CA . -40.45 34.66 12.88
CBC HEM CA . -39.75 35.42 13.70
C1D HEM CA . -40.88 31.18 10.27
C2D HEM CA . -41.18 29.86 10.84
C3D HEM CA . -41.17 29.02 9.80
C4D HEM CA . -40.86 29.82 8.60
CMD HEM CA . -41.50 29.53 12.27
CAD HEM CA . -41.43 27.52 9.90
CBD HEM CA . -40.32 26.82 10.67
CGD HEM CA . -40.57 25.33 10.62
O1D HEM CA . -41.03 24.80 11.67
O2D HEM CA . -40.33 24.69 9.56
NA HEM CA . -40.05 31.23 6.19
NB HEM CA . -39.62 33.96 6.44
NC HEM CA . -40.32 33.80 9.33
ND HEM CA . -40.70 31.12 8.93
FE HEM CA . -40.19 32.47 7.74
O1 OXY DA . -38.58 32.14 8.95
O2 OXY DA . -37.59 32.70 9.39
CHA HEM EA . -30.45 67.47 18.15
CHB HEM EA . -28.80 63.27 19.91
CHC HEM EA . -32.23 60.92 17.29
CHD HEM EA . -33.53 65.13 15.25
C1A HEM EA . -29.72 66.54 18.86
C2A HEM EA . -28.58 66.84 19.66
C3A HEM EA . -28.12 65.65 20.14
C4A HEM EA . -28.97 64.63 19.65
CMA HEM EA . -26.94 65.43 21.06
CAA HEM EA . -27.97 68.20 19.95
CBA HEM EA . -28.33 68.70 21.35
CGA HEM EA . -27.96 70.16 21.52
O1A HEM EA . -28.83 71.06 21.48
O2A HEM EA . -26.77 70.46 21.70
C1B HEM EA . -29.60 62.26 19.35
C2B HEM EA . -29.43 60.88 19.66
C3B HEM EA . -30.36 60.17 18.93
C4B HEM EA . -31.16 61.19 18.17
CMB HEM EA . -28.41 60.25 20.59
CAB HEM EA . -30.47 58.69 19.08
CBB HEM EA . -31.45 57.91 18.64
C1C HEM EA . -32.89 61.84 16.46
C2C HEM EA . -33.81 61.56 15.41
C3C HEM EA . -34.19 62.78 14.82
C4C HEM EA . -33.48 63.79 15.54
CMC HEM EA . -34.31 60.19 15.03
CAC HEM EA . -35.13 63.07 13.69
CBC HEM EA . -35.77 62.20 12.93
C1D HEM EA . -32.76 66.07 15.91
C2D HEM EA . -32.90 67.50 15.57
C3D HEM EA . -32.06 68.16 16.38
C4D HEM EA . -31.41 67.12 17.22
CMD HEM EA . -33.80 68.15 14.54
CAD HEM EA . -31.84 69.67 16.40
CBD HEM EA . -30.60 70.02 15.53
CGD HEM EA . -30.56 71.47 15.13
O1D HEM EA . -30.42 71.78 13.92
O2D HEM EA . -30.63 72.34 16.03
NA HEM EA . -29.92 65.18 18.83
NB HEM EA . -30.64 62.41 18.51
NC HEM EA . -32.67 63.20 16.48
ND HEM EA . -31.88 65.89 16.92
FE HEM EA . -31.28 64.24 17.68
O1 OXY FA . -30.69 64.22 15.77
O2 OXY FA . -29.84 63.83 15.01
#